data_5AQN
#
_entry.id   5AQN
#
_cell.length_a   233.290
_cell.length_b   41.030
_cell.length_c   205.250
_cell.angle_alpha   90.00
_cell.angle_beta   123.13
_cell.angle_gamma   90.00
#
_symmetry.space_group_name_H-M   'C 1 2 1'
#
loop_
_entity.id
_entity.type
_entity.pdbx_description
1 polymer 'HEAT SHOCK COGNATE 71 KDA PROTEIN'
2 polymer 'BAG FAMILY MOLECULAR CHAPERONE REGULATOR 1'
3 non-polymer BENZOFURO[3,2-D]PYRIMIDIN-4(3H)-ONE
4 non-polymer GLYCEROL
5 non-polymer 2-AMINO-2-HYDROXYMETHYL-PROPANE-1,3-DIOL
6 non-polymer 'DIMETHYL SULFOXIDE'
7 non-polymer 'CHLORIDE ION'
8 water water
#
loop_
_entity_poly.entity_id
_entity_poly.type
_entity_poly.pdbx_seq_one_letter_code
_entity_poly.pdbx_strand_id
1 'polypeptide(L)'
;GPLGSMSKGPAVGIDLGTTYSCVGVFQHGKVEIIANDQGNRTTPSYVAFTDTERLIGDAAKNQVAMNPTNTVFDAKRLIG
RRFDDAVVQSDMKHWPFMVVNDAGRPKVQVEYKGETKSFYPEEVSSMVLTKMKEIAEAYLGKTVTNAVVTVPAYFNDSQR
QATKDAGTIAGLNVLRIINEPTAAAIAYGLDKKVGAERNVLIFDLGGGTFDVSILTIEDGIFEVKSTAGDTHLGGEDFDN
RMVNHFIAEFKRKHKKDISENKRAVRRLRTACERAKRTLSSSTQASIEIDSLYEGIDFYTSITRARFEELNADLFRGTLD
PVEKALRDAKLDKSQIHDIVLVGGSTRIPKIQKLLQDFFNGKELNKSINPDEAVAYGAAVQAAILS
;
A,C,E
2 'polypeptide(L)'
;GPLGSNSPQEEVELKKLKHLEKSVEKIADQLEELNKELTGIQQGFLPKDLQAEALCKLDRRVKATIEQFMKILEEIDTLI
LPENFKDSRLKRKGLVKKVQAFLAECDTVEQNICQETE
;
B,D,F
#
loop_
_chem_comp.id
_chem_comp.type
_chem_comp.name
_chem_comp.formula
CL non-polymer 'CHLORIDE ION' 'Cl -1'
DMS non-polymer 'DIMETHYL SULFOXIDE' 'C2 H6 O S'
GOL non-polymer GLYCEROL 'C3 H8 O3'
JG8 non-polymer BENZOFURO[3,2-D]PYRIMIDIN-4(3H)-ONE 'C10 H6 N2 O2'
TRS non-polymer 2-AMINO-2-HYDROXYMETHYL-PROPANE-1,3-DIOL 'C4 H12 N O3 1'
#
# COMPACT_ATOMS: atom_id res chain seq x y z
N MET A 6 -0.66 44.89 43.79
CA MET A 6 -1.89 45.62 44.15
C MET A 6 -2.18 45.55 45.64
N SER A 7 -2.81 46.61 46.20
CA SER A 7 -3.21 46.68 47.61
C SER A 7 -4.42 45.74 47.89
N LYS A 8 -4.73 45.50 49.19
CA LYS A 8 -5.85 44.65 49.58
C LYS A 8 -7.17 45.34 49.26
N GLY A 9 -8.09 44.57 48.67
CA GLY A 9 -9.42 45.06 48.28
C GLY A 9 -10.53 44.65 49.23
N PRO A 10 -11.76 45.13 48.96
CA PRO A 10 -12.89 44.77 49.84
C PRO A 10 -13.47 43.37 49.53
N ALA A 11 -14.57 43.04 50.20
CA ALA A 11 -15.26 41.78 50.06
C ALA A 11 -16.34 41.99 48.99
N VAL A 12 -16.55 40.95 48.17
CA VAL A 12 -17.50 40.98 47.06
C VAL A 12 -18.63 39.99 47.25
N GLY A 13 -19.70 40.23 46.49
CA GLY A 13 -20.87 39.36 46.43
C GLY A 13 -20.90 38.65 45.09
N ILE A 14 -20.89 37.32 45.12
CA ILE A 14 -20.90 36.57 43.88
C ILE A 14 -22.13 35.68 43.77
N ASP A 15 -22.86 35.84 42.68
CA ASP A 15 -24.03 35.02 42.43
C ASP A 15 -23.54 33.99 41.44
N LEU A 16 -23.42 32.74 41.90
CA LEU A 16 -22.96 31.68 41.03
C LEU A 16 -24.19 31.07 40.42
N GLY A 17 -24.49 31.52 39.21
CA GLY A 17 -25.68 31.06 38.47
C GLY A 17 -25.45 29.84 37.62
N THR A 18 -26.54 29.27 37.11
CA THR A 18 -26.51 28.11 36.22
C THR A 18 -25.96 28.37 34.82
N THR A 19 -26.41 29.46 34.22
CA THR A 19 -26.06 29.89 32.88
C THR A 19 -25.17 31.15 32.86
N TYR A 20 -25.37 32.06 33.84
CA TYR A 20 -24.65 33.34 34.02
C TYR A 20 -24.32 33.57 35.46
N SER A 21 -23.15 34.14 35.72
CA SER A 21 -22.71 34.55 37.06
C SER A 21 -22.60 36.08 37.13
N CYS A 22 -22.66 36.64 38.33
CA CYS A 22 -22.70 38.08 38.53
C CYS A 22 -21.91 38.43 39.78
N VAL A 23 -21.11 39.48 39.72
CA VAL A 23 -20.27 39.93 40.85
C VAL A 23 -20.58 41.41 41.14
N GLY A 24 -20.68 41.72 42.42
CA GLY A 24 -20.98 43.05 42.94
C GLY A 24 -20.12 43.42 44.13
N VAL A 25 -19.91 44.72 44.34
CA VAL A 25 -19.11 45.25 45.45
C VAL A 25 -19.87 46.43 46.06
N PHE A 26 -19.94 46.46 47.40
CA PHE A 26 -20.55 47.57 48.11
C PHE A 26 -19.40 48.53 48.44
N GLN A 27 -19.51 49.76 47.96
CA GLN A 27 -18.52 50.82 48.15
C GLN A 27 -19.23 52.17 47.97
N HIS A 28 -18.79 53.16 48.74
CA HIS A 28 -19.38 54.50 48.68
C HIS A 28 -20.87 54.50 48.99
N GLY A 29 -21.26 53.67 49.96
CA GLY A 29 -22.66 53.56 50.37
C GLY A 29 -23.66 53.07 49.34
N LYS A 30 -23.19 52.33 48.32
CA LYS A 30 -24.04 51.78 47.27
C LYS A 30 -23.37 50.57 46.62
N VAL A 31 -24.20 49.64 46.09
CA VAL A 31 -23.74 48.44 45.40
C VAL A 31 -23.39 48.77 43.94
N GLU A 32 -22.21 48.33 43.51
CA GLU A 32 -21.82 48.51 42.14
C GLU A 32 -21.69 47.14 41.51
N ILE A 33 -22.54 46.85 40.51
CA ILE A 33 -22.44 45.58 39.81
C ILE A 33 -21.21 45.74 38.96
N ILE A 34 -20.39 44.71 38.86
CA ILE A 34 -19.16 44.83 38.09
C ILE A 34 -19.22 44.27 36.68
N ALA A 35 -18.95 45.11 35.70
CA ALA A 35 -18.93 44.70 34.31
C ALA A 35 -17.63 43.95 34.03
N ASN A 36 -17.68 42.96 33.14
CA ASN A 36 -16.49 42.20 32.80
C ASN A 36 -15.67 42.91 31.71
N ASP A 37 -14.62 42.26 31.23
CA ASP A 37 -13.76 42.86 30.21
C ASP A 37 -14.53 43.20 28.94
N GLN A 38 -15.51 42.38 28.59
CA GLN A 38 -16.33 42.59 27.39
C GLN A 38 -17.46 43.64 27.65
N GLY A 39 -17.43 44.23 28.85
CA GLY A 39 -18.36 45.26 29.30
C GLY A 39 -19.71 44.77 29.78
N ASN A 40 -19.87 43.45 29.95
CA ASN A 40 -21.11 42.84 30.41
C ASN A 40 -21.17 42.68 31.92
N ARG A 41 -22.30 43.07 32.49
CA ARG A 41 -22.54 42.96 33.92
C ARG A 41 -22.69 41.52 34.40
N THR A 42 -23.03 40.61 33.50
CA THR A 42 -23.14 39.19 33.82
C THR A 42 -22.23 38.40 32.89
N THR A 43 -21.70 37.29 33.38
CA THR A 43 -20.79 36.44 32.61
C THR A 43 -21.27 35.01 32.47
N PRO A 44 -21.29 34.45 31.26
CA PRO A 44 -21.74 33.06 31.11
C PRO A 44 -20.97 32.09 32.01
N SER A 45 -21.69 31.21 32.73
CA SER A 45 -21.09 30.19 33.60
C SER A 45 -20.63 29.05 32.67
N TYR A 46 -19.74 29.37 31.73
CA TYR A 46 -19.24 28.49 30.68
C TYR A 46 -17.75 28.34 30.74
N VAL A 47 -17.28 27.13 30.48
CA VAL A 47 -15.85 26.80 30.46
C VAL A 47 -15.65 25.98 29.19
N ALA A 48 -14.75 26.41 28.30
CA ALA A 48 -14.43 25.73 27.05
C ALA A 48 -13.00 25.23 27.03
N PHE A 49 -12.81 24.05 26.48
CA PHE A 49 -11.51 23.39 26.39
C PHE A 49 -11.23 23.19 24.95
N THR A 50 -10.15 23.81 24.46
CA THR A 50 -9.79 23.70 23.05
C THR A 50 -8.49 22.92 22.92
N ASP A 51 -7.89 22.98 21.73
CA ASP A 51 -6.63 22.34 21.40
C ASP A 51 -5.45 23.18 21.89
N THR A 52 -5.71 24.45 22.16
CA THR A 52 -4.67 25.37 22.62
C THR A 52 -4.87 26.03 23.99
N GLU A 53 -6.12 26.17 24.42
CA GLU A 53 -6.38 26.87 25.67
C GLU A 53 -7.71 26.58 26.37
N ARG A 54 -7.88 27.19 27.53
CA ARG A 54 -9.11 27.07 28.31
C ARG A 54 -9.79 28.44 28.31
N LEU A 55 -11.07 28.46 27.97
CA LEU A 55 -11.83 29.68 27.90
C LEU A 55 -12.91 29.74 28.96
N ILE A 56 -13.10 30.91 29.54
CA ILE A 56 -14.11 31.10 30.56
C ILE A 56 -15.00 32.27 30.18
N GLY A 57 -16.26 32.21 30.58
CA GLY A 57 -17.24 33.22 30.31
C GLY A 57 -17.63 33.51 28.87
N ASP A 58 -17.65 34.79 28.52
CA ASP A 58 -18.02 35.25 27.18
C ASP A 58 -17.26 34.55 26.05
N ALA A 59 -15.93 34.36 26.22
CA ALA A 59 -15.07 33.71 25.24
C ALA A 59 -15.42 32.25 25.01
N ALA A 60 -15.84 31.54 26.08
CA ALA A 60 -16.27 30.13 26.03
C ALA A 60 -17.63 30.01 25.36
N LYS A 61 -18.59 30.89 25.75
CA LYS A 61 -19.92 30.90 25.14
C LYS A 61 -19.89 31.24 23.63
N ASN A 62 -19.03 32.20 23.22
CA ASN A 62 -18.92 32.65 21.83
C ASN A 62 -18.45 31.58 20.86
N GLN A 63 -17.69 30.58 21.33
CA GLN A 63 -17.20 29.48 20.47
C GLN A 63 -17.93 28.14 20.68
N VAL A 64 -19.11 28.16 21.35
CA VAL A 64 -19.89 26.96 21.65
C VAL A 64 -20.37 26.24 20.37
N ALA A 65 -20.68 27.00 19.30
CA ALA A 65 -21.12 26.40 18.03
C ALA A 65 -19.99 25.64 17.35
N MET A 66 -18.73 26.09 17.54
CA MET A 66 -17.52 25.50 16.94
C MET A 66 -16.97 24.30 17.74
N ASN A 67 -17.21 24.31 19.04
CA ASN A 67 -16.70 23.28 19.95
C ASN A 67 -17.77 22.88 20.97
N PRO A 68 -18.88 22.33 20.53
CA PRO A 68 -19.97 21.96 21.45
C PRO A 68 -19.70 20.88 22.50
N THR A 69 -18.99 19.82 22.16
CA THR A 69 -18.69 18.74 23.10
C THR A 69 -17.71 19.09 24.22
N ASN A 70 -16.89 20.10 23.99
CA ASN A 70 -15.85 20.55 24.93
C ASN A 70 -16.11 21.88 25.64
N THR A 71 -17.32 22.40 25.48
CA THR A 71 -17.79 23.63 26.10
C THR A 71 -18.81 23.17 27.14
N VAL A 72 -18.37 23.26 28.42
CA VAL A 72 -19.12 22.89 29.63
C VAL A 72 -19.87 24.09 30.17
N PHE A 73 -21.11 23.87 30.56
CA PHE A 73 -22.04 24.82 31.15
C PHE A 73 -22.96 23.97 32.04
N ASP A 74 -23.83 24.58 32.82
CA ASP A 74 -24.75 23.82 33.69
C ASP A 74 -24.11 23.00 34.80
N ALA A 75 -22.90 23.37 35.22
CA ALA A 75 -22.20 22.64 36.30
C ALA A 75 -22.90 22.73 37.64
N LYS A 76 -23.76 23.77 37.81
CA LYS A 76 -24.58 23.99 39.01
C LYS A 76 -25.61 22.86 39.13
N ARG A 77 -26.08 22.34 37.99
CA ARG A 77 -27.04 21.25 37.91
C ARG A 77 -26.42 19.93 38.39
N LEU A 78 -25.05 19.82 38.33
CA LEU A 78 -24.28 18.63 38.75
C LEU A 78 -23.64 18.77 40.14
N ILE A 79 -23.28 19.99 40.55
CA ILE A 79 -22.58 20.28 41.79
C ILE A 79 -23.28 19.63 43.02
N GLY A 80 -22.49 18.91 43.82
CA GLY A 80 -22.92 18.24 45.04
C GLY A 80 -23.79 17.01 44.91
N ARG A 81 -24.08 16.58 43.67
CA ARG A 81 -24.94 15.44 43.35
C ARG A 81 -24.18 14.17 43.08
N ARG A 82 -24.81 13.02 43.35
CA ARG A 82 -24.28 11.69 43.04
C ARG A 82 -24.57 11.43 41.56
N PHE A 83 -23.72 10.64 40.88
CA PHE A 83 -23.91 10.30 39.48
C PHE A 83 -25.29 9.73 39.20
N ASP A 84 -25.78 8.82 40.07
CA ASP A 84 -27.05 8.11 39.86
C ASP A 84 -28.29 8.93 40.27
N ASP A 85 -28.08 10.23 40.58
CA ASP A 85 -29.16 11.16 40.94
C ASP A 85 -30.06 11.28 39.71
N ALA A 86 -31.39 11.20 39.93
CA ALA A 86 -32.39 11.30 38.88
C ALA A 86 -32.21 12.56 38.00
N VAL A 87 -31.74 13.66 38.62
CA VAL A 87 -31.50 14.97 37.97
C VAL A 87 -30.30 14.90 37.02
N VAL A 88 -29.17 14.30 37.49
CA VAL A 88 -27.98 14.08 36.69
C VAL A 88 -28.33 13.25 35.44
N GLN A 89 -29.08 12.16 35.62
CA GLN A 89 -29.42 11.24 34.54
C GLN A 89 -30.32 11.85 33.47
N SER A 90 -31.28 12.68 33.89
CA SER A 90 -32.25 13.34 33.02
C SER A 90 -31.61 14.51 32.26
N ASP A 91 -30.73 15.31 32.92
CA ASP A 91 -30.04 16.45 32.33
C ASP A 91 -29.02 16.02 31.30
N MET A 92 -28.28 14.92 31.58
CA MET A 92 -27.26 14.29 30.72
C MET A 92 -27.67 14.17 29.26
N LYS A 93 -28.92 13.82 29.01
CA LYS A 93 -29.45 13.63 27.67
C LYS A 93 -29.39 14.89 26.81
N HIS A 94 -29.61 16.03 27.43
CA HIS A 94 -29.63 17.31 26.73
C HIS A 94 -28.31 18.07 26.63
N TRP A 95 -27.21 17.51 27.14
CA TRP A 95 -25.92 18.19 27.09
C TRP A 95 -25.04 17.66 25.98
N PRO A 96 -24.35 18.55 25.26
CA PRO A 96 -23.45 18.10 24.18
C PRO A 96 -22.16 17.45 24.70
N PHE A 97 -21.77 17.79 25.96
CA PHE A 97 -20.57 17.32 26.63
C PHE A 97 -20.84 16.04 27.41
N MET A 98 -19.81 15.24 27.68
CA MET A 98 -19.94 13.97 28.36
C MET A 98 -19.92 14.12 29.86
N VAL A 99 -20.74 13.31 30.53
CA VAL A 99 -20.77 13.22 31.98
C VAL A 99 -20.44 11.77 32.28
N VAL A 100 -19.40 11.56 33.06
CA VAL A 100 -18.95 10.21 33.40
C VAL A 100 -19.06 9.93 34.90
N ASN A 101 -19.14 8.65 35.26
CA ASN A 101 -19.22 8.21 36.63
C ASN A 101 -17.84 7.89 37.15
N ASP A 102 -17.43 8.57 38.22
CA ASP A 102 -16.15 8.29 38.87
C ASP A 102 -16.42 7.98 40.36
N ALA A 103 -16.60 6.67 40.66
CA ALA A 103 -16.87 6.15 41.99
C ALA A 103 -18.15 6.77 42.63
N GLY A 104 -19.20 6.87 41.83
CA GLY A 104 -20.49 7.39 42.25
C GLY A 104 -20.66 8.88 42.08
N ARG A 105 -19.58 9.59 41.71
CA ARG A 105 -19.55 11.05 41.52
C ARG A 105 -19.56 11.41 40.04
N PRO A 106 -20.32 12.46 39.62
CA PRO A 106 -20.27 12.87 38.22
C PRO A 106 -19.01 13.69 37.94
N LYS A 107 -18.54 13.61 36.71
CA LYS A 107 -17.37 14.35 36.22
C LYS A 107 -17.67 14.69 34.78
N VAL A 108 -17.31 15.91 34.35
CA VAL A 108 -17.49 16.25 32.94
C VAL A 108 -16.24 15.78 32.19
N GLN A 109 -16.45 15.12 31.05
CA GLN A 109 -15.37 14.60 30.21
C GLN A 109 -15.27 15.35 28.88
N VAL A 110 -14.12 16.00 28.70
CA VAL A 110 -13.88 16.78 27.50
C VAL A 110 -12.48 16.51 26.97
N GLU A 111 -12.18 17.08 25.81
CA GLU A 111 -10.87 16.95 25.21
C GLU A 111 -10.19 18.30 25.40
N TYR A 112 -9.07 18.28 26.09
CA TYR A 112 -8.33 19.50 26.36
C TYR A 112 -6.91 19.36 25.84
N LYS A 113 -6.57 20.18 24.85
CA LYS A 113 -5.23 20.16 24.24
C LYS A 113 -4.88 18.75 23.67
N GLY A 114 -5.82 18.15 22.96
CA GLY A 114 -5.62 16.84 22.37
C GLY A 114 -5.82 15.62 23.26
N GLU A 115 -5.81 15.83 24.57
CA GLU A 115 -5.97 14.73 25.52
C GLU A 115 -7.36 14.66 26.15
N THR A 116 -7.75 13.49 26.62
CA THR A 116 -9.04 13.34 27.27
C THR A 116 -8.86 13.64 28.76
N LYS A 117 -9.59 14.66 29.28
CA LYS A 117 -9.52 15.09 30.67
C LYS A 117 -10.91 15.14 31.33
N SER A 118 -10.97 14.85 32.64
CA SER A 118 -12.21 14.89 33.42
C SER A 118 -12.08 15.87 34.57
N PHE A 119 -13.19 16.60 34.86
CA PHE A 119 -13.26 17.60 35.92
C PHE A 119 -14.48 17.42 36.78
N TYR A 120 -14.34 17.59 38.10
CA TYR A 120 -15.49 17.50 39.01
C TYR A 120 -16.32 18.76 38.83
N PRO A 121 -17.65 18.76 39.12
CA PRO A 121 -18.43 20.01 38.95
C PRO A 121 -17.87 21.22 39.72
N GLU A 122 -17.31 20.99 40.95
CA GLU A 122 -16.70 22.10 41.73
C GLU A 122 -15.44 22.65 41.11
N GLU A 123 -14.72 21.85 40.31
CA GLU A 123 -13.50 22.32 39.61
C GLU A 123 -13.91 23.27 38.48
N VAL A 124 -15.01 22.94 37.76
CA VAL A 124 -15.58 23.76 36.69
C VAL A 124 -16.11 25.07 37.29
N SER A 125 -16.83 24.98 38.42
CA SER A 125 -17.39 26.14 39.12
C SER A 125 -16.28 27.02 39.72
N SER A 126 -15.12 26.41 40.10
CA SER A 126 -13.95 27.15 40.60
C SER A 126 -13.34 28.00 39.49
N MET A 127 -13.38 27.53 38.22
CA MET A 127 -12.87 28.26 37.04
C MET A 127 -13.75 29.50 36.77
N VAL A 128 -15.08 29.36 36.94
CA VAL A 128 -16.07 30.44 36.82
C VAL A 128 -15.89 31.46 37.99
N LEU A 129 -15.64 30.96 39.22
CA LEU A 129 -15.43 31.83 40.38
C LEU A 129 -14.12 32.60 40.29
N THR A 130 -13.05 31.96 39.75
CA THR A 130 -11.74 32.57 39.48
C THR A 130 -11.95 33.77 38.56
N LYS A 131 -12.71 33.58 37.46
CA LYS A 131 -13.07 34.62 36.49
C LYS A 131 -13.84 35.77 37.17
N MET A 132 -14.81 35.46 38.06
CA MET A 132 -15.58 36.48 38.79
C MET A 132 -14.64 37.25 39.74
N LYS A 133 -13.68 36.54 40.39
CA LYS A 133 -12.67 37.12 41.27
C LYS A 133 -11.82 38.09 40.45
N GLU A 134 -11.42 37.67 39.23
CA GLU A 134 -10.59 38.48 38.32
C GLU A 134 -11.33 39.65 37.75
N ILE A 135 -12.63 39.51 37.47
CA ILE A 135 -13.51 40.59 36.96
C ILE A 135 -13.53 41.73 37.98
N ALA A 136 -13.65 41.39 39.27
CA ALA A 136 -13.66 42.31 40.40
C ALA A 136 -12.30 42.97 40.61
N GLU A 137 -11.20 42.20 40.55
CA GLU A 137 -9.82 42.71 40.69
C GLU A 137 -9.48 43.74 39.60
N ALA A 138 -9.93 43.48 38.35
CA ALA A 138 -9.69 44.36 37.17
C ALA A 138 -10.35 45.71 37.33
N TYR A 139 -11.55 45.73 37.90
CA TYR A 139 -12.31 46.94 38.14
C TYR A 139 -11.76 47.72 39.35
N LEU A 140 -11.54 47.03 40.47
CA LEU A 140 -11.11 47.63 41.71
C LEU A 140 -9.67 48.09 41.73
N GLY A 141 -8.81 47.38 41.00
CA GLY A 141 -7.37 47.63 40.96
C GLY A 141 -6.70 47.15 42.23
N LYS A 142 -7.38 46.27 42.96
CA LYS A 142 -6.97 45.72 44.24
C LYS A 142 -7.19 44.21 44.24
N THR A 143 -6.47 43.49 45.11
CA THR A 143 -6.62 42.04 45.23
C THR A 143 -7.90 41.71 46.01
N VAL A 144 -8.75 40.81 45.45
CA VAL A 144 -10.02 40.32 46.00
C VAL A 144 -9.87 38.87 46.50
N THR A 145 -10.15 38.64 47.79
CA THR A 145 -10.06 37.29 48.40
C THR A 145 -11.39 36.88 49.05
N ASN A 146 -12.01 37.81 49.78
CA ASN A 146 -13.22 37.55 50.53
C ASN A 146 -14.46 37.72 49.70
N ALA A 147 -15.37 36.76 49.79
CA ALA A 147 -16.60 36.85 49.04
C ALA A 147 -17.74 36.06 49.65
N VAL A 148 -18.95 36.44 49.31
CA VAL A 148 -20.12 35.75 49.76
C VAL A 148 -20.63 35.09 48.50
N VAL A 149 -20.85 33.78 48.56
CA VAL A 149 -21.32 33.05 47.40
C VAL A 149 -22.73 32.57 47.63
N THR A 150 -23.58 32.76 46.65
CA THR A 150 -24.98 32.37 46.78
C THR A 150 -25.27 30.99 46.20
N VAL A 151 -26.22 30.27 46.83
CA VAL A 151 -26.70 28.92 46.48
C VAL A 151 -28.25 28.94 46.54
N PRO A 152 -28.97 28.06 45.79
CA PRO A 152 -30.44 28.03 45.92
C PRO A 152 -30.83 27.49 47.30
N ALA A 153 -31.99 27.90 47.81
CA ALA A 153 -32.50 27.49 49.13
C ALA A 153 -32.69 25.97 49.28
N TYR A 154 -32.96 25.24 48.17
CA TYR A 154 -33.18 23.78 48.15
C TYR A 154 -31.86 22.97 48.12
N PHE A 155 -30.69 23.65 48.05
CA PHE A 155 -29.41 22.94 48.03
C PHE A 155 -29.23 22.18 49.31
N ASN A 156 -28.75 20.95 49.20
CA ASN A 156 -28.53 20.10 50.37
C ASN A 156 -27.10 20.33 50.95
N ASP A 157 -26.69 19.53 51.95
CA ASP A 157 -25.38 19.63 52.62
C ASP A 157 -24.21 19.45 51.64
N SER A 158 -24.34 18.47 50.75
CA SER A 158 -23.37 18.09 49.73
C SER A 158 -23.27 19.17 48.64
N GLN A 159 -24.40 19.72 48.21
CA GLN A 159 -24.47 20.75 47.18
C GLN A 159 -23.89 22.06 47.68
N ARG A 160 -24.12 22.39 48.96
CA ARG A 160 -23.58 23.57 49.62
C ARG A 160 -22.08 23.43 49.89
N GLN A 161 -21.61 22.24 50.27
CA GLN A 161 -20.18 22.01 50.53
C GLN A 161 -19.39 22.06 49.28
N ALA A 162 -19.90 21.41 48.20
CA ALA A 162 -19.30 21.41 46.88
C ALA A 162 -19.17 22.82 46.32
N THR A 163 -20.11 23.76 46.63
CA THR A 163 -20.04 25.16 46.22
C THR A 163 -18.96 25.88 47.04
N LYS A 164 -18.92 25.62 48.35
CA LYS A 164 -17.91 26.24 49.22
C LYS A 164 -16.51 25.77 48.77
N ASP A 165 -16.37 24.47 48.35
CA ASP A 165 -15.15 23.87 47.81
C ASP A 165 -14.72 24.59 46.53
N ALA A 166 -15.67 24.88 45.62
CA ALA A 166 -15.38 25.63 44.39
C ALA A 166 -14.73 26.98 44.74
N GLY A 167 -15.26 27.68 45.74
CA GLY A 167 -14.71 28.93 46.25
C GLY A 167 -13.29 28.78 46.73
N THR A 168 -13.03 27.78 47.59
CA THR A 168 -11.71 27.43 48.15
C THR A 168 -10.68 27.17 47.02
N ILE A 169 -11.02 26.29 46.06
CA ILE A 169 -10.19 25.94 44.91
C ILE A 169 -9.80 27.21 44.14
N ALA A 170 -10.73 28.17 44.01
CA ALA A 170 -10.57 29.43 43.27
C ALA A 170 -9.72 30.49 44.03
N GLY A 171 -9.24 30.14 45.21
CA GLY A 171 -8.45 31.03 46.06
C GLY A 171 -9.26 32.07 46.81
N LEU A 172 -10.55 31.78 47.00
CA LEU A 172 -11.50 32.66 47.70
C LEU A 172 -11.69 32.26 49.14
N ASN A 173 -11.92 33.27 49.97
CA ASN A 173 -12.23 33.06 51.36
C ASN A 173 -13.72 33.29 51.42
N VAL A 174 -14.47 32.21 51.49
CA VAL A 174 -15.93 32.24 51.52
C VAL A 174 -16.42 32.70 52.91
N LEU A 175 -16.77 34.00 53.01
CA LEU A 175 -17.28 34.64 54.22
C LEU A 175 -18.54 33.94 54.66
N ARG A 176 -19.45 33.70 53.73
CA ARG A 176 -20.67 32.97 54.02
C ARG A 176 -21.28 32.44 52.73
N ILE A 177 -22.09 31.39 52.87
CA ILE A 177 -22.79 30.82 51.75
C ILE A 177 -24.21 31.19 52.09
N ILE A 178 -24.88 31.94 51.23
CA ILE A 178 -26.24 32.35 51.53
C ILE A 178 -27.23 31.97 50.45
N ASN A 179 -28.46 31.80 50.86
CA ASN A 179 -29.52 31.40 49.97
C ASN A 179 -29.76 32.51 48.97
N GLU A 180 -30.05 32.14 47.73
CA GLU A 180 -30.36 33.12 46.69
C GLU A 180 -31.59 33.94 47.09
N PRO A 181 -32.71 33.35 47.63
CA PRO A 181 -33.85 34.20 48.03
C PRO A 181 -33.55 35.09 49.22
N THR A 182 -32.62 34.67 50.09
CA THR A 182 -32.22 35.46 51.25
C THR A 182 -31.43 36.66 50.72
N ALA A 183 -30.54 36.42 49.73
CA ALA A 183 -29.75 37.47 49.08
C ALA A 183 -30.65 38.52 48.44
N ALA A 184 -31.70 38.08 47.69
CA ALA A 184 -32.66 39.01 47.07
C ALA A 184 -33.42 39.86 48.10
N ALA A 185 -33.77 39.26 49.28
CA ALA A 185 -34.46 39.96 50.37
C ALA A 185 -33.55 41.01 50.98
N ILE A 186 -32.26 40.68 51.17
CA ILE A 186 -31.22 41.58 51.69
C ILE A 186 -31.06 42.81 50.77
N ALA A 187 -31.05 42.58 49.44
CA ALA A 187 -30.95 43.62 48.39
C ALA A 187 -32.00 44.71 48.54
N TYR A 188 -33.25 44.32 48.91
CA TYR A 188 -34.41 45.20 49.15
C TYR A 188 -34.57 45.69 50.57
N GLY A 189 -33.63 45.32 51.45
CA GLY A 189 -33.63 45.69 52.86
C GLY A 189 -34.88 45.25 53.59
N LEU A 190 -35.35 44.02 53.30
CA LEU A 190 -36.55 43.48 53.92
C LEU A 190 -36.29 43.01 55.38
N ASP A 191 -35.02 42.91 55.73
CA ASP A 191 -34.53 42.54 57.04
C ASP A 191 -34.30 43.74 57.96
N LYS A 192 -34.42 44.94 57.39
CA LYS A 192 -34.24 46.21 58.08
C LYS A 192 -35.58 46.91 58.37
N LYS A 193 -36.67 46.43 57.78
CA LYS A 193 -37.98 47.03 58.02
C LYS A 193 -38.43 46.79 59.46
N VAL A 194 -38.92 47.84 60.12
CA VAL A 194 -39.38 47.74 61.49
C VAL A 194 -40.72 47.03 61.60
N GLY A 195 -40.90 46.24 62.66
CA GLY A 195 -42.15 45.55 62.85
C GLY A 195 -42.07 44.09 63.27
N ALA A 196 -43.18 43.40 63.02
CA ALA A 196 -43.35 41.99 63.32
C ALA A 196 -42.66 41.17 62.25
N GLU A 197 -42.62 39.86 62.42
CA GLU A 197 -41.96 39.00 61.45
C GLU A 197 -42.64 39.16 60.10
N ARG A 198 -41.83 39.11 59.04
CA ARG A 198 -42.32 39.28 57.68
C ARG A 198 -42.23 38.01 56.85
N ASN A 199 -43.29 37.75 56.10
CA ASN A 199 -43.35 36.59 55.22
C ASN A 199 -43.08 37.12 53.83
N VAL A 200 -42.04 36.58 53.21
CA VAL A 200 -41.59 37.02 51.91
C VAL A 200 -41.61 35.94 50.85
N LEU A 201 -42.15 36.27 49.70
CA LEU A 201 -42.18 35.32 48.60
C LEU A 201 -41.25 35.84 47.53
N ILE A 202 -40.35 34.98 47.10
CA ILE A 202 -39.38 35.33 46.08
C ILE A 202 -39.80 34.59 44.82
N PHE A 203 -39.92 35.34 43.75
CA PHE A 203 -40.34 34.82 42.46
C PHE A 203 -39.14 34.93 41.52
N ASP A 204 -38.35 33.85 41.44
CA ASP A 204 -37.13 33.79 40.64
C ASP A 204 -37.33 33.03 39.31
N LEU A 205 -37.48 33.79 38.22
CA LEU A 205 -37.67 33.23 36.87
C LEU A 205 -36.58 33.75 35.91
N GLY A 206 -35.52 32.98 35.81
CA GLY A 206 -34.37 33.34 34.99
C GLY A 206 -33.22 32.38 35.16
N GLY A 207 -32.33 32.35 34.17
CA GLY A 207 -31.19 31.44 34.15
C GLY A 207 -31.58 29.99 33.96
N GLY A 208 -32.61 29.73 33.14
CA GLY A 208 -33.15 28.41 32.79
C GLY A 208 -33.92 27.61 33.84
N THR A 209 -34.00 28.15 35.07
CA THR A 209 -34.70 27.55 36.22
C THR A 209 -35.80 28.52 36.72
N PHE A 210 -36.78 27.96 37.42
CA PHE A 210 -37.84 28.74 38.02
C PHE A 210 -37.88 28.36 39.49
N ASP A 211 -37.68 29.33 40.37
CA ASP A 211 -37.68 29.06 41.80
C ASP A 211 -38.59 29.97 42.59
N VAL A 212 -39.45 29.38 43.40
CA VAL A 212 -40.34 30.14 44.26
C VAL A 212 -39.98 29.77 45.68
N SER A 213 -39.64 30.76 46.48
CA SER A 213 -39.27 30.53 47.88
C SER A 213 -40.06 31.43 48.80
N ILE A 214 -40.35 30.94 50.00
CA ILE A 214 -41.05 31.73 51.00
C ILE A 214 -40.14 31.82 52.21
N LEU A 215 -39.92 33.03 52.70
CA LEU A 215 -39.06 33.23 53.83
C LEU A 215 -39.74 34.01 54.92
N THR A 216 -39.28 33.79 56.13
CA THR A 216 -39.82 34.49 57.28
C THR A 216 -38.64 35.22 57.91
N ILE A 217 -38.82 36.50 58.16
CA ILE A 217 -37.79 37.31 58.77
C ILE A 217 -38.31 37.94 60.05
N GLU A 218 -37.66 37.62 61.14
CA GLU A 218 -37.95 38.15 62.47
C GLU A 218 -36.62 38.62 63.09
N ASP A 219 -36.52 39.91 63.42
CA ASP A 219 -35.31 40.55 63.97
C ASP A 219 -34.02 40.25 63.15
N GLY A 220 -34.12 40.33 61.83
CA GLY A 220 -32.98 40.08 60.98
C GLY A 220 -32.58 38.64 60.85
N ILE A 221 -33.47 37.74 61.25
CA ILE A 221 -33.21 36.31 61.17
C ILE A 221 -34.06 35.72 60.07
N PHE A 222 -33.43 34.93 59.22
CA PHE A 222 -34.12 34.32 58.10
C PHE A 222 -34.42 32.85 58.26
N GLU A 223 -35.63 32.48 57.87
CA GLU A 223 -36.06 31.09 57.92
C GLU A 223 -36.74 30.74 56.59
N VAL A 224 -36.32 29.63 55.95
CA VAL A 224 -36.93 29.17 54.71
C VAL A 224 -38.14 28.34 55.13
N LYS A 225 -39.34 28.81 54.77
CA LYS A 225 -40.59 28.13 55.12
C LYS A 225 -41.01 27.08 54.08
N SER A 226 -40.68 27.32 52.79
CA SER A 226 -40.97 26.41 51.66
C SER A 226 -40.26 26.85 50.38
N THR A 227 -40.02 25.89 49.47
CA THR A 227 -39.41 26.07 48.15
C THR A 227 -40.20 25.25 47.12
N ALA A 228 -40.47 25.84 45.95
CA ALA A 228 -41.21 25.21 44.85
C ALA A 228 -40.68 25.74 43.53
N GLY A 229 -41.19 25.21 42.41
CA GLY A 229 -40.77 25.67 41.08
C GLY A 229 -40.67 24.62 40.01
N ASP A 230 -40.07 25.01 38.89
CA ASP A 230 -39.86 24.17 37.73
C ASP A 230 -38.36 24.23 37.42
N THR A 231 -37.71 23.07 37.37
CA THR A 231 -36.28 23.01 37.12
C THR A 231 -35.82 23.55 35.78
N HIS A 232 -36.61 23.31 34.74
CA HIS A 232 -36.24 23.74 33.40
C HIS A 232 -37.11 24.81 32.72
N LEU A 233 -37.70 25.72 33.50
CA LEU A 233 -38.56 26.75 32.92
C LEU A 233 -37.82 28.06 32.93
N GLY A 234 -37.79 28.70 31.78
CA GLY A 234 -37.14 29.99 31.63
C GLY A 234 -37.49 30.63 30.32
N GLY A 235 -36.76 31.69 30.00
CA GLY A 235 -36.93 32.49 28.80
C GLY A 235 -36.83 31.74 27.49
N GLU A 236 -35.99 30.69 27.42
CA GLU A 236 -35.80 29.89 26.22
C GLU A 236 -37.09 29.24 25.75
N ASP A 237 -37.94 28.84 26.70
CA ASP A 237 -39.26 28.24 26.45
C ASP A 237 -40.18 29.25 25.79
N PHE A 238 -40.04 30.55 26.15
CA PHE A 238 -40.85 31.62 25.58
C PHE A 238 -40.40 31.95 24.17
N ASP A 239 -39.10 31.73 23.90
CA ASP A 239 -38.47 31.95 22.60
C ASP A 239 -38.90 30.91 21.61
N ASN A 240 -38.97 29.61 22.05
CA ASN A 240 -39.38 28.46 21.23
C ASN A 240 -40.79 28.67 20.70
N ARG A 241 -41.68 29.17 21.53
CA ARG A 241 -43.05 29.43 21.13
C ARG A 241 -43.06 30.50 20.05
N MET A 242 -42.23 31.52 20.22
CA MET A 242 -42.13 32.58 19.23
C MET A 242 -41.57 32.05 17.93
N VAL A 243 -40.55 31.21 18.01
CA VAL A 243 -39.93 30.63 16.83
C VAL A 243 -40.93 29.75 16.07
N ASN A 244 -41.66 28.93 16.80
CA ASN A 244 -42.70 28.06 16.24
C ASN A 244 -43.76 28.88 15.55
N HIS A 245 -44.13 30.00 16.15
CA HIS A 245 -45.13 30.88 15.57
C HIS A 245 -44.63 31.43 14.24
N PHE A 246 -43.38 31.83 14.22
CA PHE A 246 -42.78 32.36 13.00
C PHE A 246 -42.60 31.33 11.89
N ILE A 247 -42.23 30.10 12.26
CA ILE A 247 -42.06 29.04 11.29
C ILE A 247 -43.40 28.74 10.62
N ALA A 248 -44.44 28.69 11.45
CA ALA A 248 -45.83 28.48 11.02
C ALA A 248 -46.27 29.61 10.06
N GLU A 249 -45.91 30.87 10.41
CA GLU A 249 -46.18 32.07 9.64
C GLU A 249 -45.47 32.03 8.28
N PHE A 250 -44.15 31.68 8.24
CA PHE A 250 -43.38 31.57 6.98
C PHE A 250 -43.99 30.47 6.09
N LYS A 251 -44.50 29.38 6.68
CA LYS A 251 -45.18 28.32 5.95
C LYS A 251 -46.50 28.85 5.36
N ARG A 252 -47.31 29.58 6.14
CA ARG A 252 -48.59 30.15 5.68
C ARG A 252 -48.38 31.12 4.53
N LYS A 253 -47.40 32.02 4.67
CA LYS A 253 -47.06 33.07 3.69
C LYS A 253 -46.28 32.59 2.47
N HIS A 254 -45.22 31.82 2.66
CA HIS A 254 -44.42 31.35 1.53
C HIS A 254 -44.47 29.88 1.16
N LYS A 255 -45.27 29.11 1.87
CA LYS A 255 -45.44 27.67 1.65
C LYS A 255 -44.09 26.92 1.63
N LYS A 256 -43.15 27.36 2.50
CA LYS A 256 -41.80 26.79 2.71
C LYS A 256 -41.50 26.52 4.17
N ASP A 257 -40.81 25.39 4.43
CA ASP A 257 -40.40 24.93 5.76
C ASP A 257 -38.94 25.27 6.05
N ILE A 258 -38.69 26.22 6.96
CA ILE A 258 -37.31 26.65 7.28
C ILE A 258 -36.64 25.84 8.40
N SER A 259 -37.44 25.05 9.13
CA SER A 259 -37.06 24.29 10.31
C SER A 259 -35.93 23.28 10.08
N GLU A 260 -35.73 22.75 8.87
CA GLU A 260 -34.60 21.83 8.73
C GLU A 260 -33.29 22.57 8.34
N ASN A 261 -33.36 23.90 8.16
CA ASN A 261 -32.18 24.72 7.90
C ASN A 261 -31.74 25.35 9.25
N LYS A 262 -30.68 24.80 9.88
CA LYS A 262 -30.21 25.23 11.21
C LYS A 262 -29.83 26.74 11.28
N ARG A 263 -29.24 27.27 10.19
CA ARG A 263 -28.82 28.67 10.10
C ARG A 263 -29.99 29.64 10.01
N ALA A 264 -31.10 29.24 9.33
CA ALA A 264 -32.32 30.06 9.20
C ALA A 264 -33.01 30.11 10.53
N VAL A 265 -33.13 28.93 11.18
CA VAL A 265 -33.73 28.78 12.52
C VAL A 265 -32.95 29.59 13.56
N ARG A 266 -31.60 29.54 13.51
CA ARG A 266 -30.78 30.34 14.42
C ARG A 266 -31.02 31.84 14.23
N ARG A 267 -31.07 32.29 12.96
CA ARG A 267 -31.24 33.72 12.63
C ARG A 267 -32.58 34.16 13.17
N LEU A 268 -33.61 33.34 12.94
CA LEU A 268 -34.95 33.62 13.44
C LEU A 268 -35.00 33.63 14.98
N ARG A 269 -34.40 32.62 15.65
CA ARG A 269 -34.35 32.49 17.11
C ARG A 269 -33.73 33.70 17.78
N THR A 270 -32.61 34.16 17.25
CA THR A 270 -31.86 35.32 17.76
C THR A 270 -32.70 36.60 17.65
N ALA A 271 -33.45 36.72 16.55
CA ALA A 271 -34.32 37.85 16.29
C ALA A 271 -35.49 37.81 17.28
N CYS A 272 -35.98 36.58 17.62
CA CYS A 272 -37.06 36.35 18.60
C CYS A 272 -36.65 36.72 20.01
N GLU A 273 -35.45 36.31 20.45
CA GLU A 273 -34.90 36.67 21.78
C GLU A 273 -34.86 38.18 21.93
N ARG A 274 -34.44 38.91 20.88
CA ARG A 274 -34.35 40.37 20.88
C ARG A 274 -35.75 41.03 20.89
N ALA A 275 -36.70 40.47 20.12
CA ALA A 275 -38.09 40.92 20.02
C ALA A 275 -38.83 40.74 21.35
N LYS A 276 -38.57 39.63 22.05
CA LYS A 276 -39.13 39.34 23.37
C LYS A 276 -38.74 40.46 24.35
N ARG A 277 -37.45 40.82 24.41
CA ARG A 277 -36.90 41.89 25.28
C ARG A 277 -37.58 43.24 25.03
N THR A 278 -37.78 43.59 23.74
CA THR A 278 -38.44 44.81 23.25
C THR A 278 -39.91 44.85 23.73
N LEU A 279 -40.59 43.69 23.69
CA LEU A 279 -41.99 43.55 24.11
C LEU A 279 -42.21 43.71 25.62
N SER A 280 -41.15 43.86 26.38
CA SER A 280 -41.25 44.08 27.80
C SER A 280 -41.39 45.56 28.07
N SER A 281 -41.05 46.37 27.08
CA SER A 281 -41.16 47.82 27.19
C SER A 281 -42.00 48.46 26.08
N SER A 282 -42.33 47.67 25.06
CA SER A 282 -43.12 48.13 23.93
C SER A 282 -44.25 47.16 23.65
N THR A 283 -45.29 47.62 22.97
CA THR A 283 -46.44 46.76 22.68
C THR A 283 -46.31 46.03 21.34
N GLN A 284 -45.27 46.35 20.56
CA GLN A 284 -45.02 45.74 19.25
C GLN A 284 -43.50 45.66 18.99
N ALA A 285 -43.05 44.57 18.36
CA ALA A 285 -41.65 44.38 17.99
C ALA A 285 -41.60 44.03 16.52
N SER A 286 -40.77 44.77 15.76
CA SER A 286 -40.58 44.52 14.34
C SER A 286 -39.31 43.73 14.06
N ILE A 287 -39.36 42.87 13.02
CA ILE A 287 -38.24 42.03 12.61
C ILE A 287 -38.08 42.13 11.09
N GLU A 288 -36.84 42.39 10.63
CA GLU A 288 -36.48 42.39 9.22
C GLU A 288 -35.26 41.47 8.99
N ILE A 289 -35.50 40.28 8.41
CA ILE A 289 -34.43 39.32 8.10
C ILE A 289 -34.33 39.12 6.58
N ASP A 290 -33.27 39.63 5.97
CA ASP A 290 -33.05 39.46 4.53
C ASP A 290 -32.59 38.06 4.17
N SER A 291 -33.12 37.54 3.05
CA SER A 291 -32.78 36.23 2.51
C SER A 291 -32.68 35.19 3.64
N LEU A 292 -33.77 35.03 4.43
CA LEU A 292 -33.83 34.08 5.54
C LEU A 292 -33.71 32.61 5.05
N TYR A 293 -34.47 32.29 4.00
CA TYR A 293 -34.57 30.94 3.44
C TYR A 293 -34.99 31.04 2.02
N GLU A 294 -34.21 30.40 1.15
CA GLU A 294 -34.40 30.33 -0.31
C GLU A 294 -34.58 31.74 -0.93
N GLY A 295 -33.76 32.69 -0.44
CA GLY A 295 -33.74 34.08 -0.88
C GLY A 295 -34.85 34.97 -0.37
N ILE A 296 -35.84 34.37 0.29
CA ILE A 296 -37.04 35.07 0.80
C ILE A 296 -36.74 35.95 2.01
N ASP A 297 -37.03 37.26 1.87
CA ASP A 297 -36.88 38.22 2.94
C ASP A 297 -38.06 38.06 3.90
N PHE A 298 -37.76 37.99 5.22
CA PHE A 298 -38.76 37.82 6.25
C PHE A 298 -38.93 39.12 7.09
N TYR A 299 -39.88 39.96 6.65
CA TYR A 299 -40.19 41.23 7.29
C TYR A 299 -41.51 41.00 7.96
N THR A 300 -41.46 40.96 9.31
CA THR A 300 -42.59 40.65 10.16
C THR A 300 -42.64 41.53 11.39
N SER A 301 -43.65 41.30 12.24
CA SER A 301 -43.86 41.99 13.50
C SER A 301 -44.70 41.11 14.44
N ILE A 302 -44.52 41.32 15.77
CA ILE A 302 -45.28 40.61 16.81
C ILE A 302 -45.75 41.62 17.86
N THR A 303 -47.04 41.55 18.26
CA THR A 303 -47.55 42.41 19.33
C THR A 303 -47.32 41.73 20.68
N ARG A 304 -47.32 42.50 21.77
CA ARG A 304 -47.17 41.99 23.14
C ARG A 304 -48.32 41.00 23.44
N ALA A 305 -49.54 41.29 22.96
CA ALA A 305 -50.70 40.42 23.09
C ALA A 305 -50.49 39.09 22.34
N ARG A 306 -49.85 39.09 21.18
CA ARG A 306 -49.57 37.85 20.48
C ARG A 306 -48.56 36.95 21.23
N PHE A 307 -47.52 37.56 21.78
CA PHE A 307 -46.46 36.90 22.54
C PHE A 307 -47.02 36.25 23.82
N GLU A 308 -47.91 36.97 24.50
CA GLU A 308 -48.64 36.56 25.71
C GLU A 308 -49.55 35.39 25.43
N GLU A 309 -50.23 35.40 24.28
CA GLU A 309 -51.13 34.34 23.89
C GLU A 309 -50.38 33.06 23.61
N LEU A 310 -49.30 33.13 22.81
CA LEU A 310 -48.44 31.98 22.48
C LEU A 310 -47.86 31.30 23.72
N ASN A 311 -47.69 32.07 24.81
CA ASN A 311 -47.07 31.65 26.07
C ASN A 311 -48.03 31.60 27.25
N ALA A 312 -49.35 31.79 26.98
CA ALA A 312 -50.42 31.82 28.00
C ALA A 312 -50.34 30.72 29.05
N ASP A 313 -50.12 29.46 28.63
CA ASP A 313 -50.07 28.30 29.55
C ASP A 313 -48.81 28.34 30.43
N LEU A 314 -47.67 28.65 29.83
CA LEU A 314 -46.44 28.74 30.57
C LEU A 314 -46.49 29.88 31.57
N PHE A 315 -47.03 31.01 31.18
CA PHE A 315 -47.14 32.16 32.08
C PHE A 315 -48.09 31.89 33.24
N ARG A 316 -49.22 31.27 32.93
CA ARG A 316 -50.23 30.94 33.94
C ARG A 316 -49.70 29.92 34.94
N GLY A 317 -48.97 28.96 34.39
CA GLY A 317 -48.37 27.86 35.15
C GLY A 317 -47.36 28.29 36.20
N THR A 318 -46.92 29.56 36.15
CA THR A 318 -45.97 30.10 37.13
C THR A 318 -46.62 30.25 38.53
N LEU A 319 -47.97 30.34 38.56
CA LEU A 319 -48.73 30.50 39.81
C LEU A 319 -48.93 29.20 40.55
N ASP A 320 -48.83 28.06 39.86
CA ASP A 320 -48.99 26.77 40.55
C ASP A 320 -47.91 26.58 41.61
N PRO A 321 -46.67 26.88 41.28
CA PRO A 321 -45.57 26.76 42.24
C PRO A 321 -45.77 27.71 43.42
N VAL A 322 -46.37 28.87 43.17
CA VAL A 322 -46.63 29.84 44.22
C VAL A 322 -47.65 29.28 45.21
N GLU A 323 -48.68 28.64 44.68
CA GLU A 323 -49.75 28.02 45.46
C GLU A 323 -49.19 26.87 46.29
N LYS A 324 -48.34 26.02 45.66
CA LYS A 324 -47.68 24.87 46.30
C LYS A 324 -46.78 25.33 47.44
N ALA A 325 -46.00 26.42 47.22
CA ALA A 325 -45.13 27.04 48.24
C ALA A 325 -45.96 27.59 49.42
N LEU A 326 -47.10 28.27 49.15
CA LEU A 326 -48.02 28.78 50.19
C LEU A 326 -48.61 27.66 51.02
N ARG A 327 -48.99 26.53 50.39
CA ARG A 327 -49.50 25.32 51.06
C ARG A 327 -48.46 24.77 52.03
N ASP A 328 -47.24 24.48 51.53
CA ASP A 328 -46.12 23.95 52.30
C ASP A 328 -45.66 24.84 53.46
N ALA A 329 -45.75 26.16 53.29
CA ALA A 329 -45.36 27.15 54.30
C ALA A 329 -46.48 27.39 55.30
N LYS A 330 -47.65 26.71 55.11
CA LYS A 330 -48.87 26.81 55.92
C LYS A 330 -49.40 28.26 55.98
N LEU A 331 -49.22 29.01 54.87
CA LEU A 331 -49.61 30.41 54.73
C LEU A 331 -50.67 30.66 53.66
N ASP A 332 -51.52 31.66 53.92
CA ASP A 332 -52.52 32.15 52.99
C ASP A 332 -51.82 33.28 52.22
N LYS A 333 -52.22 33.54 50.97
CA LYS A 333 -51.61 34.57 50.12
C LYS A 333 -51.68 35.98 50.76
N SER A 334 -52.68 36.21 51.65
CA SER A 334 -52.88 37.47 52.39
C SER A 334 -51.80 37.68 53.49
N GLN A 335 -51.09 36.60 53.87
CA GLN A 335 -50.05 36.58 54.92
C GLN A 335 -48.68 36.95 54.39
N ILE A 336 -48.58 37.18 53.09
CA ILE A 336 -47.31 37.54 52.49
C ILE A 336 -47.11 39.05 52.47
N HIS A 337 -46.17 39.52 53.27
CA HIS A 337 -45.83 40.93 53.35
C HIS A 337 -45.13 41.51 52.13
N ASP A 338 -44.17 40.77 51.60
CA ASP A 338 -43.37 41.21 50.46
C ASP A 338 -43.20 40.19 49.36
N ILE A 339 -43.22 40.67 48.12
CA ILE A 339 -43.02 39.85 46.95
C ILE A 339 -41.81 40.39 46.21
N VAL A 340 -40.85 39.54 45.89
CA VAL A 340 -39.64 39.98 45.20
C VAL A 340 -39.42 39.31 43.85
N LEU A 341 -39.21 40.12 42.82
CA LEU A 341 -38.94 39.64 41.46
C LEU A 341 -37.41 39.47 41.20
N VAL A 342 -37.01 38.28 40.74
CA VAL A 342 -35.59 37.93 40.44
C VAL A 342 -35.57 37.16 39.11
N GLY A 343 -34.51 37.36 38.32
CA GLY A 343 -34.37 36.72 37.01
C GLY A 343 -34.90 37.60 35.90
N GLY A 344 -34.24 37.56 34.74
CA GLY A 344 -34.58 38.38 33.60
C GLY A 344 -36.00 38.23 33.07
N SER A 345 -36.58 37.02 33.21
CA SER A 345 -37.93 36.75 32.69
C SER A 345 -39.04 37.44 33.49
N THR A 346 -38.73 37.95 34.72
CA THR A 346 -39.70 38.68 35.55
C THR A 346 -39.96 40.09 35.03
N ARG A 347 -39.19 40.51 34.01
CA ARG A 347 -39.35 41.79 33.32
C ARG A 347 -40.58 41.72 32.43
N ILE A 348 -41.06 40.48 32.08
CA ILE A 348 -42.22 40.25 31.22
C ILE A 348 -43.46 40.84 31.90
N PRO A 349 -44.07 41.89 31.29
CA PRO A 349 -45.23 42.56 31.91
C PRO A 349 -46.40 41.66 32.32
N LYS A 350 -46.70 40.59 31.53
CA LYS A 350 -47.81 39.69 31.83
C LYS A 350 -47.55 38.87 33.09
N ILE A 351 -46.32 38.42 33.28
CA ILE A 351 -45.94 37.66 34.44
C ILE A 351 -46.15 38.56 35.65
N GLN A 352 -45.81 39.84 35.51
CA GLN A 352 -46.00 40.79 36.58
C GLN A 352 -47.48 41.00 36.87
N LYS A 353 -48.29 41.12 35.83
CA LYS A 353 -49.74 41.34 35.99
C LYS A 353 -50.42 40.15 36.65
N LEU A 354 -50.06 38.96 36.19
CA LEU A 354 -50.57 37.70 36.74
C LEU A 354 -50.26 37.56 38.23
N LEU A 355 -49.00 37.77 38.62
CA LEU A 355 -48.54 37.67 40.00
C LEU A 355 -49.13 38.74 40.92
N GLN A 356 -49.25 40.00 40.46
CA GLN A 356 -49.83 41.09 41.26
C GLN A 356 -51.33 40.88 41.48
N ASP A 357 -52.05 40.41 40.43
CA ASP A 357 -53.48 40.09 40.47
C ASP A 357 -53.74 38.96 41.47
N PHE A 358 -52.84 37.96 41.51
CA PHE A 358 -52.88 36.84 42.46
C PHE A 358 -52.81 37.38 43.89
N PHE A 359 -51.92 38.36 44.16
CA PHE A 359 -51.78 38.96 45.50
C PHE A 359 -52.69 40.19 45.68
N ASN A 360 -53.82 40.22 44.94
CA ASN A 360 -54.88 41.22 44.98
C ASN A 360 -54.36 42.67 44.90
N GLY A 361 -53.58 42.95 43.85
CA GLY A 361 -53.03 44.26 43.56
C GLY A 361 -51.84 44.73 44.39
N LYS A 362 -51.22 43.83 45.20
CA LYS A 362 -50.06 44.19 46.03
C LYS A 362 -48.88 44.54 45.12
N GLU A 363 -48.21 45.67 45.41
CA GLU A 363 -47.04 46.12 44.65
C GLU A 363 -45.88 45.15 44.83
N LEU A 364 -45.06 45.01 43.76
CA LEU A 364 -43.90 44.12 43.73
C LEU A 364 -42.59 44.87 43.85
N ASN A 365 -41.59 44.24 44.48
CA ASN A 365 -40.23 44.76 44.61
C ASN A 365 -39.50 44.38 43.31
N LYS A 366 -39.43 45.32 42.36
CA LYS A 366 -38.84 45.05 41.05
C LYS A 366 -37.78 46.07 40.55
N SER A 367 -37.49 47.15 41.33
CA SER A 367 -36.59 48.26 40.97
C SER A 367 -35.13 47.85 40.72
N ILE A 368 -34.62 46.83 41.43
CA ILE A 368 -33.24 46.33 41.24
C ILE A 368 -33.26 45.43 39.99
N ASN A 369 -32.24 45.45 39.16
CA ASN A 369 -32.29 44.59 37.99
C ASN A 369 -32.52 43.16 38.46
N PRO A 370 -33.45 42.46 37.84
CA PRO A 370 -33.76 41.09 38.25
C PRO A 370 -32.55 40.18 38.15
N ASP A 371 -31.74 40.37 37.11
CA ASP A 371 -30.53 39.59 36.92
C ASP A 371 -29.46 39.89 37.97
N GLU A 372 -29.39 41.13 38.42
CA GLU A 372 -28.40 41.53 39.42
C GLU A 372 -28.81 41.57 40.91
N ALA A 373 -30.07 41.32 41.21
CA ALA A 373 -30.63 41.35 42.56
C ALA A 373 -29.97 40.39 43.57
N VAL A 374 -29.61 39.16 43.16
CA VAL A 374 -28.98 38.19 44.04
C VAL A 374 -27.54 38.60 44.36
N ALA A 375 -26.77 39.05 43.34
CA ALA A 375 -25.39 39.55 43.50
C ALA A 375 -25.37 40.84 44.29
N TYR A 376 -26.43 41.67 44.19
CA TYR A 376 -26.61 42.92 44.93
C TYR A 376 -26.68 42.62 46.44
N GLY A 377 -27.59 41.71 46.86
CA GLY A 377 -27.75 41.28 48.24
C GLY A 377 -26.48 40.67 48.78
N ALA A 378 -25.85 39.72 48.04
CA ALA A 378 -24.58 39.09 48.42
C ALA A 378 -23.47 40.13 48.65
N ALA A 379 -23.41 41.20 47.81
CA ALA A 379 -22.45 42.31 47.93
C ALA A 379 -22.70 43.11 49.24
N VAL A 380 -23.99 43.31 49.60
CA VAL A 380 -24.40 43.98 50.83
C VAL A 380 -23.95 43.13 52.02
N GLN A 381 -24.22 41.83 51.96
CA GLN A 381 -23.85 40.85 52.99
C GLN A 381 -22.32 40.81 53.17
N ALA A 382 -21.58 40.82 52.06
CA ALA A 382 -20.12 40.81 52.05
C ALA A 382 -19.58 42.03 52.81
N ALA A 383 -20.23 43.21 52.60
CA ALA A 383 -19.85 44.45 53.29
C ALA A 383 -20.16 44.36 54.78
N ILE A 384 -21.29 43.74 55.13
CA ILE A 384 -21.73 43.52 56.53
C ILE A 384 -20.76 42.59 57.29
N LEU A 385 -20.28 41.54 56.63
CA LEU A 385 -19.38 40.54 57.20
C LEU A 385 -17.89 40.89 57.15
N SER A 386 -17.52 41.99 56.49
CA SER A 386 -16.11 42.40 56.40
C SER A 386 -15.77 43.52 57.42
N GLY B 4 -33.35 65.41 -4.67
CA GLY B 4 -33.43 64.14 -3.92
C GLY B 4 -34.07 64.25 -2.55
N SER B 5 -34.11 63.13 -1.77
CA SER B 5 -34.75 63.05 -0.43
C SER B 5 -33.87 62.40 0.66
N ASN B 6 -32.56 62.27 0.43
CA ASN B 6 -31.54 61.68 1.31
C ASN B 6 -31.55 62.34 2.67
N SER B 7 -31.65 61.57 3.74
CA SER B 7 -31.75 62.10 5.10
C SER B 7 -30.49 61.93 5.93
N PRO B 8 -30.22 62.84 6.90
CA PRO B 8 -29.05 62.63 7.78
C PRO B 8 -29.16 61.34 8.61
N GLN B 9 -30.40 60.95 9.00
CA GLN B 9 -30.71 59.74 9.78
C GLN B 9 -30.20 58.47 9.10
N GLU B 10 -30.30 58.42 7.76
CA GLU B 10 -29.88 57.32 6.94
C GLU B 10 -28.36 57.20 6.92
N GLU B 11 -27.65 58.32 7.10
CA GLU B 11 -26.19 58.36 7.14
C GLU B 11 -25.68 57.50 8.29
N VAL B 12 -26.42 57.49 9.42
CA VAL B 12 -26.15 56.71 10.61
C VAL B 12 -26.23 55.22 10.25
N GLU B 13 -27.30 54.82 9.52
CA GLU B 13 -27.52 53.43 9.11
C GLU B 13 -26.52 52.94 8.10
N LEU B 14 -26.11 53.81 7.17
CA LEU B 14 -25.13 53.49 6.13
C LEU B 14 -23.75 53.34 6.73
N LYS B 15 -23.47 54.10 7.80
CA LYS B 15 -22.20 54.02 8.54
C LYS B 15 -22.13 52.68 9.28
N LYS B 16 -23.25 52.23 9.89
CA LYS B 16 -23.37 50.91 10.56
C LYS B 16 -23.08 49.80 9.54
N LEU B 17 -23.69 49.90 8.31
CA LEU B 17 -23.52 48.97 7.18
C LEU B 17 -22.10 48.93 6.65
N LYS B 18 -21.44 50.10 6.52
CA LYS B 18 -20.05 50.24 6.07
C LYS B 18 -19.09 49.53 7.04
N HIS B 19 -19.34 49.61 8.34
CA HIS B 19 -18.53 48.89 9.32
C HIS B 19 -18.70 47.37 9.18
N LEU B 20 -19.94 46.91 8.99
CA LEU B 20 -20.21 45.49 8.79
C LEU B 20 -19.57 45.00 7.49
N GLU B 21 -19.54 45.85 6.43
CA GLU B 21 -18.88 45.54 5.15
C GLU B 21 -17.37 45.31 5.35
N LYS B 22 -16.73 46.15 6.21
CA LYS B 22 -15.30 46.06 6.53
C LYS B 22 -15.04 44.80 7.34
N SER B 23 -15.95 44.47 8.28
CA SER B 23 -15.88 43.26 9.09
C SER B 23 -15.97 42.00 8.21
N VAL B 24 -16.88 42.00 7.21
CA VAL B 24 -17.10 40.90 6.27
C VAL B 24 -15.82 40.73 5.46
N GLU B 25 -15.18 41.85 5.02
CA GLU B 25 -13.91 41.84 4.29
C GLU B 25 -12.81 41.16 5.12
N LYS B 26 -12.72 41.46 6.45
CA LYS B 26 -11.72 40.84 7.34
C LYS B 26 -11.89 39.31 7.43
N ILE B 27 -13.15 38.82 7.54
CA ILE B 27 -13.47 37.38 7.61
C ILE B 27 -13.18 36.71 6.24
N ALA B 28 -13.52 37.39 5.12
CA ALA B 28 -13.31 36.91 3.76
C ALA B 28 -11.77 36.65 3.50
N ASP B 29 -10.89 37.48 4.09
CA ASP B 29 -9.42 37.36 4.04
C ASP B 29 -8.96 36.11 4.82
N GLN B 30 -9.67 35.76 5.92
CA GLN B 30 -9.38 34.57 6.71
C GLN B 30 -9.75 33.33 5.86
N LEU B 31 -10.94 33.40 5.18
CA LEU B 31 -11.41 32.36 4.28
C LEU B 31 -10.42 32.22 3.09
N GLU B 32 -9.84 33.33 2.59
CA GLU B 32 -8.88 33.32 1.49
C GLU B 32 -7.57 32.64 1.93
N GLU B 33 -7.08 32.93 3.18
CA GLU B 33 -5.87 32.35 3.79
C GLU B 33 -6.10 30.87 4.04
N LEU B 34 -7.30 30.49 4.45
CA LEU B 34 -7.63 29.09 4.62
C LEU B 34 -7.58 28.40 3.27
N ASN B 35 -8.11 29.06 2.25
CA ASN B 35 -8.11 28.52 0.89
C ASN B 35 -6.69 28.34 0.39
N LYS B 36 -5.84 29.33 0.65
CA LYS B 36 -4.44 29.28 0.25
C LYS B 36 -3.71 28.17 0.99
N GLU B 37 -4.04 28.01 2.27
CA GLU B 37 -3.45 26.98 3.10
C GLU B 37 -3.90 25.58 2.70
N LEU B 38 -5.18 25.45 2.41
CA LEU B 38 -5.78 24.19 2.02
C LEU B 38 -5.16 23.68 0.72
N THR B 39 -4.94 24.58 -0.21
CA THR B 39 -4.32 24.25 -1.47
C THR B 39 -2.87 23.85 -1.20
N GLY B 40 -2.26 24.58 -0.28
CA GLY B 40 -0.88 24.35 0.14
C GLY B 40 -0.65 22.94 0.62
N ILE B 41 -1.51 22.44 1.51
CA ILE B 41 -1.36 21.07 1.96
C ILE B 41 -1.55 20.10 0.80
N GLN B 42 -2.55 20.37 -0.03
CA GLN B 42 -2.87 19.54 -1.20
C GLN B 42 -1.80 19.49 -2.28
N GLN B 43 -1.18 20.63 -2.56
CA GLN B 43 -0.13 20.73 -3.58
C GLN B 43 1.27 20.76 -2.99
N GLY B 44 1.38 20.48 -1.70
CA GLY B 44 2.63 20.52 -0.97
C GLY B 44 3.42 19.22 -0.85
N PHE B 45 4.38 19.24 0.05
CA PHE B 45 5.32 18.15 0.30
C PHE B 45 4.91 17.06 1.28
N LEU B 46 3.70 17.14 1.81
CA LEU B 46 3.25 16.16 2.78
C LEU B 46 2.73 14.88 2.07
N PRO B 47 3.08 13.65 2.56
CA PRO B 47 2.52 12.43 1.94
C PRO B 47 0.99 12.35 2.08
N LYS B 48 0.27 11.70 1.11
CA LYS B 48 -1.20 11.57 1.13
C LYS B 48 -1.80 11.42 2.56
N ASP B 49 -1.21 10.52 3.39
CA ASP B 49 -1.65 10.26 4.77
C ASP B 49 -1.59 11.52 5.64
N LEU B 50 -0.39 12.18 5.73
CA LEU B 50 -0.13 13.41 6.49
C LEU B 50 -0.96 14.62 6.06
N GLN B 51 -1.45 14.60 4.81
CA GLN B 51 -2.25 15.67 4.25
C GLN B 51 -3.61 15.73 4.91
N ALA B 52 -4.29 14.55 5.00
CA ALA B 52 -5.59 14.40 5.66
C ALA B 52 -5.57 14.99 7.08
N GLU B 53 -4.57 14.62 7.88
CA GLU B 53 -4.44 15.15 9.23
C GLU B 53 -4.23 16.66 9.27
N ALA B 54 -3.42 17.17 8.34
CA ALA B 54 -3.14 18.61 8.23
C ALA B 54 -4.37 19.42 7.78
N LEU B 55 -5.15 18.90 6.81
CA LEU B 55 -6.38 19.50 6.30
C LEU B 55 -7.46 19.50 7.39
N CYS B 56 -7.47 18.44 8.21
CA CYS B 56 -8.43 18.34 9.29
C CYS B 56 -8.13 19.32 10.42
N LYS B 57 -6.84 19.69 10.61
CA LYS B 57 -6.41 20.69 11.62
C LYS B 57 -6.99 22.10 11.30
N LEU B 58 -7.44 22.30 10.05
CA LEU B 58 -8.06 23.54 9.61
C LEU B 58 -9.53 23.60 9.99
N ASP B 59 -10.10 22.51 10.56
CA ASP B 59 -11.51 22.43 10.94
C ASP B 59 -11.94 23.54 11.90
N ARG B 60 -11.17 23.76 12.99
CA ARG B 60 -11.46 24.79 14.00
C ARG B 60 -11.55 26.17 13.35
N ARG B 61 -10.65 26.45 12.42
CA ARG B 61 -10.56 27.72 11.71
C ARG B 61 -11.70 27.95 10.73
N VAL B 62 -12.09 26.93 9.94
CA VAL B 62 -13.23 27.02 9.01
C VAL B 62 -14.51 27.34 9.82
N LYS B 63 -14.73 26.57 10.92
CA LYS B 63 -15.84 26.67 11.86
C LYS B 63 -15.92 28.06 12.51
N ALA B 64 -14.75 28.63 12.87
CA ALA B 64 -14.61 29.98 13.41
C ALA B 64 -14.97 31.02 12.37
N THR B 65 -14.62 30.78 11.10
CA THR B 65 -14.96 31.64 9.95
C THR B 65 -16.49 31.64 9.72
N ILE B 66 -17.11 30.45 9.76
CA ILE B 66 -18.55 30.27 9.62
C ILE B 66 -19.28 31.00 10.76
N GLU B 67 -18.80 30.83 11.99
CA GLU B 67 -19.39 31.46 13.16
C GLU B 67 -19.33 32.99 13.11
N GLN B 68 -18.21 33.53 12.65
CA GLN B 68 -18.05 34.97 12.53
C GLN B 68 -19.04 35.55 11.53
N PHE B 69 -19.24 34.84 10.42
CA PHE B 69 -20.19 35.25 9.39
C PHE B 69 -21.61 35.22 9.95
N MET B 70 -21.90 34.20 10.76
CA MET B 70 -23.22 34.07 11.37
C MET B 70 -23.48 35.22 12.31
N LYS B 71 -22.46 35.62 13.07
CA LYS B 71 -22.59 36.74 13.99
C LYS B 71 -22.79 38.05 13.22
N ILE B 72 -22.17 38.17 12.03
CA ILE B 72 -22.37 39.32 11.15
C ILE B 72 -23.85 39.36 10.73
N LEU B 73 -24.38 38.21 10.28
CA LEU B 73 -25.78 38.06 9.87
C LEU B 73 -26.72 38.47 10.96
N GLU B 74 -26.46 38.00 12.22
CA GLU B 74 -27.28 38.31 13.41
C GLU B 74 -27.26 39.82 13.71
N GLU B 75 -26.14 40.48 13.44
CA GLU B 75 -26.02 41.93 13.64
C GLU B 75 -26.76 42.70 12.57
N ILE B 76 -26.74 42.20 11.33
CA ILE B 76 -27.45 42.81 10.21
C ILE B 76 -28.97 42.69 10.49
N ASP B 77 -29.40 41.52 11.02
CA ASP B 77 -30.80 41.23 11.34
C ASP B 77 -31.41 42.14 12.42
N THR B 78 -30.57 42.94 13.16
CA THR B 78 -31.02 43.88 14.21
C THR B 78 -31.41 45.24 13.63
N LEU B 79 -31.16 45.46 12.33
CA LEU B 79 -31.46 46.70 11.65
C LEU B 79 -32.90 46.75 11.23
N ILE B 80 -33.48 47.92 11.40
CA ILE B 80 -34.83 48.19 10.95
C ILE B 80 -34.57 49.40 10.06
N LEU B 81 -34.79 49.23 8.77
CA LEU B 81 -34.57 50.25 7.79
C LEU B 81 -35.90 50.60 7.15
N PRO B 82 -36.50 51.81 7.44
CA PRO B 82 -37.75 52.21 6.77
C PRO B 82 -37.70 52.07 5.25
N GLU B 83 -38.89 51.96 4.63
CA GLU B 83 -39.03 51.82 3.17
C GLU B 83 -38.31 52.92 2.39
N ASN B 84 -38.29 54.17 2.93
CA ASN B 84 -37.64 55.36 2.35
C ASN B 84 -36.08 55.30 2.35
N PHE B 85 -35.49 54.38 3.12
CA PHE B 85 -34.04 54.21 3.16
C PHE B 85 -33.68 53.20 2.08
N LYS B 86 -33.89 53.57 0.79
CA LYS B 86 -33.67 52.68 -0.35
C LYS B 86 -32.22 52.19 -0.45
N ASP B 87 -31.25 53.10 -0.30
CA ASP B 87 -29.81 52.83 -0.39
C ASP B 87 -29.31 51.91 0.71
N SER B 88 -29.89 51.99 1.94
CA SER B 88 -29.54 51.15 3.11
C SER B 88 -30.12 49.72 2.92
N ARG B 89 -31.34 49.66 2.41
CA ARG B 89 -32.01 48.40 2.10
C ARG B 89 -31.23 47.63 1.02
N LEU B 90 -30.69 48.32 0.02
CA LEU B 90 -29.85 47.75 -1.05
C LEU B 90 -28.50 47.28 -0.59
N LYS B 91 -27.87 48.05 0.30
CA LYS B 91 -26.58 47.73 0.87
C LYS B 91 -26.73 46.52 1.80
N ARG B 92 -27.81 46.49 2.60
CA ARG B 92 -28.09 45.40 3.53
C ARG B 92 -28.32 44.08 2.80
N LYS B 93 -29.11 44.12 1.72
CA LYS B 93 -29.42 42.98 0.86
C LYS B 93 -28.20 42.45 0.11
N GLY B 94 -27.40 43.36 -0.45
CA GLY B 94 -26.16 43.01 -1.12
C GLY B 94 -25.17 42.38 -0.16
N LEU B 95 -25.10 42.88 1.07
CA LEU B 95 -24.17 42.38 2.07
C LEU B 95 -24.58 41.01 2.56
N VAL B 96 -25.87 40.80 2.83
CA VAL B 96 -26.43 39.50 3.23
C VAL B 96 -26.09 38.44 2.16
N LYS B 97 -26.40 38.73 0.87
CA LYS B 97 -26.11 37.87 -0.28
C LYS B 97 -24.58 37.57 -0.36
N LYS B 98 -23.74 38.58 -0.11
CA LYS B 98 -22.27 38.43 -0.11
C LYS B 98 -21.86 37.42 0.96
N VAL B 99 -22.30 37.61 2.22
CA VAL B 99 -22.05 36.73 3.36
C VAL B 99 -22.52 35.30 3.07
N GLN B 100 -23.73 35.15 2.48
CA GLN B 100 -24.31 33.84 2.16
C GLN B 100 -23.51 33.06 1.15
N ALA B 101 -22.91 33.75 0.16
CA ALA B 101 -22.07 33.18 -0.87
C ALA B 101 -20.74 32.72 -0.24
N PHE B 102 -20.19 33.52 0.71
CA PHE B 102 -18.99 33.16 1.46
C PHE B 102 -19.29 31.97 2.34
N LEU B 103 -20.48 31.95 2.99
CA LEU B 103 -20.91 30.81 3.80
C LEU B 103 -20.96 29.51 2.98
N ALA B 104 -21.46 29.58 1.72
CA ALA B 104 -21.54 28.45 0.80
C ALA B 104 -20.12 27.94 0.47
N GLU B 105 -19.11 28.86 0.36
CA GLU B 105 -17.69 28.54 0.11
C GLU B 105 -17.11 27.83 1.30
N CYS B 106 -17.47 28.27 2.53
CA CYS B 106 -17.05 27.68 3.80
C CYS B 106 -17.53 26.23 3.86
N ASP B 107 -18.81 25.97 3.48
CA ASP B 107 -19.42 24.63 3.46
C ASP B 107 -18.69 23.70 2.51
N THR B 108 -18.21 24.23 1.38
CA THR B 108 -17.40 23.53 0.39
C THR B 108 -16.09 23.07 1.04
N VAL B 109 -15.43 23.98 1.81
CA VAL B 109 -14.19 23.69 2.53
C VAL B 109 -14.42 22.57 3.56
N GLU B 110 -15.43 22.75 4.40
CA GLU B 110 -15.88 21.87 5.48
C GLU B 110 -16.21 20.44 4.99
N GLN B 111 -16.84 20.29 3.81
CA GLN B 111 -17.20 19.03 3.17
C GLN B 111 -15.99 18.29 2.58
N ASN B 112 -14.90 19.01 2.27
CA ASN B 112 -13.67 18.45 1.69
C ASN B 112 -12.49 18.30 2.69
N ILE B 113 -12.78 18.34 3.99
CA ILE B 113 -11.78 18.13 5.05
C ILE B 113 -12.41 17.26 6.14
N CYS B 114 -11.59 16.60 6.94
CA CYS B 114 -12.09 15.72 8.01
C CYS B 114 -13.07 14.58 7.55
N GLN B 115 -12.86 14.05 6.33
CA GLN B 115 -13.67 12.97 5.77
C GLN B 115 -12.92 11.60 5.82
N GLU B 116 -13.60 10.55 5.82
N SER C 5 37.13 5.10 33.45
CA SER C 5 35.91 4.29 33.61
C SER C 5 34.66 5.16 33.94
N MET C 6 33.44 4.60 33.71
CA MET C 6 32.15 5.26 33.92
C MET C 6 31.69 5.23 35.38
N SER C 7 30.98 6.30 35.81
CA SER C 7 30.41 6.41 37.16
C SER C 7 29.22 5.44 37.35
N LYS C 8 28.80 5.23 38.62
CA LYS C 8 27.67 4.35 38.92
C LYS C 8 26.37 4.99 38.43
N GLY C 9 25.53 4.17 37.79
CA GLY C 9 24.24 4.57 37.26
C GLY C 9 23.07 4.14 38.11
N PRO C 10 21.84 4.55 37.72
CA PRO C 10 20.67 4.19 38.53
C PRO C 10 20.13 2.78 38.25
N ALA C 11 18.98 2.46 38.88
CA ALA C 11 18.32 1.17 38.72
C ALA C 11 17.33 1.29 37.55
N VAL C 12 17.23 0.20 36.75
CA VAL C 12 16.42 0.18 35.55
C VAL C 12 15.31 -0.81 35.65
N GLY C 13 14.31 -0.63 34.80
CA GLY C 13 13.20 -1.54 34.66
C GLY C 13 13.41 -2.30 33.38
N ILE C 14 13.30 -3.62 33.43
CA ILE C 14 13.48 -4.43 32.24
C ILE C 14 12.31 -5.36 32.02
N ASP C 15 11.72 -5.30 30.83
CA ASP C 15 10.63 -6.17 30.51
C ASP C 15 11.24 -7.23 29.61
N LEU C 16 11.33 -8.45 30.13
CA LEU C 16 11.90 -9.53 29.35
C LEU C 16 10.73 -10.19 28.63
N GLY C 17 10.55 -9.78 27.39
CA GLY C 17 9.48 -10.27 26.54
C GLY C 17 9.82 -11.53 25.76
N THR C 18 8.80 -12.13 25.15
CA THR C 18 8.94 -13.32 24.33
C THR C 18 9.65 -13.11 22.99
N THR C 19 9.27 -12.05 22.30
CA THR C 19 9.78 -11.68 20.98
C THR C 19 10.61 -10.38 21.01
N TYR C 20 10.25 -9.44 21.93
CA TYR C 20 10.89 -8.14 22.13
C TYR C 20 11.06 -7.83 23.61
N SER C 21 12.18 -7.22 23.98
CA SER C 21 12.42 -6.76 25.33
C SER C 21 12.48 -5.23 25.34
N CYS C 22 12.31 -4.63 26.52
CA CYS C 22 12.23 -3.18 26.67
C CYS C 22 12.88 -2.76 28.00
N VAL C 23 13.67 -1.69 27.96
CA VAL C 23 14.36 -1.16 29.15
C VAL C 23 14.00 0.32 29.34
N GLY C 24 13.74 0.67 30.59
CA GLY C 24 13.38 2.03 31.00
C GLY C 24 14.11 2.46 32.25
N VAL C 25 14.28 3.78 32.42
CA VAL C 25 14.94 4.38 33.57
C VAL C 25 14.10 5.56 34.07
N PHE C 26 13.91 5.63 35.41
CA PHE C 26 13.20 6.75 36.02
C PHE C 26 14.26 7.77 36.40
N GLN C 27 14.14 8.97 35.82
CA GLN C 27 15.05 10.09 36.00
C GLN C 27 14.32 11.38 35.68
N HIS C 28 14.63 12.44 36.42
CA HIS C 28 13.99 13.75 36.24
C HIS C 28 12.47 13.69 36.45
N GLY C 29 12.07 12.90 37.43
CA GLY C 29 10.66 12.73 37.78
C GLY C 29 9.76 12.12 36.72
N LYS C 30 10.34 11.37 35.77
CA LYS C 30 9.61 10.72 34.69
C LYS C 30 10.38 9.52 34.17
N VAL C 31 9.66 8.55 33.60
CA VAL C 31 10.26 7.35 32.99
C VAL C 31 10.72 7.66 31.56
N GLU C 32 11.94 7.25 31.23
CA GLU C 32 12.43 7.42 29.88
C GLU C 32 12.66 6.04 29.32
N ILE C 33 12.02 5.74 28.20
CA ILE C 33 12.22 4.44 27.58
C ILE C 33 13.49 4.60 26.78
N ILE C 34 14.43 3.69 26.98
CA ILE C 34 15.71 3.78 26.30
C ILE C 34 15.80 3.10 24.95
N ALA C 35 16.10 3.90 23.93
CA ALA C 35 16.25 3.40 22.57
C ALA C 35 17.56 2.64 22.46
N ASN C 36 17.60 1.64 21.59
CA ASN C 36 18.81 0.86 21.38
C ASN C 36 19.74 1.54 20.38
N ASP C 37 20.83 0.88 20.03
CA ASP C 37 21.81 1.44 19.11
C ASP C 37 21.17 1.76 17.76
N GLN C 38 20.23 0.93 17.34
CA GLN C 38 19.53 1.11 16.06
C GLN C 38 18.38 2.13 16.18
N GLY C 39 18.28 2.74 17.36
CA GLY C 39 17.30 3.77 17.66
C GLY C 39 15.91 3.27 18.00
N ASN C 40 15.81 1.98 18.26
CA ASN C 40 14.54 1.34 18.58
C ASN C 40 14.31 1.19 20.08
N ARG C 41 13.11 1.57 20.49
CA ARG C 41 12.67 1.48 21.88
C ARG C 41 12.55 0.03 22.38
N THR C 42 12.25 -0.90 21.48
CA THR C 42 12.16 -2.31 21.82
C THR C 42 13.19 -3.11 21.03
N THR C 43 13.77 -4.12 21.67
CA THR C 43 14.79 -4.96 21.06
C THR C 43 14.39 -6.43 20.93
N PRO C 44 14.53 -7.02 19.74
CA PRO C 44 14.14 -8.43 19.60
C PRO C 44 14.83 -9.34 20.61
N SER C 45 14.07 -10.21 21.29
CA SER C 45 14.59 -11.18 22.25
C SER C 45 15.18 -12.34 21.42
N TYR C 46 16.17 -12.01 20.57
CA TYR C 46 16.81 -12.91 19.62
C TYR C 46 18.29 -13.02 19.89
N VAL C 47 18.82 -14.24 19.72
CA VAL C 47 20.24 -14.53 19.88
C VAL C 47 20.60 -15.38 18.69
N ALA C 48 21.61 -14.94 17.90
CA ALA C 48 22.09 -15.67 16.72
C ALA C 48 23.52 -16.14 16.92
N PHE C 49 23.80 -17.35 16.46
CA PHE C 49 25.11 -17.93 16.53
C PHE C 49 25.60 -18.22 15.13
N THR C 50 26.81 -17.76 14.84
CA THR C 50 27.45 -17.92 13.54
C THR C 50 28.86 -18.38 13.77
N ASP C 51 29.55 -18.81 12.73
CA ASP C 51 30.92 -19.27 12.91
C ASP C 51 31.77 -18.13 13.44
N THR C 52 31.61 -16.94 12.88
CA THR C 52 32.35 -15.77 13.34
C THR C 52 31.99 -15.17 14.71
N GLU C 53 30.71 -15.05 15.01
CA GLU C 53 30.28 -14.44 16.27
C GLU C 53 28.84 -14.67 16.74
N ARG C 54 28.52 -14.08 17.89
CA ARG C 54 27.20 -14.14 18.53
C ARG C 54 26.51 -12.79 18.37
N LEU C 55 25.25 -12.81 17.94
CA LEU C 55 24.49 -11.60 17.72
C LEU C 55 23.28 -11.53 18.64
N ILE C 56 23.00 -10.34 19.15
CA ILE C 56 21.86 -10.14 20.03
C ILE C 56 21.00 -9.01 19.50
N GLY C 57 19.70 -9.13 19.73
CA GLY C 57 18.72 -8.17 19.29
C GLY C 57 18.50 -7.92 17.82
N ASP C 58 18.45 -6.66 17.43
CA ASP C 58 18.21 -6.27 16.04
C ASP C 58 19.15 -6.97 15.06
N ALA C 59 20.46 -7.10 15.38
CA ALA C 59 21.47 -7.74 14.53
C ALA C 59 21.20 -9.24 14.32
N ALA C 60 20.66 -9.93 15.36
CA ALA C 60 20.29 -11.35 15.31
C ALA C 60 19.02 -11.54 14.47
N LYS C 61 18.00 -10.67 14.68
CA LYS C 61 16.75 -10.72 13.92
C LYS C 61 16.98 -10.44 12.44
N ASN C 62 17.85 -9.46 12.10
CA ASN C 62 18.14 -9.06 10.72
C ASN C 62 18.76 -10.14 9.85
N GLN C 63 19.49 -11.12 10.44
CA GLN C 63 20.13 -12.21 9.69
C GLN C 63 19.40 -13.58 9.85
N VAL C 64 18.15 -13.56 10.38
CA VAL C 64 17.35 -14.77 10.62
C VAL C 64 17.06 -15.54 9.31
N ALA C 65 16.92 -14.84 8.17
CA ALA C 65 16.67 -15.45 6.88
C ALA C 65 17.87 -16.26 6.39
N MET C 66 19.09 -15.80 6.73
CA MET C 66 20.37 -16.41 6.34
C MET C 66 20.81 -17.54 7.26
N ASN C 67 20.40 -17.46 8.52
CA ASN C 67 20.77 -18.44 9.53
C ASN C 67 19.60 -18.80 10.44
N PRO C 68 18.54 -19.36 9.88
CA PRO C 68 17.35 -19.70 10.68
C PRO C 68 17.51 -20.73 11.80
N THR C 69 18.26 -21.81 11.58
CA THR C 69 18.47 -22.86 12.57
C THR C 69 19.30 -22.46 13.79
N ASN C 70 20.10 -21.43 13.65
CA ASN C 70 21.01 -20.95 14.70
C ASN C 70 20.60 -19.61 15.32
N THR C 71 19.44 -19.09 14.93
CA THR C 71 18.87 -17.87 15.46
C THR C 71 17.75 -18.32 16.38
N VAL C 72 18.03 -18.20 17.68
CA VAL C 72 17.18 -18.55 18.80
C VAL C 72 16.34 -17.35 19.22
N PHE C 73 15.06 -17.60 19.47
CA PHE C 73 14.06 -16.65 19.92
C PHE C 73 13.06 -17.49 20.73
N ASP C 74 12.08 -16.87 21.38
CA ASP C 74 11.08 -17.62 22.16
C ASP C 74 11.60 -18.38 23.39
N ALA C 75 12.74 -18.00 23.91
CA ALA C 75 13.34 -18.65 25.09
C ALA C 75 12.47 -18.51 26.35
N LYS C 76 11.59 -17.48 26.39
CA LYS C 76 10.62 -17.26 27.48
C LYS C 76 9.60 -18.41 27.51
N ARG C 77 9.28 -18.97 26.33
CA ARG C 77 8.35 -20.09 26.20
C ARG C 77 8.94 -21.36 26.81
N LEU C 78 10.30 -21.42 26.93
CA LEU C 78 11.05 -22.59 27.47
C LEU C 78 11.53 -22.41 28.90
N ILE C 79 11.83 -21.15 29.29
CA ILE C 79 12.37 -20.81 30.62
C ILE C 79 11.55 -21.41 31.78
N GLY C 80 12.23 -22.06 32.72
CA GLY C 80 11.62 -22.69 33.87
C GLY C 80 10.77 -23.94 33.68
N ARG C 81 10.72 -24.45 32.45
CA ARG C 81 9.93 -25.61 32.09
C ARG C 81 10.76 -26.89 31.97
N ARG C 82 10.13 -28.05 32.21
CA ARG C 82 10.72 -29.38 32.03
C ARG C 82 10.58 -29.70 30.55
N PHE C 83 11.51 -30.50 30.01
CA PHE C 83 11.48 -30.90 28.60
C PHE C 83 10.15 -31.53 28.20
N ASP C 84 9.60 -32.41 29.05
CA ASP C 84 8.37 -33.13 28.73
C ASP C 84 7.08 -32.34 28.99
N ASP C 85 7.21 -31.03 29.26
CA ASP C 85 6.09 -30.10 29.44
C ASP C 85 5.33 -30.06 28.10
N ALA C 86 3.99 -30.19 28.16
CA ALA C 86 3.12 -30.16 27.00
C ALA C 86 3.37 -28.93 26.10
N VAL C 87 3.73 -27.79 26.72
CA VAL C 87 4.00 -26.52 26.04
C VAL C 87 5.32 -26.59 25.24
N VAL C 88 6.39 -27.13 25.86
CA VAL C 88 7.69 -27.33 25.21
C VAL C 88 7.50 -28.22 23.96
N GLN C 89 6.77 -29.33 24.11
CA GLN C 89 6.55 -30.31 23.03
C GLN C 89 5.76 -29.77 21.84
N SER C 90 4.76 -28.92 22.11
CA SER C 90 3.90 -28.29 21.11
C SER C 90 4.61 -27.14 20.38
N ASP C 91 5.39 -26.32 21.12
CA ASP C 91 6.13 -25.17 20.57
C ASP C 91 7.28 -25.59 19.67
N MET C 92 8.01 -26.66 20.08
CA MET C 92 9.12 -27.30 19.38
C MET C 92 8.90 -27.47 17.86
N LYS C 93 7.69 -27.83 17.48
CA LYS C 93 7.33 -28.03 16.08
C LYS C 93 7.49 -26.76 15.26
N HIS C 94 7.17 -25.62 15.86
CA HIS C 94 7.22 -24.34 15.18
C HIS C 94 8.54 -23.56 15.15
N TRP C 95 9.59 -24.10 15.76
CA TRP C 95 10.88 -23.43 15.79
C TRP C 95 11.90 -24.01 14.82
N PRO C 96 12.58 -23.16 14.06
CA PRO C 96 13.61 -23.62 13.09
C PRO C 96 14.85 -24.21 13.79
N PHE C 97 15.08 -23.83 15.06
CA PHE C 97 16.20 -24.27 15.90
C PHE C 97 15.86 -25.55 16.68
N MET C 98 16.88 -26.30 17.10
CA MET C 98 16.70 -27.56 17.83
C MET C 98 16.52 -27.37 19.31
N VAL C 99 15.64 -28.16 19.90
CA VAL C 99 15.41 -28.21 21.34
C VAL C 99 15.74 -29.66 21.74
N VAL C 100 16.68 -29.81 22.65
CA VAL C 100 17.14 -31.12 23.09
C VAL C 100 16.85 -31.34 24.58
N ASN C 101 16.74 -32.61 24.98
CA ASN C 101 16.50 -32.98 26.35
C ASN C 101 17.83 -33.27 27.03
N ASP C 102 18.11 -32.54 28.11
CA ASP C 102 19.30 -32.75 28.93
C ASP C 102 18.88 -33.02 30.37
N ALA C 103 18.69 -34.32 30.70
CA ALA C 103 18.28 -34.80 32.02
C ALA C 103 16.93 -34.19 32.49
N GLY C 104 15.96 -34.16 31.58
CA GLY C 104 14.62 -33.64 31.84
C GLY C 104 14.45 -32.15 31.59
N ARG C 105 15.55 -31.44 31.31
CA ARG C 105 15.58 -30.00 31.06
C ARG C 105 15.71 -29.67 29.58
N PRO C 106 15.00 -28.67 29.04
CA PRO C 106 15.21 -28.31 27.62
C PRO C 106 16.47 -27.48 27.45
N LYS C 107 17.08 -27.59 26.28
CA LYS C 107 18.28 -26.85 25.89
C LYS C 107 18.15 -26.56 24.43
N VAL C 108 18.53 -25.35 24.00
CA VAL C 108 18.52 -25.05 22.56
C VAL C 108 19.85 -25.50 21.98
N GLN C 109 19.81 -26.21 20.83
CA GLN C 109 21.00 -26.72 20.15
C GLN C 109 21.27 -26.00 18.83
N VAL C 110 22.42 -25.33 18.78
CA VAL C 110 22.91 -24.52 17.66
C VAL C 110 24.33 -24.92 17.23
N GLU C 111 24.80 -24.29 16.15
CA GLU C 111 26.15 -24.40 15.59
C GLU C 111 26.77 -23.03 15.79
N TYR C 112 27.69 -22.94 16.76
CA TYR C 112 28.39 -21.70 17.08
C TYR C 112 29.89 -21.90 16.85
N LYS C 113 30.47 -21.07 15.97
CA LYS C 113 31.89 -21.07 15.60
C LYS C 113 32.42 -22.47 15.19
N GLY C 114 31.64 -23.14 14.32
CA GLY C 114 31.98 -24.46 13.77
C GLY C 114 31.58 -25.66 14.61
N GLU C 115 31.49 -25.50 15.95
CA GLU C 115 31.15 -26.56 16.89
C GLU C 115 29.66 -26.57 17.28
N THR C 116 29.13 -27.75 17.66
CA THR C 116 27.75 -27.90 18.12
C THR C 116 27.71 -27.52 19.61
N LYS C 117 26.88 -26.52 19.96
CA LYS C 117 26.73 -26.02 21.33
C LYS C 117 25.27 -25.99 21.80
N SER C 118 25.04 -26.28 23.09
CA SER C 118 23.72 -26.26 23.70
C SER C 118 23.68 -25.23 24.84
N PHE C 119 22.54 -24.53 24.95
CA PHE C 119 22.34 -23.50 25.96
C PHE C 119 21.02 -23.69 26.68
N TYR C 120 21.01 -23.46 28.01
CA TYR C 120 19.77 -23.54 28.78
C TYR C 120 18.95 -22.29 28.45
N PRO C 121 17.60 -22.31 28.59
CA PRO C 121 16.82 -21.09 28.27
C PRO C 121 17.26 -19.84 29.03
N GLU C 122 17.67 -19.99 30.33
CA GLU C 122 18.15 -18.86 31.14
C GLU C 122 19.47 -18.29 30.65
N GLU C 123 20.32 -19.10 29.96
CA GLU C 123 21.58 -18.64 29.39
C GLU C 123 21.27 -17.74 28.20
N VAL C 124 20.28 -18.13 27.36
CA VAL C 124 19.83 -17.37 26.18
C VAL C 124 19.18 -16.05 26.66
N SER C 125 18.34 -16.14 27.72
CA SER C 125 17.69 -14.94 28.31
C SER C 125 18.70 -14.00 28.97
N SER C 126 19.82 -14.57 29.50
CA SER C 126 20.90 -13.79 30.09
C SER C 126 21.64 -12.97 29.03
N MET C 127 21.73 -13.49 27.78
CA MET C 127 22.34 -12.80 26.65
C MET C 127 21.50 -11.59 26.25
N VAL C 128 20.15 -11.76 26.27
CA VAL C 128 19.16 -10.69 25.99
C VAL C 128 19.20 -9.63 27.11
N LEU C 129 19.30 -10.06 28.38
CA LEU C 129 19.39 -9.16 29.52
C LEU C 129 20.68 -8.35 29.52
N THR C 130 21.80 -8.98 29.12
CA THR C 130 23.12 -8.36 28.97
C THR C 130 22.99 -7.19 27.98
N LYS C 131 22.35 -7.45 26.82
CA LYS C 131 22.07 -6.45 25.77
C LYS C 131 21.20 -5.31 26.30
N MET C 132 20.15 -5.60 27.11
CA MET C 132 19.29 -4.56 27.72
C MET C 132 20.11 -3.73 28.71
N LYS C 133 21.04 -4.38 29.46
CA LYS C 133 21.96 -3.73 30.41
C LYS C 133 22.86 -2.77 29.61
N GLU C 134 23.39 -3.25 28.47
CA GLU C 134 24.28 -2.47 27.61
C GLU C 134 23.56 -1.34 26.90
N ILE C 135 22.29 -1.54 26.52
CA ILE C 135 21.44 -0.50 25.86
C ILE C 135 21.33 0.69 26.81
N ALA C 136 21.07 0.40 28.10
CA ALA C 136 20.93 1.38 29.17
C ALA C 136 22.26 2.09 29.48
N GLU C 137 23.38 1.36 29.55
CA GLU C 137 24.72 1.91 29.80
C GLU C 137 25.14 2.89 28.70
N ALA C 138 24.85 2.54 27.42
CA ALA C 138 25.15 3.37 26.25
C ALA C 138 24.43 4.71 26.28
N TYR C 139 23.17 4.72 26.72
CA TYR C 139 22.37 5.93 26.82
C TYR C 139 22.76 6.78 28.01
N LEU C 140 22.86 6.13 29.20
CA LEU C 140 23.15 6.82 30.44
C LEU C 140 24.57 7.32 30.60
N GLY C 141 25.53 6.61 29.99
CA GLY C 141 26.96 6.90 30.08
C GLY C 141 27.52 6.52 31.43
N LYS C 142 26.79 5.63 32.13
CA LYS C 142 27.09 5.16 33.47
C LYS C 142 26.91 3.66 33.53
N THR C 143 27.56 2.99 34.51
CA THR C 143 27.44 1.54 34.68
C THR C 143 26.10 1.18 35.33
N VAL C 144 25.35 0.22 34.73
CA VAL C 144 24.02 -0.27 35.17
C VAL C 144 24.15 -1.70 35.75
N THR C 145 23.73 -1.90 37.02
CA THR C 145 23.80 -3.22 37.67
C THR C 145 22.43 -3.65 38.22
N ASN C 146 21.72 -2.71 38.85
CA ASN C 146 20.46 -2.96 39.52
C ASN C 146 19.29 -2.86 38.57
N ALA C 147 18.38 -3.83 38.66
CA ALA C 147 17.20 -3.79 37.81
C ALA C 147 16.03 -4.57 38.37
N VAL C 148 14.85 -4.25 37.87
CA VAL C 148 13.64 -4.95 38.23
C VAL C 148 13.27 -5.65 36.94
N VAL C 149 13.06 -6.96 37.01
CA VAL C 149 12.72 -7.77 35.85
C VAL C 149 11.31 -8.30 35.97
N THR C 150 10.55 -8.19 34.88
CA THR C 150 9.16 -8.62 34.88
C THR C 150 8.97 -10.03 34.31
N VAL C 151 7.96 -10.74 34.87
CA VAL C 151 7.55 -12.09 34.53
C VAL C 151 6.01 -12.12 34.40
N PRO C 152 5.40 -13.04 33.59
CA PRO C 152 3.93 -13.10 33.56
C PRO C 152 3.37 -13.61 34.88
N ALA C 153 2.14 -13.21 35.22
CA ALA C 153 1.46 -13.59 36.46
C ALA C 153 1.26 -15.12 36.64
N TYR C 154 1.16 -15.87 35.52
CA TYR C 154 0.99 -17.33 35.48
C TYR C 154 2.33 -18.11 35.64
N PHE C 155 3.48 -17.41 35.72
CA PHE C 155 4.77 -18.10 35.88
C PHE C 155 4.79 -18.84 37.20
N ASN C 156 5.35 -20.04 37.21
CA ASN C 156 5.43 -20.83 38.44
C ASN C 156 6.73 -20.58 39.17
N ASP C 157 6.98 -21.31 40.25
CA ASP C 157 8.20 -21.12 41.02
C ASP C 157 9.43 -21.41 40.18
N SER C 158 9.37 -22.48 39.40
CA SER C 158 10.49 -22.86 38.56
C SER C 158 10.76 -21.83 37.48
N GLN C 159 9.70 -21.32 36.85
CA GLN C 159 9.84 -20.32 35.81
C GLN C 159 10.37 -18.98 36.33
N ARG C 160 9.87 -18.56 37.48
CA ARG C 160 10.30 -17.30 38.08
C ARG C 160 11.76 -17.34 38.50
N GLN C 161 12.18 -18.47 39.09
CA GLN C 161 13.55 -18.62 39.52
C GLN C 161 14.50 -18.58 38.34
N ALA C 162 14.11 -19.24 37.26
CA ALA C 162 14.94 -19.28 36.06
C ALA C 162 15.16 -17.89 35.50
N THR C 163 14.13 -17.06 35.58
CA THR C 163 14.21 -15.67 35.10
C THR C 163 15.19 -14.90 35.98
N LYS C 164 15.09 -15.08 37.32
CA LYS C 164 15.99 -14.44 38.26
C LYS C 164 17.43 -14.90 37.96
N ASP C 165 17.62 -16.22 37.66
CA ASP C 165 18.92 -16.82 37.28
C ASP C 165 19.48 -16.20 36.01
N ALA C 166 18.63 -15.92 35.00
CA ALA C 166 19.05 -15.21 33.77
C ALA C 166 19.65 -13.82 34.13
N GLY C 167 18.99 -13.09 35.02
CA GLY C 167 19.46 -11.80 35.53
C GLY C 167 20.84 -11.89 36.17
N THR C 168 21.02 -12.87 37.08
CA THR C 168 22.27 -13.16 37.79
C THR C 168 23.42 -13.45 36.80
N ILE C 169 23.19 -14.39 35.86
CA ILE C 169 24.16 -14.77 34.82
C ILE C 169 24.61 -13.54 34.02
N ALA C 170 23.67 -12.59 33.76
CA ALA C 170 23.90 -11.35 33.00
C ALA C 170 24.66 -10.25 33.77
N GLY C 171 25.03 -10.56 35.02
CA GLY C 171 25.73 -9.62 35.90
C GLY C 171 24.85 -8.55 36.48
N LEU C 172 23.53 -8.84 36.55
CA LEU C 172 22.52 -7.93 37.10
C LEU C 172 22.20 -8.27 38.54
N ASN C 173 21.87 -7.23 39.29
CA ASN C 173 21.46 -7.35 40.65
C ASN C 173 19.96 -7.19 40.53
N VAL C 174 19.23 -8.29 40.62
CA VAL C 174 17.76 -8.28 40.50
C VAL C 174 17.15 -7.79 41.80
N LEU C 175 16.76 -6.50 41.81
CA LEU C 175 16.12 -5.85 42.96
C LEU C 175 14.82 -6.57 43.31
N ARG C 176 14.00 -6.85 42.31
CA ARG C 176 12.76 -7.57 42.51
C ARG C 176 12.23 -8.13 41.21
N ILE C 177 11.39 -9.14 41.30
CA ILE C 177 10.76 -9.73 40.15
C ILE C 177 9.29 -9.38 40.33
N ILE C 178 8.68 -8.73 39.36
CA ILE C 178 7.28 -8.36 39.49
C ILE C 178 6.45 -8.78 38.29
N ASN C 179 5.19 -9.10 38.56
CA ASN C 179 4.25 -9.56 37.53
C ASN C 179 4.11 -8.51 36.49
N GLU C 180 3.98 -8.93 35.24
CA GLU C 180 3.79 -8.01 34.13
C GLU C 180 2.50 -7.20 34.31
N PRO C 181 1.33 -7.78 34.69
CA PRO C 181 0.14 -6.95 34.89
C PRO C 181 0.24 -6.03 36.10
N THR C 182 1.04 -6.41 37.12
CA THR C 182 1.28 -5.56 38.28
C THR C 182 2.11 -4.37 37.82
N ALA C 183 3.13 -4.61 36.96
CA ALA C 183 4.00 -3.57 36.39
C ALA C 183 3.18 -2.56 35.62
N ALA C 184 2.25 -3.02 34.77
CA ALA C 184 1.38 -2.14 33.98
C ALA C 184 0.47 -1.28 34.88
N ALA C 185 -0.04 -1.84 35.99
CA ALA C 185 -0.89 -1.11 36.95
C ALA C 185 -0.06 -0.03 37.67
N ILE C 186 1.18 -0.36 38.06
CA ILE C 186 2.13 0.58 38.69
C ILE C 186 2.41 1.78 37.75
N ALA C 187 2.61 1.52 36.43
CA ALA C 187 2.87 2.52 35.38
C ALA C 187 1.79 3.60 35.33
N TYR C 188 0.51 3.20 35.54
CA TYR C 188 -0.66 4.08 35.55
C TYR C 188 -1.04 4.63 36.95
N GLY C 189 -0.24 4.29 37.98
CA GLY C 189 -0.45 4.69 39.37
C GLY C 189 -1.82 4.28 39.89
N LEU C 190 -2.24 3.04 39.57
CA LEU C 190 -3.54 2.51 39.99
C LEU C 190 -3.56 2.10 41.48
N ASP C 191 -2.37 2.00 42.07
CA ASP C 191 -2.18 1.67 43.48
C ASP C 191 -2.13 2.93 44.37
N LYS C 192 -2.07 4.09 43.73
CA LYS C 192 -2.02 5.41 44.38
C LYS C 192 -3.37 6.14 44.37
N LYS C 193 -4.33 5.60 43.64
CA LYS C 193 -5.66 6.21 43.56
C LYS C 193 -6.40 6.11 44.89
N VAL C 194 -7.05 7.19 45.29
CA VAL C 194 -7.80 7.22 46.53
C VAL C 194 -9.11 6.44 46.42
N GLY C 195 -9.50 5.76 47.49
CA GLY C 195 -10.73 5.00 47.46
C GLY C 195 -10.66 3.62 48.06
N ALA C 196 -11.66 2.81 47.73
CA ALA C 196 -11.76 1.44 48.19
C ALA C 196 -10.95 0.54 47.28
N GLU C 197 -11.09 -0.77 47.45
CA GLU C 197 -10.34 -1.73 46.65
C GLU C 197 -10.67 -1.55 45.18
N ARG C 198 -9.66 -1.74 44.33
CA ARG C 198 -9.83 -1.59 42.89
C ARG C 198 -9.60 -2.88 42.12
N ASN C 199 -10.51 -3.18 41.20
CA ASN C 199 -10.44 -4.37 40.37
C ASN C 199 -9.95 -3.89 39.03
N VAL C 200 -8.82 -4.44 38.61
CA VAL C 200 -8.17 -4.02 37.39
C VAL C 200 -8.00 -5.13 36.38
N LEU C 201 -8.36 -4.84 35.15
CA LEU C 201 -8.21 -5.80 34.08
C LEU C 201 -7.09 -5.35 33.16
N ILE C 202 -6.14 -6.24 32.93
CA ILE C 202 -5.03 -5.93 32.05
C ILE C 202 -5.27 -6.72 30.78
N PHE C 203 -5.31 -6.00 29.67
CA PHE C 203 -5.55 -6.57 28.36
C PHE C 203 -4.24 -6.48 27.59
N ASP C 204 -3.46 -7.56 27.66
CA ASP C 204 -2.13 -7.65 27.04
C ASP C 204 -2.13 -8.44 25.72
N LEU C 205 -2.15 -7.71 24.59
CA LEU C 205 -2.17 -8.31 23.23
C LEU C 205 -0.97 -7.80 22.43
N GLY C 206 0.10 -8.56 22.48
CA GLY C 206 1.34 -8.21 21.81
C GLY C 206 2.44 -9.18 22.13
N GLY C 207 3.44 -9.23 21.23
CA GLY C 207 4.58 -10.12 21.37
C GLY C 207 4.23 -11.59 21.24
N GLY C 208 3.32 -11.89 20.28
CA GLY C 208 2.85 -13.23 19.92
C GLY C 208 1.98 -13.99 20.91
N THR C 209 1.72 -13.41 22.10
CA THR C 209 0.89 -13.97 23.17
C THR C 209 -0.27 -13.01 23.49
N PHE C 210 -1.32 -13.56 24.08
CA PHE C 210 -2.47 -12.79 24.51
C PHE C 210 -2.67 -13.16 25.98
N ASP C 211 -2.58 -12.17 26.85
CA ASP C 211 -2.76 -12.42 28.27
C ASP C 211 -3.79 -11.49 28.88
N VAL C 212 -4.73 -12.06 29.61
CA VAL C 212 -5.73 -11.25 30.28
C VAL C 212 -5.58 -11.54 31.76
N SER C 213 -5.37 -10.49 32.55
CA SER C 213 -5.20 -10.67 33.99
C SER C 213 -6.15 -9.75 34.75
N ILE C 214 -6.63 -10.21 35.90
CA ILE C 214 -7.48 -9.40 36.73
C ILE C 214 -6.81 -9.22 38.08
N LEU C 215 -6.70 -7.97 38.51
CA LEU C 215 -6.04 -7.68 39.77
C LEU C 215 -6.91 -6.90 40.73
N THR C 216 -6.69 -7.16 42.01
CA THR C 216 -7.39 -6.44 43.05
C THR C 216 -6.34 -5.70 43.87
N ILE C 217 -6.49 -4.40 43.97
CA ILE C 217 -5.60 -3.54 44.71
C ILE C 217 -6.35 -2.99 45.91
N GLU C 218 -5.87 -3.35 47.10
CA GLU C 218 -6.41 -2.93 48.36
C GLU C 218 -5.21 -2.56 49.22
N ASP C 219 -5.17 -1.28 49.64
CA ASP C 219 -4.11 -0.68 50.46
C ASP C 219 -2.73 -0.91 49.82
N GLY C 220 -2.66 -0.75 48.49
CA GLY C 220 -1.43 -0.92 47.74
C GLY C 220 -0.90 -2.33 47.54
N ILE C 221 -1.65 -3.33 48.00
CA ILE C 221 -1.32 -4.75 47.83
C ILE C 221 -1.99 -5.19 46.53
N PHE C 222 -1.24 -5.93 45.68
CA PHE C 222 -1.77 -6.47 44.43
C PHE C 222 -2.02 -7.97 44.58
N GLU C 223 -3.26 -8.39 44.29
CA GLU C 223 -3.67 -9.79 44.35
C GLU C 223 -4.11 -10.18 42.95
N VAL C 224 -3.55 -11.27 42.42
CA VAL C 224 -3.93 -11.78 41.11
C VAL C 224 -5.17 -12.63 41.35
N LYS C 225 -6.32 -12.18 40.82
CA LYS C 225 -7.60 -12.90 41.01
C LYS C 225 -7.86 -13.95 39.95
N SER C 226 -7.33 -13.76 38.71
CA SER C 226 -7.45 -14.68 37.58
C SER C 226 -6.53 -14.28 36.42
N THR C 227 -6.14 -15.28 35.60
CA THR C 227 -5.34 -15.13 34.37
C THR C 227 -5.97 -15.99 33.29
N ALA C 228 -6.11 -15.45 32.07
CA ALA C 228 -6.72 -16.12 30.91
C ALA C 228 -6.05 -15.63 29.64
N GLY C 229 -6.40 -16.17 28.47
CA GLY C 229 -5.81 -15.76 27.21
C GLY C 229 -5.57 -16.86 26.20
N ASP C 230 -4.80 -16.51 25.16
CA ASP C 230 -4.42 -17.40 24.09
C ASP C 230 -2.90 -17.30 23.98
N THR C 231 -2.22 -18.43 24.06
CA THR C 231 -0.77 -18.49 24.01
C THR C 231 -0.11 -17.98 22.72
N HIS C 232 -0.75 -18.23 21.59
CA HIS C 232 -0.23 -17.85 20.29
C HIS C 232 -1.00 -16.82 19.47
N LEU C 233 -1.71 -15.91 20.12
CA LEU C 233 -2.50 -14.90 19.39
C LEU C 233 -1.79 -13.57 19.48
N GLY C 234 -1.63 -12.95 18.33
CA GLY C 234 -0.96 -11.65 18.23
C GLY C 234 -1.14 -11.02 16.89
N GLY C 235 -0.36 -9.97 16.66
CA GLY C 235 -0.34 -9.18 15.42
C GLY C 235 -0.06 -9.95 14.15
N GLU C 236 0.78 -11.01 14.24
CA GLU C 236 1.14 -11.84 13.10
C GLU C 236 -0.07 -12.48 12.46
N ASP C 237 -1.05 -12.90 13.29
CA ASP C 237 -2.31 -13.50 12.87
C ASP C 237 -3.14 -12.51 12.07
N PHE C 238 -3.04 -11.20 12.41
CA PHE C 238 -3.77 -10.15 11.69
C PHE C 238 -3.11 -9.84 10.36
N ASP C 239 -1.79 -10.04 10.27
CA ASP C 239 -0.97 -9.84 9.07
C ASP C 239 -1.27 -10.94 8.06
N ASN C 240 -1.38 -12.22 8.54
CA ASN C 240 -1.67 -13.39 7.70
C ASN C 240 -2.98 -13.20 6.96
N ARG C 241 -4.01 -12.67 7.65
CA ARG C 241 -5.34 -12.39 7.10
C ARG C 241 -5.28 -11.36 5.98
N MET C 242 -4.43 -10.35 6.16
CA MET C 242 -4.18 -9.33 5.16
C MET C 242 -3.43 -9.90 3.94
N VAL C 243 -2.41 -10.71 4.22
CA VAL C 243 -1.59 -11.36 3.19
C VAL C 243 -2.47 -12.27 2.33
N ASN C 244 -3.29 -13.08 2.99
CA ASN C 244 -4.21 -13.96 2.32
C ASN C 244 -5.21 -13.18 1.50
N HIS C 245 -5.64 -12.04 2.01
CA HIS C 245 -6.57 -11.22 1.28
C HIS C 245 -5.92 -10.74 -0.01
N PHE C 246 -4.67 -10.31 0.07
CA PHE C 246 -3.95 -9.85 -1.10
C PHE C 246 -3.62 -10.95 -2.14
N ILE C 247 -3.26 -12.13 -1.67
CA ILE C 247 -2.97 -13.24 -2.58
C ILE C 247 -4.23 -13.59 -3.36
N ALA C 248 -5.36 -13.62 -2.66
CA ALA C 248 -6.68 -13.88 -3.25
C ALA C 248 -7.01 -12.81 -4.30
N GLU C 249 -6.68 -11.53 -3.98
CA GLU C 249 -6.87 -10.36 -4.85
C GLU C 249 -6.01 -10.48 -6.11
N PHE C 250 -4.69 -10.79 -5.95
CA PHE C 250 -3.76 -10.96 -7.08
C PHE C 250 -4.23 -12.15 -8.00
N LYS C 251 -4.82 -13.21 -7.39
CA LYS C 251 -5.36 -14.35 -8.14
C LYS C 251 -6.59 -13.91 -8.94
N ARG C 252 -7.53 -13.16 -8.31
CA ARG C 252 -8.73 -12.66 -8.96
C ARG C 252 -8.38 -11.74 -10.13
N LYS C 253 -7.43 -10.80 -9.93
CA LYS C 253 -7.02 -9.82 -10.93
C LYS C 253 -6.10 -10.36 -12.02
N HIS C 254 -5.03 -11.07 -11.66
CA HIS C 254 -4.07 -11.56 -12.64
C HIS C 254 -4.04 -13.07 -12.92
N LYS C 255 -4.92 -13.81 -12.26
CA LYS C 255 -5.02 -15.27 -12.40
C LYS C 255 -3.64 -15.96 -12.20
N LYS C 256 -2.84 -15.42 -11.26
CA LYS C 256 -1.53 -15.93 -10.87
C LYS C 256 -1.42 -16.12 -9.36
N ASP C 257 -0.76 -17.21 -8.96
CA ASP C 257 -0.53 -17.61 -7.57
C ASP C 257 0.89 -17.21 -7.13
N ILE C 258 1.00 -16.23 -6.23
CA ILE C 258 2.30 -15.73 -5.76
C ILE C 258 2.81 -16.47 -4.54
N SER C 259 1.93 -17.26 -3.87
CA SER C 259 2.20 -17.96 -2.61
C SER C 259 3.37 -18.96 -2.66
N GLU C 260 3.71 -19.52 -3.81
CA GLU C 260 4.84 -20.43 -3.82
C GLU C 260 6.18 -19.69 -4.03
N ASN C 261 6.14 -18.36 -4.30
CA ASN C 261 7.32 -17.52 -4.42
C ASN C 261 7.57 -16.83 -3.07
N LYS C 262 8.53 -17.34 -2.27
CA LYS C 262 8.84 -16.84 -0.92
C LYS C 262 9.20 -15.34 -0.87
N ARG C 263 9.90 -14.83 -1.90
CA ARG C 263 10.30 -13.42 -1.98
C ARG C 263 9.14 -12.46 -2.27
N ALA C 264 8.18 -12.88 -3.11
CA ALA C 264 7.00 -12.07 -3.45
C ALA C 264 6.15 -12.00 -2.20
N VAL C 265 5.90 -13.16 -1.52
CA VAL C 265 5.12 -13.27 -0.26
C VAL C 265 5.77 -12.42 0.84
N ARG C 266 7.12 -12.44 0.98
CA ARG C 266 7.80 -11.63 1.97
C ARG C 266 7.58 -10.16 1.69
N ARG C 267 7.71 -9.73 0.41
CA ARG C 267 7.55 -8.32 0.00
C ARG C 267 6.16 -7.86 0.37
N LEU C 268 5.15 -8.69 0.07
CA LEU C 268 3.75 -8.45 0.37
C LEU C 268 3.52 -8.40 1.89
N ARG C 269 4.03 -9.40 2.66
CA ARG C 269 3.89 -9.48 4.12
C ARG C 269 4.41 -8.24 4.84
N THR C 270 5.60 -7.78 4.43
CA THR C 270 6.27 -6.61 5.01
C THR C 270 5.46 -5.36 4.74
N ALA C 271 4.84 -5.28 3.56
CA ALA C 271 4.01 -4.17 3.15
C ALA C 271 2.72 -4.19 3.98
N CYS C 272 2.21 -5.42 4.31
CA CYS C 272 1.00 -5.63 5.14
C CYS C 272 1.22 -5.20 6.58
N GLU C 273 2.35 -5.61 7.20
CA GLU C 273 2.73 -5.21 8.58
C GLU C 273 2.74 -3.68 8.70
N ARG C 274 3.30 -2.98 7.68
CA ARG C 274 3.39 -1.53 7.64
C ARG C 274 2.00 -0.88 7.45
N ALA C 275 1.17 -1.46 6.56
CA ALA C 275 -0.19 -1.00 6.26
C ALA C 275 -1.10 -1.16 7.46
N LYS C 276 -0.96 -2.25 8.24
CA LYS C 276 -1.71 -2.52 9.46
C LYS C 276 -1.47 -1.37 10.47
N ARG C 277 -0.19 -1.00 10.71
CA ARG C 277 0.21 0.07 11.63
C ARG C 277 -0.41 1.43 11.22
N THR C 278 -0.40 1.76 9.91
CA THR C 278 -1.00 2.96 9.30
C THR C 278 -2.51 3.00 9.57
N LEU C 279 -3.19 1.84 9.47
CA LEU C 279 -4.62 1.71 9.67
C LEU C 279 -5.07 1.90 11.15
N SER C 280 -4.10 1.99 12.05
CA SER C 280 -4.33 2.30 13.45
C SER C 280 -4.71 3.78 13.54
N SER C 281 -4.04 4.60 12.74
CA SER C 281 -4.29 6.03 12.73
C SER C 281 -4.93 6.59 11.46
N SER C 282 -5.13 5.77 10.44
CA SER C 282 -5.72 6.23 9.21
C SER C 282 -6.81 5.27 8.79
N THR C 283 -7.75 5.73 7.98
CA THR C 283 -8.84 4.84 7.55
C THR C 283 -8.51 4.09 6.26
N GLN C 284 -7.37 4.41 5.63
CA GLN C 284 -6.93 3.76 4.38
C GLN C 284 -5.40 3.69 4.34
N ALA C 285 -4.85 2.57 3.81
CA ALA C 285 -3.40 2.39 3.63
C ALA C 285 -3.17 1.98 2.20
N SER C 286 -2.25 2.67 1.53
CA SER C 286 -1.91 2.37 0.13
C SER C 286 -0.62 1.57 0.02
N ILE C 287 -0.58 0.67 -0.98
CA ILE C 287 0.57 -0.18 -1.25
C ILE C 287 0.92 -0.12 -2.75
N GLU C 288 2.18 0.13 -3.09
CA GLU C 288 2.69 0.10 -4.46
C GLU C 288 3.94 -0.80 -4.51
N ILE C 289 3.81 -2.01 -5.05
CA ILE C 289 4.90 -2.97 -5.17
C ILE C 289 5.17 -3.24 -6.65
N ASP C 290 6.31 -2.73 -7.16
CA ASP C 290 6.69 -2.96 -8.55
C ASP C 290 7.19 -4.38 -8.77
N SER C 291 6.79 -4.96 -9.93
CA SER C 291 7.21 -6.28 -10.36
C SER C 291 7.19 -7.28 -9.18
N LEU C 292 6.03 -7.41 -8.51
CA LEU C 292 5.85 -8.30 -7.37
C LEU C 292 6.00 -9.78 -7.78
N TYR C 293 5.36 -10.16 -8.90
CA TYR C 293 5.40 -11.52 -9.40
C TYR C 293 5.19 -11.49 -10.90
N GLU C 294 6.12 -12.14 -11.62
CA GLU C 294 6.12 -12.26 -13.07
C GLU C 294 5.98 -10.89 -13.77
N GLY C 295 6.70 -9.89 -13.25
CA GLY C 295 6.74 -8.53 -13.77
C GLY C 295 5.56 -7.65 -13.44
N ILE C 296 4.48 -8.24 -12.89
CA ILE C 296 3.23 -7.57 -12.55
C ILE C 296 3.37 -6.64 -11.34
N ASP C 297 3.07 -5.36 -11.57
CA ASP C 297 3.09 -4.33 -10.53
C ASP C 297 1.81 -4.47 -9.72
N PHE C 298 1.95 -4.47 -8.39
CA PHE C 298 0.83 -4.60 -7.47
C PHE C 298 0.55 -3.27 -6.72
N TYR C 299 -0.34 -2.46 -7.31
CA TYR C 299 -0.75 -1.18 -6.76
C TYR C 299 -2.13 -1.39 -6.21
N THR C 300 -2.22 -1.37 -4.89
CA THR C 300 -3.45 -1.64 -4.16
C THR C 300 -3.63 -0.70 -2.97
N SER C 301 -4.73 -0.91 -2.23
CA SER C 301 -5.08 -0.20 -1.02
C SER C 301 -6.01 -1.04 -0.17
N ILE C 302 -5.99 -0.79 1.15
CA ILE C 302 -6.87 -1.47 2.12
C ILE C 302 -7.46 -0.43 3.07
N THR C 303 -8.78 -0.47 3.28
CA THR C 303 -9.44 0.42 4.23
C THR C 303 -9.40 -0.23 5.61
N ARG C 304 -9.55 0.58 6.66
CA ARG C 304 -9.60 0.09 8.05
C ARG C 304 -10.79 -0.86 8.21
N ALA C 305 -11.89 -0.52 7.54
CA ALA C 305 -13.12 -1.31 7.51
C ALA C 305 -12.85 -2.74 6.98
N ARG C 306 -12.08 -2.89 5.89
CA ARG C 306 -11.78 -4.21 5.32
C ARG C 306 -10.83 -5.02 6.20
N PHE C 307 -9.83 -4.35 6.83
CA PHE C 307 -8.87 -4.98 7.75
C PHE C 307 -9.63 -5.58 8.95
N GLU C 308 -10.63 -4.85 9.45
CA GLU C 308 -11.52 -5.24 10.55
C GLU C 308 -12.41 -6.42 10.20
N GLU C 309 -13.01 -6.44 8.97
CA GLU C 309 -13.83 -7.55 8.45
C GLU C 309 -12.97 -8.80 8.38
N LEU C 310 -11.79 -8.74 7.71
CA LEU C 310 -10.87 -9.88 7.53
C LEU C 310 -10.46 -10.53 8.86
N ASN C 311 -10.47 -9.72 9.95
CA ASN C 311 -10.02 -10.12 11.27
C ASN C 311 -11.15 -10.15 12.32
N ALA C 312 -12.42 -9.97 11.88
CA ALA C 312 -13.62 -9.92 12.72
C ALA C 312 -13.69 -10.99 13.79
N ASP C 313 -13.42 -12.27 13.43
CA ASP C 313 -13.47 -13.41 14.38
C ASP C 313 -12.36 -13.34 15.41
N LEU C 314 -11.16 -13.02 14.96
CA LEU C 314 -10.02 -12.89 15.86
C LEU C 314 -10.21 -11.74 16.83
N PHE C 315 -10.68 -10.60 16.34
CA PHE C 315 -10.91 -9.43 17.20
C PHE C 315 -12.01 -9.69 18.22
N ARG C 316 -13.08 -10.33 17.77
CA ARG C 316 -14.24 -10.66 18.59
C ARG C 316 -13.88 -11.65 19.69
N GLY C 317 -13.04 -12.62 19.33
CA GLY C 317 -12.56 -13.69 20.19
C GLY C 317 -11.71 -13.24 21.35
N THR C 318 -11.22 -11.98 21.33
CA THR C 318 -10.40 -11.41 22.42
C THR C 318 -11.24 -11.20 23.69
N LEU C 319 -12.58 -11.09 23.55
CA LEU C 319 -13.50 -10.90 24.68
C LEU C 319 -13.82 -12.19 25.41
N ASP C 320 -13.62 -13.34 24.76
CA ASP C 320 -13.90 -14.59 25.44
C ASP C 320 -12.98 -14.79 26.62
N PRO C 321 -11.71 -14.50 26.47
CA PRO C 321 -10.74 -14.64 27.56
C PRO C 321 -11.08 -13.69 28.72
N VAL C 322 -11.60 -12.52 28.39
CA VAL C 322 -12.01 -11.53 29.38
C VAL C 322 -13.17 -12.06 30.20
N GLU C 323 -14.15 -12.66 29.53
CA GLU C 323 -15.31 -13.23 30.19
C GLU C 323 -14.87 -14.36 31.09
N LYS C 324 -13.95 -15.17 30.58
CA LYS C 324 -13.41 -16.29 31.31
C LYS C 324 -12.67 -15.79 32.55
N ALA C 325 -11.93 -14.71 32.40
CA ALA C 325 -11.18 -14.11 33.50
C ALA C 325 -12.11 -13.60 34.59
N LEU C 326 -13.18 -12.94 34.17
CA LEU C 326 -14.23 -12.38 35.05
C LEU C 326 -14.95 -13.49 35.83
N ARG C 327 -15.22 -14.65 35.17
CA ARG C 327 -15.85 -15.81 35.81
C ARG C 327 -14.94 -16.35 36.94
N ASP C 328 -13.66 -16.65 36.62
CA ASP C 328 -12.66 -17.16 37.56
C ASP C 328 -12.37 -16.24 38.73
N ALA C 329 -12.42 -14.90 38.51
CA ALA C 329 -12.19 -13.90 39.54
C ALA C 329 -13.46 -13.62 40.37
N LYS C 330 -14.59 -14.32 40.02
CA LYS C 330 -15.91 -14.20 40.66
C LYS C 330 -16.43 -12.74 40.61
N LEU C 331 -16.11 -12.03 39.50
CA LEU C 331 -16.50 -10.63 39.27
C LEU C 331 -17.41 -10.44 38.05
N ASP C 332 -18.28 -9.44 38.14
CA ASP C 332 -19.14 -8.97 37.07
C ASP C 332 -18.33 -7.86 36.36
N LYS C 333 -18.54 -7.66 35.05
CA LYS C 333 -17.83 -6.63 34.27
C LYS C 333 -18.03 -5.22 34.83
N SER C 334 -19.14 -4.98 35.55
CA SER C 334 -19.48 -3.71 36.19
C SER C 334 -18.57 -3.41 37.43
N GLN C 335 -17.90 -4.47 37.94
CA GLN C 335 -17.02 -4.44 39.11
C GLN C 335 -15.58 -4.08 38.75
N ILE C 336 -15.32 -3.87 37.47
CA ILE C 336 -13.98 -3.51 37.02
C ILE C 336 -13.76 -1.99 36.96
N HIS C 337 -12.94 -1.50 37.87
CA HIS C 337 -12.59 -0.08 37.97
C HIS C 337 -11.70 0.50 36.86
N ASP C 338 -10.64 -0.22 36.53
CA ASP C 338 -9.68 0.23 35.52
C ASP C 338 -9.31 -0.83 34.50
N ILE C 339 -9.17 -0.42 33.25
CA ILE C 339 -8.80 -1.32 32.18
C ILE C 339 -7.48 -0.84 31.59
N VAL C 340 -6.48 -1.71 31.53
CA VAL C 340 -5.18 -1.31 31.01
C VAL C 340 -4.79 -2.01 29.71
N LEU C 341 -4.47 -1.23 28.69
CA LEU C 341 -4.04 -1.76 27.40
C LEU C 341 -2.50 -1.94 27.35
N VAL C 342 -2.04 -3.16 27.01
CA VAL C 342 -0.62 -3.52 26.94
C VAL C 342 -0.40 -4.31 25.63
N GLY C 343 0.74 -4.14 24.98
CA GLY C 343 1.07 -4.80 23.72
C GLY C 343 0.69 -3.94 22.54
N GLY C 344 1.51 -3.98 21.50
CA GLY C 344 1.30 -3.17 20.31
C GLY C 344 -0.02 -3.35 19.60
N SER C 345 -0.60 -4.55 19.65
CA SER C 345 -1.85 -4.84 18.96
C SER C 345 -3.08 -4.15 19.59
N THR C 346 -2.95 -3.62 20.83
CA THR C 346 -4.03 -2.87 21.50
C THR C 346 -4.20 -1.46 20.89
N ARG C 347 -3.28 -1.06 20.00
CA ARG C 347 -3.35 0.18 19.26
C ARG C 347 -4.41 0.08 18.19
N ILE C 348 -4.84 -1.16 17.81
CA ILE C 348 -5.87 -1.41 16.80
C ILE C 348 -7.18 -0.80 17.28
N PRO C 349 -7.70 0.23 16.55
CA PRO C 349 -8.93 0.92 17.00
C PRO C 349 -10.15 0.03 17.25
N LYS C 350 -10.33 -1.07 16.48
CA LYS C 350 -11.49 -1.95 16.64
C LYS C 350 -11.42 -2.74 17.95
N ILE C 351 -10.22 -3.17 18.32
CA ILE C 351 -10.03 -3.91 19.55
C ILE C 351 -10.43 -3.00 20.70
N GLN C 352 -10.07 -1.73 20.59
CA GLN C 352 -10.42 -0.75 21.59
C GLN C 352 -11.92 -0.51 21.66
N LYS C 353 -12.58 -0.41 20.51
CA LYS C 353 -14.01 -0.19 20.45
C LYS C 353 -14.75 -1.36 21.03
N LEU C 354 -14.32 -2.55 20.67
CA LEU C 354 -14.91 -3.80 21.17
C LEU C 354 -14.81 -3.90 22.69
N LEU C 355 -13.61 -3.68 23.23
CA LEU C 355 -13.33 -3.74 24.67
C LEU C 355 -14.04 -2.65 25.46
N GLN C 356 -14.08 -1.40 24.96
CA GLN C 356 -14.75 -0.28 25.64
C GLN C 356 -16.27 -0.47 25.64
N ASP C 357 -16.85 -0.98 24.53
CA ASP C 357 -18.28 -1.28 24.38
C ASP C 357 -18.69 -2.36 25.37
N PHE C 358 -17.82 -3.36 25.57
CA PHE C 358 -17.99 -4.45 26.54
C PHE C 358 -18.11 -3.87 27.94
N PHE C 359 -17.24 -2.90 28.29
CA PHE C 359 -17.26 -2.24 29.61
C PHE C 359 -18.14 -0.98 29.62
N ASN C 360 -19.18 -0.98 28.75
CA ASN C 360 -20.24 0.04 28.65
C ASN C 360 -19.70 1.47 28.58
N GLY C 361 -18.81 1.70 27.63
CA GLY C 361 -18.19 3.00 27.37
C GLY C 361 -17.13 3.50 28.34
N LYS C 362 -16.64 2.62 29.24
CA LYS C 362 -15.60 3.00 30.21
C LYS C 362 -14.30 3.31 29.47
N GLU C 363 -13.66 4.45 29.80
CA GLU C 363 -12.41 4.88 29.16
C GLU C 363 -11.30 3.90 29.53
N LEU C 364 -10.34 3.72 28.61
CA LEU C 364 -9.22 2.81 28.79
C LEU C 364 -7.93 3.57 29.09
N ASN C 365 -7.04 2.93 29.86
CA ASN C 365 -5.73 3.46 30.18
C ASN C 365 -4.82 3.05 29.02
N LYS C 366 -4.63 3.95 28.05
CA LYS C 366 -3.86 3.70 26.84
C LYS C 366 -2.79 4.75 26.49
N SER C 367 -2.63 5.83 27.31
CA SER C 367 -1.69 6.94 27.06
C SER C 367 -0.23 6.53 27.00
N ILE C 368 0.19 5.53 27.81
CA ILE C 368 1.56 4.99 27.82
C ILE C 368 1.65 4.03 26.63
N ASN C 369 2.78 4.02 25.93
CA ASN C 369 2.86 3.12 24.79
C ASN C 369 2.64 1.72 25.31
N PRO C 370 1.78 0.97 24.63
CA PRO C 370 1.43 -0.38 25.06
C PRO C 370 2.64 -1.30 25.13
N ASP C 371 3.57 -1.17 24.20
CA ASP C 371 4.79 -1.97 24.20
C ASP C 371 5.71 -1.61 25.37
N GLU C 372 5.73 -0.35 25.76
CA GLU C 372 6.56 0.12 26.86
C GLU C 372 5.93 0.20 28.26
N ALA C 373 4.63 -0.03 28.39
CA ALA C 373 3.90 0.04 29.67
C ALA C 373 4.43 -0.87 30.78
N VAL C 374 4.86 -2.09 30.46
CA VAL C 374 5.39 -3.03 31.45
C VAL C 374 6.78 -2.57 31.94
N ALA C 375 7.67 -2.16 31.00
CA ALA C 375 9.01 -1.64 31.29
C ALA C 375 8.91 -0.31 32.06
N TYR C 376 7.84 0.49 31.80
CA TYR C 376 7.57 1.76 32.46
C TYR C 376 7.32 1.48 33.97
N GLY C 377 6.40 0.54 34.28
CA GLY C 377 6.05 0.11 35.62
C GLY C 377 7.24 -0.44 36.37
N ALA C 378 8.03 -1.30 35.73
CA ALA C 378 9.26 -1.87 36.29
C ALA C 378 10.31 -0.80 36.61
N ALA C 379 10.46 0.24 35.75
CA ALA C 379 11.42 1.35 35.99
C ALA C 379 10.99 2.21 37.20
N VAL C 380 9.65 2.40 37.37
CA VAL C 380 9.06 3.11 38.51
C VAL C 380 9.41 2.29 39.77
N GLN C 381 9.20 0.98 39.73
CA GLN C 381 9.48 0.06 40.84
C GLN C 381 10.97 0.06 41.18
N ALA C 382 11.84 0.05 40.14
CA ALA C 382 13.30 0.10 40.28
C ALA C 382 13.72 1.37 41.02
N ALA C 383 13.11 2.49 40.68
CA ALA C 383 13.39 3.75 41.35
C ALA C 383 12.98 3.68 42.81
N ILE C 384 11.83 3.08 43.06
CA ILE C 384 11.29 2.95 44.41
C ILE C 384 12.18 2.09 45.31
N LEU C 385 12.75 1.04 44.75
CA LEU C 385 13.60 0.14 45.51
C LEU C 385 15.06 0.55 45.58
N SER C 386 15.43 1.60 44.86
CA SER C 386 16.82 2.05 44.87
C SER C 386 17.06 3.22 45.82
N SER D 5 5.65 20.01 -16.42
CA SER D 5 4.88 19.94 -15.17
C SER D 5 5.70 19.43 -13.97
N ASN D 6 7.04 19.47 -14.07
CA ASN D 6 8.03 19.04 -13.06
C ASN D 6 7.85 19.79 -11.76
N SER D 7 7.70 19.07 -10.66
CA SER D 7 7.45 19.67 -9.35
C SER D 7 8.63 19.55 -8.41
N PRO D 8 8.79 20.49 -7.43
CA PRO D 8 9.88 20.34 -6.45
C PRO D 8 9.68 19.09 -5.58
N GLN D 9 8.41 18.70 -5.32
CA GLN D 9 8.03 17.53 -4.51
C GLN D 9 8.64 16.24 -5.06
N GLU D 10 8.68 16.13 -6.39
CA GLU D 10 9.23 14.98 -7.11
C GLU D 10 10.73 14.90 -6.98
N GLU D 11 11.40 16.04 -6.81
CA GLU D 11 12.84 16.12 -6.60
C GLU D 11 13.23 15.34 -5.35
N VAL D 12 12.39 15.40 -4.31
CA VAL D 12 12.54 14.71 -3.02
C VAL D 12 12.52 13.20 -3.27
N GLU D 13 11.55 12.73 -4.09
CA GLU D 13 11.39 11.32 -4.39
C GLU D 13 12.50 10.76 -5.24
N LEU D 14 12.99 11.56 -6.19
CA LEU D 14 14.10 11.19 -7.10
C LEU D 14 15.41 11.13 -6.31
N LYS D 15 15.55 11.96 -5.26
CA LYS D 15 16.72 11.96 -4.37
C LYS D 15 16.72 10.68 -3.53
N LYS D 16 15.54 10.26 -3.02
CA LYS D 16 15.36 9.00 -2.28
C LYS D 16 15.78 7.81 -3.14
N LEU D 17 15.33 7.79 -4.43
CA LEU D 17 15.65 6.78 -5.43
C LEU D 17 17.14 6.73 -5.79
N LYS D 18 17.78 7.91 -5.95
CA LYS D 18 19.22 8.06 -6.23
C LYS D 18 20.07 7.46 -5.09
N HIS D 19 19.64 7.62 -3.84
CA HIS D 19 20.31 7.01 -2.69
C HIS D 19 20.21 5.48 -2.74
N LEU D 20 19.02 4.96 -3.07
CA LEU D 20 18.79 3.51 -3.18
C LEU D 20 19.59 2.94 -4.36
N GLU D 21 19.75 3.72 -5.47
CA GLU D 21 20.57 3.35 -6.64
C GLU D 21 22.03 3.18 -6.24
N LYS D 22 22.56 4.09 -5.39
CA LYS D 22 23.94 4.03 -4.89
C LYS D 22 24.12 2.83 -3.96
N SER D 23 23.10 2.53 -3.12
CA SER D 23 23.10 1.38 -2.22
C SER D 23 23.14 0.06 -3.01
N VAL D 24 22.35 -0.01 -4.12
CA VAL D 24 22.26 -1.17 -5.02
C VAL D 24 23.63 -1.36 -5.65
N GLU D 25 24.30 -0.25 -6.06
CA GLU D 25 25.64 -0.28 -6.63
C GLU D 25 26.64 -0.90 -5.65
N LYS D 26 26.57 -0.55 -4.35
CA LYS D 26 27.46 -1.10 -3.32
C LYS D 26 27.31 -2.64 -3.18
N ILE D 27 26.06 -3.13 -3.20
CA ILE D 27 25.73 -4.57 -3.11
C ILE D 27 26.17 -5.31 -4.40
N ALA D 28 25.96 -4.67 -5.58
CA ALA D 28 26.35 -5.19 -6.89
C ALA D 28 27.89 -5.44 -7.00
N ASP D 29 28.70 -4.59 -6.33
CA ASP D 29 30.15 -4.70 -6.23
C ASP D 29 30.53 -5.93 -5.38
N GLN D 30 29.74 -6.23 -4.34
CA GLN D 30 29.92 -7.41 -3.47
C GLN D 30 29.64 -8.67 -4.30
N LEU D 31 28.56 -8.62 -5.12
CA LEU D 31 28.18 -9.69 -6.02
C LEU D 31 29.26 -9.92 -7.07
N GLU D 32 29.91 -8.85 -7.59
CA GLU D 32 30.98 -9.02 -8.58
C GLU D 32 32.23 -9.65 -7.95
N GLU D 33 32.57 -9.28 -6.69
CA GLU D 33 33.70 -9.86 -5.94
C GLU D 33 33.42 -11.34 -5.66
N LEU D 34 32.15 -11.68 -5.35
CA LEU D 34 31.73 -13.06 -5.15
C LEU D 34 31.84 -13.82 -6.47
N ASN D 35 31.47 -13.19 -7.61
CA ASN D 35 31.54 -13.79 -8.94
C ASN D 35 33.00 -14.05 -9.35
N LYS D 36 33.92 -13.13 -8.97
CA LYS D 36 35.35 -13.23 -9.25
C LYS D 36 35.99 -14.30 -8.37
N GLU D 37 35.59 -14.44 -7.09
CA GLU D 37 36.14 -15.47 -6.21
C GLU D 37 35.64 -16.86 -6.56
N LEU D 38 34.47 -16.93 -7.25
CA LEU D 38 33.83 -18.16 -7.72
C LEU D 38 34.65 -18.71 -8.91
N THR D 39 35.03 -17.81 -9.84
CA THR D 39 35.83 -18.13 -11.01
C THR D 39 37.23 -18.52 -10.56
N GLY D 40 37.73 -17.83 -9.53
CA GLY D 40 39.00 -18.08 -8.87
C GLY D 40 39.14 -19.51 -8.32
N ILE D 41 38.04 -20.06 -7.74
CA ILE D 41 38.02 -21.43 -7.22
C ILE D 41 37.87 -22.46 -8.37
N GLN D 42 36.82 -22.27 -9.22
CA GLN D 42 36.47 -23.13 -10.36
C GLN D 42 37.64 -23.38 -11.33
N GLN D 43 38.42 -22.32 -11.61
CA GLN D 43 39.61 -22.35 -12.44
C GLN D 43 40.86 -22.16 -11.50
N GLY D 44 41.00 -23.09 -10.55
CA GLY D 44 42.08 -23.10 -9.57
C GLY D 44 42.85 -24.40 -9.49
N PHE D 45 43.93 -24.40 -8.68
CA PHE D 45 44.79 -25.58 -8.51
C PHE D 45 44.28 -26.59 -7.46
N LEU D 46 43.06 -26.39 -6.95
CA LEU D 46 42.47 -27.31 -5.97
C LEU D 46 41.79 -28.51 -6.64
N PRO D 47 41.84 -29.73 -6.03
CA PRO D 47 41.15 -30.89 -6.64
C PRO D 47 39.64 -30.85 -6.39
N LYS D 48 38.86 -31.61 -7.21
CA LYS D 48 37.39 -31.72 -7.19
C LYS D 48 36.72 -31.68 -5.79
N ASP D 49 37.31 -32.37 -4.79
CA ASP D 49 36.80 -32.47 -3.41
C ASP D 49 37.24 -31.34 -2.44
N LEU D 50 38.18 -30.49 -2.86
CA LEU D 50 38.67 -29.41 -2.01
C LEU D 50 38.22 -28.04 -2.51
N GLN D 51 37.87 -27.98 -3.83
CA GLN D 51 37.34 -26.82 -4.53
C GLN D 51 35.86 -26.72 -4.20
N ALA D 52 35.19 -27.90 -4.07
CA ALA D 52 33.78 -28.01 -3.71
C ALA D 52 33.53 -27.48 -2.30
N GLU D 53 34.47 -27.75 -1.36
CA GLU D 53 34.40 -27.29 0.03
C GLU D 53 34.67 -25.78 0.13
N ALA D 54 35.44 -25.24 -0.82
CA ALA D 54 35.83 -23.83 -0.86
C ALA D 54 34.71 -22.96 -1.40
N LEU D 55 33.88 -23.50 -2.32
CA LEU D 55 32.74 -22.79 -2.91
C LEU D 55 31.63 -22.65 -1.88
N CYS D 56 31.49 -23.67 -1.01
CA CYS D 56 30.48 -23.65 0.05
C CYS D 56 30.80 -22.59 1.10
N LYS D 57 32.08 -22.15 1.16
CA LYS D 57 32.54 -21.10 2.06
C LYS D 57 32.00 -19.72 1.66
N LEU D 58 31.54 -19.57 0.39
CA LEU D 58 30.95 -18.33 -0.17
C LEU D 58 29.42 -18.32 0.01
N ASP D 59 28.84 -19.37 0.65
CA ASP D 59 27.39 -19.48 0.86
C ASP D 59 26.87 -18.35 1.71
N ARG D 60 27.52 -18.10 2.89
CA ARG D 60 27.15 -17.05 3.85
C ARG D 60 27.09 -15.68 3.18
N ARG D 61 28.08 -15.39 2.32
CA ARG D 61 28.21 -14.14 1.60
C ARG D 61 27.16 -13.94 0.51
N VAL D 62 26.82 -15.00 -0.27
CA VAL D 62 25.81 -14.89 -1.33
C VAL D 62 24.42 -14.67 -0.68
N LYS D 63 24.17 -15.34 0.45
CA LYS D 63 22.96 -15.24 1.24
C LYS D 63 22.79 -13.83 1.83
N ALA D 64 23.91 -13.24 2.32
CA ALA D 64 23.97 -11.87 2.84
C ALA D 64 23.74 -10.85 1.71
N THR D 65 24.23 -11.14 0.49
CA THR D 65 24.03 -10.29 -0.70
C THR D 65 22.56 -10.32 -1.12
N ILE D 66 21.93 -11.52 -1.12
CA ILE D 66 20.52 -11.72 -1.43
C ILE D 66 19.65 -10.95 -0.41
N GLU D 67 19.98 -11.08 0.88
CA GLU D 67 19.27 -10.40 1.95
C GLU D 67 19.34 -8.88 1.85
N GLN D 68 20.51 -8.34 1.54
CA GLN D 68 20.69 -6.91 1.42
C GLN D 68 19.82 -6.39 0.29
N PHE D 69 19.77 -7.14 -0.81
CA PHE D 69 18.96 -6.78 -1.95
C PHE D 69 17.48 -6.80 -1.58
N MET D 70 17.08 -7.78 -0.77
CA MET D 70 15.70 -7.90 -0.34
C MET D 70 15.30 -6.69 0.50
N LYS D 71 16.20 -6.27 1.37
CA LYS D 71 15.98 -5.10 2.22
C LYS D 71 15.84 -3.83 1.40
N ILE D 72 16.58 -3.74 0.28
CA ILE D 72 16.48 -2.64 -0.68
C ILE D 72 15.08 -2.64 -1.27
N LEU D 73 14.61 -3.82 -1.73
CA LEU D 73 13.27 -4.00 -2.31
C LEU D 73 12.20 -3.56 -1.34
N GLU D 74 12.30 -3.98 -0.04
CA GLU D 74 11.35 -3.63 1.03
C GLU D 74 11.29 -2.11 1.25
N GLU D 75 12.45 -1.41 1.08
CA GLU D 75 12.51 0.04 1.21
C GLU D 75 11.90 0.72 0.03
N ILE D 76 12.07 0.16 -1.17
CA ILE D 76 11.49 0.70 -2.40
C ILE D 76 9.94 0.58 -2.30
N ASP D 77 9.47 -0.56 -1.77
CA ASP D 77 8.05 -0.88 -1.59
C ASP D 77 7.28 0.10 -0.65
N THR D 78 8.03 0.93 0.15
CA THR D 78 7.44 1.92 1.08
C THR D 78 7.11 3.24 0.36
N LEU D 79 7.55 3.39 -0.91
CA LEU D 79 7.32 4.60 -1.70
C LEU D 79 5.96 4.60 -2.33
N ILE D 80 5.35 5.78 -2.35
CA ILE D 80 4.07 6.04 -2.99
C ILE D 80 4.35 7.18 -3.94
N LEU D 81 4.23 6.89 -5.22
CA LEU D 81 4.51 7.90 -6.22
C LEU D 81 3.28 8.12 -7.05
N PRO D 82 2.69 9.34 -6.95
CA PRO D 82 1.52 9.65 -7.77
C PRO D 82 1.74 9.44 -9.27
N GLU D 83 0.64 9.24 -10.03
CA GLU D 83 0.65 9.01 -11.48
C GLU D 83 1.43 10.09 -12.24
N ASN D 84 1.33 11.37 -11.77
CA ASN D 84 2.00 12.55 -12.36
C ASN D 84 3.54 12.55 -12.18
N PHE D 85 4.10 11.70 -11.28
CA PHE D 85 5.54 11.60 -11.09
C PHE D 85 6.06 10.54 -12.04
N LYS D 86 5.98 10.82 -13.35
CA LYS D 86 6.37 9.87 -14.40
C LYS D 86 7.83 9.42 -14.29
N ASP D 87 8.75 10.38 -14.10
CA ASP D 87 10.20 10.17 -14.01
C ASP D 87 10.62 9.32 -12.79
N SER D 88 9.97 9.52 -11.65
CA SER D 88 10.20 8.73 -10.44
C SER D 88 9.67 7.29 -10.59
N ARG D 89 8.46 7.15 -11.15
CA ARG D 89 7.82 5.85 -11.41
C ARG D 89 8.75 5.03 -12.31
N LEU D 90 9.31 5.68 -13.34
CA LEU D 90 10.26 5.05 -14.26
C LEU D 90 11.57 4.63 -13.58
N LYS D 91 12.13 5.49 -12.73
CA LYS D 91 13.35 5.20 -11.98
C LYS D 91 13.14 4.04 -10.98
N ARG D 92 12.02 4.03 -10.27
CA ARG D 92 11.74 2.96 -9.32
C ARG D 92 11.59 1.64 -10.05
N LYS D 93 10.86 1.66 -11.15
CA LYS D 93 10.62 0.46 -11.94
C LYS D 93 11.93 -0.08 -12.48
N GLY D 94 12.78 0.82 -12.97
CA GLY D 94 14.06 0.43 -13.50
C GLY D 94 14.95 -0.15 -12.42
N LEU D 95 14.89 0.45 -11.24
CA LEU D 95 15.69 0.00 -10.10
C LEU D 95 15.27 -1.35 -9.61
N VAL D 96 13.94 -1.57 -9.45
CA VAL D 96 13.38 -2.87 -9.06
C VAL D 96 13.83 -3.98 -10.07
N LYS D 97 13.69 -3.73 -11.39
CA LYS D 97 14.15 -4.64 -12.44
C LYS D 97 15.65 -4.91 -12.33
N LYS D 98 16.46 -3.86 -12.04
CA LYS D 98 17.91 -3.98 -11.87
C LYS D 98 18.22 -4.94 -10.70
N VAL D 99 17.64 -4.69 -9.52
CA VAL D 99 17.77 -5.53 -8.32
C VAL D 99 17.34 -6.98 -8.62
N GLN D 100 16.21 -7.17 -9.34
CA GLN D 100 15.70 -8.50 -9.68
C GLN D 100 16.61 -9.31 -10.56
N ALA D 101 17.30 -8.64 -11.51
CA ALA D 101 18.29 -9.25 -12.41
C ALA D 101 19.52 -9.66 -11.60
N PHE D 102 19.94 -8.82 -10.61
CA PHE D 102 21.05 -9.14 -9.69
C PHE D 102 20.64 -10.31 -8.82
N LEU D 103 19.38 -10.31 -8.32
CA LEU D 103 18.85 -11.41 -7.51
C LEU D 103 18.87 -12.75 -8.29
N ALA D 104 18.55 -12.72 -9.61
CA ALA D 104 18.60 -13.88 -10.51
C ALA D 104 20.04 -14.42 -10.64
N GLU D 105 21.06 -13.51 -10.66
CA GLU D 105 22.49 -13.83 -10.71
C GLU D 105 22.89 -14.51 -9.42
N CYS D 106 22.40 -14.00 -8.27
CA CYS D 106 22.66 -14.55 -6.93
C CYS D 106 22.14 -16.00 -6.87
N ASP D 107 20.92 -16.25 -7.40
CA ASP D 107 20.28 -17.58 -7.43
C ASP D 107 21.14 -18.57 -8.20
N THR D 108 21.73 -18.11 -9.33
CA THR D 108 22.65 -18.88 -10.16
C THR D 108 23.85 -19.33 -9.31
N VAL D 109 24.45 -18.39 -8.54
CA VAL D 109 25.59 -18.63 -7.65
C VAL D 109 25.22 -19.68 -6.59
N GLU D 110 24.13 -19.44 -5.87
CA GLU D 110 23.63 -20.27 -4.78
C GLU D 110 23.33 -21.70 -5.21
N GLN D 111 22.75 -21.88 -6.44
CA GLN D 111 22.40 -23.17 -7.03
C GLN D 111 23.64 -23.99 -7.40
N ASN D 112 24.79 -23.32 -7.65
CA ASN D 112 26.05 -23.97 -8.05
C ASN D 112 27.08 -24.06 -6.91
N ILE D 113 26.55 -23.94 -5.69
CA ILE D 113 27.32 -24.03 -4.45
C ILE D 113 26.61 -24.96 -3.46
N CYS D 114 27.38 -25.67 -2.66
CA CYS D 114 26.89 -26.62 -1.65
C CYS D 114 25.87 -27.64 -2.23
N GLN D 115 26.25 -28.29 -3.36
CA GLN D 115 25.45 -29.31 -4.04
C GLN D 115 25.93 -30.72 -3.70
N SER E 5 7.93 -1.82 -67.61
CA SER E 5 7.81 -2.11 -69.05
C SER E 5 9.11 -2.71 -69.64
N MET E 6 9.72 -3.63 -68.88
CA MET E 6 10.97 -4.33 -69.22
C MET E 6 10.92 -5.20 -70.47
N SER E 7 12.06 -5.29 -71.15
CA SER E 7 12.17 -6.09 -72.38
C SER E 7 12.10 -7.60 -72.08
N LYS E 8 11.90 -8.43 -73.12
CA LYS E 8 11.81 -9.88 -72.96
C LYS E 8 13.19 -10.45 -72.61
N GLY E 9 13.20 -11.33 -71.62
CA GLY E 9 14.41 -11.99 -71.12
C GLY E 9 14.60 -13.41 -71.62
N PRO E 10 15.73 -14.06 -71.25
CA PRO E 10 15.96 -15.43 -71.70
C PRO E 10 15.26 -16.49 -70.85
N ALA E 11 15.54 -17.77 -71.15
CA ALA E 11 14.97 -18.90 -70.44
C ALA E 11 15.90 -19.26 -69.27
N VAL E 12 15.30 -19.65 -68.15
CA VAL E 12 16.03 -19.98 -66.93
C VAL E 12 15.88 -21.44 -66.56
N GLY E 13 16.80 -21.92 -65.75
CA GLY E 13 16.73 -23.25 -65.17
C GLY E 13 16.37 -23.08 -63.71
N ILE E 14 15.33 -23.81 -63.26
CA ILE E 14 14.88 -23.76 -61.87
C ILE E 14 14.92 -25.16 -61.23
N ASP E 15 15.69 -25.26 -60.14
CA ASP E 15 15.76 -26.45 -59.34
C ASP E 15 14.82 -26.19 -58.16
N LEU E 16 13.61 -26.74 -58.24
CA LEU E 16 12.56 -26.62 -57.21
C LEU E 16 12.83 -27.72 -56.18
N GLY E 17 13.62 -27.36 -55.18
CA GLY E 17 14.03 -28.23 -54.09
C GLY E 17 13.06 -28.36 -52.95
N THR E 18 13.26 -29.39 -52.13
CA THR E 18 12.40 -29.62 -50.99
C THR E 18 12.49 -28.52 -49.93
N THR E 19 13.72 -28.10 -49.63
CA THR E 19 13.96 -27.07 -48.62
C THR E 19 14.48 -25.75 -49.16
N TYR E 20 15.27 -25.85 -50.21
CA TYR E 20 15.88 -24.72 -50.93
C TYR E 20 15.68 -24.86 -52.42
N SER E 21 15.44 -23.75 -53.09
CA SER E 21 15.33 -23.68 -54.55
C SER E 21 16.50 -22.85 -55.11
N CYS E 22 16.80 -23.05 -56.38
CA CYS E 22 17.94 -22.42 -57.04
C CYS E 22 17.58 -22.09 -58.49
N VAL E 23 17.96 -20.89 -58.95
CA VAL E 23 17.69 -20.43 -60.31
C VAL E 23 19.01 -20.02 -60.99
N GLY E 24 19.15 -20.42 -62.24
CA GLY E 24 20.32 -20.14 -63.07
C GLY E 24 19.94 -19.73 -64.48
N VAL E 25 20.83 -18.97 -65.12
CA VAL E 25 20.64 -18.47 -66.48
C VAL E 25 21.94 -18.67 -67.28
N PHE E 26 21.81 -19.19 -68.51
CA PHE E 26 22.94 -19.35 -69.40
C PHE E 26 22.99 -18.09 -70.24
N GLN E 27 24.11 -17.38 -70.16
CA GLN E 27 24.35 -16.12 -70.86
C GLN E 27 25.86 -15.91 -70.99
N HIS E 28 26.29 -15.31 -72.12
CA HIS E 28 27.69 -15.05 -72.47
C HIS E 28 28.55 -16.32 -72.39
N GLY E 29 27.98 -17.42 -72.88
CA GLY E 29 28.64 -18.73 -72.95
C GLY E 29 28.99 -19.38 -71.63
N LYS E 30 28.26 -19.05 -70.55
CA LYS E 30 28.46 -19.62 -69.21
C LYS E 30 27.19 -19.53 -68.38
N VAL E 31 27.01 -20.47 -67.42
CA VAL E 31 25.87 -20.48 -66.50
C VAL E 31 26.14 -19.52 -65.31
N GLU E 32 25.19 -18.65 -65.02
CA GLU E 32 25.36 -17.76 -63.90
C GLU E 32 24.25 -18.07 -62.91
N ILE E 33 24.62 -18.52 -61.71
CA ILE E 33 23.62 -18.80 -60.71
C ILE E 33 23.14 -17.45 -60.23
N ILE E 34 21.84 -17.29 -60.00
CA ILE E 34 21.34 -15.99 -59.59
C ILE E 34 21.07 -15.82 -58.09
N ALA E 35 21.72 -14.83 -57.50
CA ALA E 35 21.55 -14.51 -56.09
C ALA E 35 20.22 -13.82 -55.85
N ASN E 36 19.63 -14.05 -54.69
CA ASN E 36 18.36 -13.44 -54.34
C ASN E 36 18.53 -12.03 -53.77
N ASP E 37 17.44 -11.42 -53.33
CA ASP E 37 17.47 -10.07 -52.77
C ASP E 37 18.39 -9.98 -51.57
N GLN E 38 18.46 -11.05 -50.80
CA GLN E 38 19.31 -11.10 -49.63
C GLN E 38 20.72 -11.49 -50.03
N GLY E 39 20.93 -11.66 -51.33
CA GLY E 39 22.23 -12.03 -51.84
C GLY E 39 22.56 -13.50 -51.80
N ASN E 40 21.56 -14.32 -51.53
CA ASN E 40 21.77 -15.75 -51.44
C ASN E 40 21.50 -16.47 -52.73
N ARG E 41 22.43 -17.33 -53.12
CA ARG E 41 22.31 -18.12 -54.33
C ARG E 41 21.19 -19.16 -54.25
N THR E 42 20.83 -19.58 -53.05
CA THR E 42 19.75 -20.54 -52.82
C THR E 42 18.68 -19.87 -51.98
N THR E 43 17.42 -20.17 -52.26
CA THR E 43 16.30 -19.56 -51.55
C THR E 43 15.47 -20.63 -50.83
N PRO E 44 15.20 -20.51 -49.50
CA PRO E 44 14.37 -21.51 -48.83
C PRO E 44 13.02 -21.72 -49.52
N SER E 45 12.62 -22.98 -49.74
CA SER E 45 11.33 -23.32 -50.35
C SER E 45 10.28 -23.20 -49.23
N TYR E 46 10.16 -21.98 -48.68
CA TYR E 46 9.29 -21.66 -47.56
C TYR E 46 8.29 -20.58 -47.91
N VAL E 47 7.07 -20.73 -47.40
CA VAL E 47 6.00 -19.77 -47.61
C VAL E 47 5.40 -19.54 -46.24
N ALA E 48 5.34 -18.28 -45.78
CA ALA E 48 4.77 -17.92 -44.49
C ALA E 48 3.54 -17.05 -44.66
N PHE E 49 2.53 -17.27 -43.82
CA PHE E 49 1.28 -16.54 -43.86
C PHE E 49 1.13 -15.86 -42.54
N THR E 50 1.15 -14.50 -42.56
CA THR E 50 0.99 -13.66 -41.35
C THR E 50 -0.39 -12.99 -41.38
N ASP E 51 -0.63 -12.06 -40.42
CA ASP E 51 -1.88 -11.29 -40.31
C ASP E 51 -1.86 -10.14 -41.28
N THR E 52 -0.64 -9.76 -41.74
CA THR E 52 -0.38 -8.62 -42.64
C THR E 52 0.02 -9.01 -44.05
N GLU E 53 0.77 -10.11 -44.22
CA GLU E 53 1.28 -10.50 -45.54
C GLU E 53 1.57 -12.01 -45.74
N ARG E 54 2.15 -12.31 -46.90
CA ARG E 54 2.64 -13.60 -47.35
C ARG E 54 4.12 -13.41 -47.60
N LEU E 55 4.93 -14.29 -47.03
CA LEU E 55 6.38 -14.20 -47.19
C LEU E 55 6.92 -15.41 -47.92
N ILE E 56 7.87 -15.19 -48.82
CA ILE E 56 8.47 -16.27 -49.57
C ILE E 56 9.98 -16.25 -49.37
N GLY E 57 10.57 -17.44 -49.34
CA GLY E 57 11.99 -17.63 -49.14
C GLY E 57 12.65 -17.21 -47.84
N ASP E 58 13.75 -16.48 -47.94
CA ASP E 58 14.52 -16.06 -46.76
C ASP E 58 13.67 -15.38 -45.68
N ALA E 59 12.75 -14.50 -46.08
CA ALA E 59 11.84 -13.77 -45.18
C ALA E 59 10.88 -14.70 -44.43
N ALA E 60 10.41 -15.78 -45.09
CA ALA E 60 9.51 -16.79 -44.52
C ALA E 60 10.30 -17.69 -43.54
N LYS E 61 11.51 -18.12 -43.94
CA LYS E 61 12.36 -18.94 -43.09
C LYS E 61 12.81 -18.20 -41.81
N ASN E 62 13.14 -16.90 -41.94
CA ASN E 62 13.63 -16.07 -40.83
C ASN E 62 12.62 -15.89 -39.70
N GLN E 63 11.30 -15.96 -39.99
CA GLN E 63 10.24 -15.78 -38.98
C GLN E 63 9.55 -17.09 -38.56
N VAL E 64 10.14 -18.26 -38.92
CA VAL E 64 9.58 -19.58 -38.62
C VAL E 64 9.45 -19.82 -37.10
N ALA E 65 10.35 -19.27 -36.27
CA ALA E 65 10.30 -19.41 -34.81
C ALA E 65 9.11 -18.66 -34.21
N MET E 66 8.72 -17.53 -34.84
CA MET E 66 7.62 -16.67 -34.39
C MET E 66 6.25 -17.13 -34.89
N ASN E 67 6.24 -17.81 -36.04
CA ASN E 67 5.00 -18.27 -36.65
C ASN E 67 5.18 -19.68 -37.22
N PRO E 68 5.43 -20.67 -36.37
CA PRO E 68 5.64 -22.04 -36.85
C PRO E 68 4.49 -22.74 -37.57
N THR E 69 3.26 -22.61 -37.08
CA THR E 69 2.10 -23.26 -37.67
C THR E 69 1.65 -22.75 -39.03
N ASN E 70 2.03 -21.53 -39.36
CA ASN E 70 1.62 -20.86 -40.60
C ASN E 70 2.79 -20.62 -41.57
N THR E 71 3.94 -21.25 -41.30
CA THR E 71 5.12 -21.25 -42.16
C THR E 71 5.20 -22.65 -42.74
N VAL E 72 4.84 -22.75 -44.03
CA VAL E 72 4.80 -23.96 -44.84
C VAL E 72 6.14 -24.15 -45.54
N PHE E 73 6.56 -25.42 -45.58
CA PHE E 73 7.77 -25.88 -46.22
C PHE E 73 7.55 -27.35 -46.52
N ASP E 74 8.42 -27.96 -47.31
CA ASP E 74 8.29 -29.38 -47.65
C ASP E 74 7.10 -29.74 -48.51
N ALA E 75 6.64 -28.79 -49.31
CA ALA E 75 5.52 -29.02 -50.20
C ALA E 75 5.85 -30.10 -51.22
N LYS E 76 7.13 -30.18 -51.58
CA LYS E 76 7.62 -31.15 -52.56
C LYS E 76 7.30 -32.57 -52.07
N ARG E 77 7.33 -32.78 -50.75
CA ARG E 77 7.01 -34.06 -50.11
C ARG E 77 5.53 -34.41 -50.29
N LEU E 78 4.65 -33.38 -50.51
CA LEU E 78 3.20 -33.53 -50.69
C LEU E 78 2.75 -33.48 -52.14
N ILE E 79 3.47 -32.73 -53.00
CA ILE E 79 3.12 -32.49 -54.39
C ILE E 79 2.85 -33.79 -55.16
N GLY E 80 1.70 -33.83 -55.85
CA GLY E 80 1.26 -34.95 -56.66
C GLY E 80 0.78 -36.21 -55.95
N ARG E 81 0.77 -36.20 -54.62
CA ARG E 81 0.39 -37.33 -53.77
C ARG E 81 -1.06 -37.25 -53.29
N ARG E 82 -1.65 -38.43 -53.02
CA ARG E 82 -2.99 -38.57 -52.45
C ARG E 82 -2.84 -38.41 -50.95
N PHE E 83 -3.88 -37.89 -50.27
CA PHE E 83 -3.86 -37.69 -48.82
C PHE E 83 -3.47 -38.97 -48.06
N ASP E 84 -4.00 -40.11 -48.51
CA ASP E 84 -3.76 -41.40 -47.86
C ASP E 84 -2.42 -42.05 -48.18
N ASP E 85 -1.62 -41.42 -49.01
CA ASP E 85 -0.32 -41.97 -49.35
C ASP E 85 0.42 -42.13 -48.03
N ALA E 86 1.18 -43.19 -47.91
CA ALA E 86 1.90 -43.48 -46.67
C ALA E 86 2.87 -42.36 -46.31
N VAL E 87 3.52 -41.84 -47.32
CA VAL E 87 4.51 -40.77 -47.17
C VAL E 87 3.87 -39.53 -46.56
N VAL E 88 2.68 -39.12 -47.04
CA VAL E 88 1.92 -37.97 -46.53
C VAL E 88 1.62 -38.21 -45.05
N GLN E 89 1.14 -39.41 -44.70
CA GLN E 89 0.74 -39.77 -43.33
C GLN E 89 1.89 -39.77 -42.32
N SER E 90 3.08 -40.24 -42.76
CA SER E 90 4.30 -40.32 -41.96
C SER E 90 4.94 -38.95 -41.76
N ASP E 91 5.00 -38.10 -42.82
CA ASP E 91 5.59 -36.77 -42.80
C ASP E 91 4.78 -35.78 -41.96
N MET E 92 3.44 -35.88 -42.04
CA MET E 92 2.44 -35.08 -41.31
C MET E 92 2.76 -34.91 -39.83
N LYS E 93 3.26 -35.95 -39.20
CA LYS E 93 3.56 -35.95 -37.78
C LYS E 93 4.61 -34.92 -37.36
N HIS E 94 5.62 -34.71 -38.20
CA HIS E 94 6.71 -33.79 -37.90
C HIS E 94 6.55 -32.36 -38.40
N TRP E 95 5.42 -32.02 -38.99
CA TRP E 95 5.22 -30.67 -39.48
C TRP E 95 4.41 -29.82 -38.52
N PRO E 96 4.87 -28.60 -38.24
CA PRO E 96 4.13 -27.72 -37.32
C PRO E 96 2.81 -27.22 -37.88
N PHE E 97 2.68 -27.20 -39.23
CA PHE E 97 1.51 -26.75 -39.98
C PHE E 97 0.53 -27.92 -40.22
N MET E 98 -0.75 -27.58 -40.45
CA MET E 98 -1.80 -28.57 -40.65
C MET E 98 -1.88 -29.06 -42.08
N VAL E 99 -2.12 -30.37 -42.23
CA VAL E 99 -2.35 -30.99 -43.54
C VAL E 99 -3.75 -31.59 -43.43
N VAL E 100 -4.64 -31.16 -44.32
CA VAL E 100 -6.03 -31.60 -44.31
C VAL E 100 -6.39 -32.39 -45.57
N ASN E 101 -7.41 -33.23 -45.45
CA ASN E 101 -7.89 -34.03 -46.56
C ASN E 101 -9.03 -33.31 -47.27
N ASP E 102 -8.86 -33.04 -48.57
CA ASP E 102 -9.92 -32.44 -49.38
C ASP E 102 -10.20 -33.35 -50.57
N ALA E 103 -11.20 -34.26 -50.38
CA ALA E 103 -11.63 -35.24 -51.37
C ALA E 103 -10.47 -36.14 -51.88
N GLY E 104 -9.66 -36.63 -50.94
CA GLY E 104 -8.55 -37.52 -51.20
C GLY E 104 -7.23 -36.84 -51.49
N ARG E 105 -7.25 -35.49 -51.61
CA ARG E 105 -6.08 -34.66 -51.91
C ARG E 105 -5.57 -33.94 -50.66
N PRO E 106 -4.24 -33.85 -50.45
CA PRO E 106 -3.75 -33.10 -49.28
C PRO E 106 -3.79 -31.60 -49.57
N LYS E 107 -3.97 -30.81 -48.52
CA LYS E 107 -3.99 -29.35 -48.57
C LYS E 107 -3.35 -28.86 -47.30
N VAL E 108 -2.53 -27.81 -47.37
CA VAL E 108 -1.96 -27.25 -46.15
C VAL E 108 -2.95 -26.24 -45.61
N GLN E 109 -3.23 -26.28 -44.29
CA GLN E 109 -4.16 -25.36 -43.63
C GLN E 109 -3.44 -24.40 -42.69
N VAL E 110 -3.55 -23.11 -43.04
CA VAL E 110 -2.92 -21.97 -42.34
C VAL E 110 -3.94 -20.90 -42.00
N GLU E 111 -3.50 -19.89 -41.23
CA GLU E 111 -4.28 -18.72 -40.88
C GLU E 111 -3.57 -17.54 -41.53
N TYR E 112 -4.13 -17.06 -42.65
CA TYR E 112 -3.60 -15.97 -43.45
C TYR E 112 -4.52 -14.76 -43.33
N LYS E 113 -3.98 -13.62 -42.86
CA LYS E 113 -4.71 -12.35 -42.68
C LYS E 113 -6.02 -12.51 -41.87
N GLY E 114 -5.92 -13.25 -40.75
CA GLY E 114 -7.03 -13.49 -39.83
C GLY E 114 -8.00 -14.62 -40.17
N GLU E 115 -8.11 -14.98 -41.47
CA GLU E 115 -8.99 -16.03 -41.97
C GLU E 115 -8.26 -17.37 -42.14
N THR E 116 -8.99 -18.49 -42.00
CA THR E 116 -8.43 -19.82 -42.19
C THR E 116 -8.45 -20.11 -43.70
N LYS E 117 -7.25 -20.38 -44.28
CA LYS E 117 -7.12 -20.68 -45.71
C LYS E 117 -6.38 -22.00 -45.96
N SER E 118 -6.77 -22.72 -47.02
CA SER E 118 -6.14 -23.96 -47.44
C SER E 118 -5.57 -23.84 -48.83
N PHE E 119 -4.39 -24.44 -49.04
CA PHE E 119 -3.68 -24.40 -50.31
C PHE E 119 -3.24 -25.77 -50.75
N TYR E 120 -3.36 -26.08 -52.05
CA TYR E 120 -2.88 -27.35 -52.58
C TYR E 120 -1.35 -27.28 -52.63
N PRO E 121 -0.61 -28.42 -52.59
CA PRO E 121 0.87 -28.34 -52.64
C PRO E 121 1.41 -27.57 -53.85
N GLU E 122 0.76 -27.71 -55.04
CA GLU E 122 1.17 -26.98 -56.25
C GLU E 122 0.97 -25.48 -56.15
N GLU E 123 0.01 -25.02 -55.32
CA GLU E 123 -0.22 -23.58 -55.12
C GLU E 123 0.94 -23.01 -54.28
N VAL E 124 1.40 -23.78 -53.26
CA VAL E 124 2.51 -23.40 -52.38
C VAL E 124 3.81 -23.38 -53.24
N SER E 125 4.01 -24.42 -54.08
CA SER E 125 5.17 -24.51 -54.97
C SER E 125 5.16 -23.41 -56.04
N SER E 126 3.94 -22.94 -56.46
CA SER E 126 3.79 -21.84 -57.41
C SER E 126 4.26 -20.53 -56.80
N MET E 127 4.09 -20.35 -55.47
CA MET E 127 4.54 -19.17 -54.73
C MET E 127 6.08 -19.12 -54.68
N VAL E 128 6.71 -20.30 -54.49
CA VAL E 128 8.17 -20.48 -54.49
C VAL E 128 8.74 -20.23 -55.92
N LEU E 129 8.02 -20.73 -56.96
CA LEU E 129 8.43 -20.54 -58.35
C LEU E 129 8.31 -19.09 -58.79
N THR E 130 7.25 -18.39 -58.32
CA THR E 130 7.01 -16.96 -58.54
C THR E 130 8.22 -16.18 -58.04
N LYS E 131 8.68 -16.48 -56.80
CA LYS E 131 9.84 -15.88 -56.17
C LYS E 131 11.11 -16.14 -56.98
N MET E 132 11.32 -17.38 -57.48
CA MET E 132 12.47 -17.74 -58.32
C MET E 132 12.42 -16.95 -59.63
N LYS E 133 11.20 -16.77 -60.21
CA LYS E 133 10.95 -16.00 -61.43
C LYS E 133 11.34 -14.54 -61.16
N GLU E 134 10.94 -14.00 -60.00
CA GLU E 134 11.24 -12.62 -59.59
C GLU E 134 12.70 -12.41 -59.27
N ILE E 135 13.38 -13.42 -58.68
CA ILE E 135 14.82 -13.37 -58.36
C ILE E 135 15.61 -13.15 -59.67
N ALA E 136 15.23 -13.90 -60.71
CA ALA E 136 15.81 -13.85 -62.05
C ALA E 136 15.52 -12.50 -62.76
N GLU E 137 14.25 -12.01 -62.68
CA GLU E 137 13.85 -10.73 -63.28
C GLU E 137 14.63 -9.56 -62.69
N ALA E 138 14.83 -9.57 -61.36
CA ALA E 138 15.57 -8.53 -60.61
C ALA E 138 17.02 -8.41 -61.06
N TYR E 139 17.67 -9.56 -61.31
CA TYR E 139 19.05 -9.62 -61.74
C TYR E 139 19.18 -9.23 -63.22
N LEU E 140 18.34 -9.84 -64.08
CA LEU E 140 18.41 -9.64 -65.53
C LEU E 140 17.91 -8.30 -66.02
N GLY E 141 16.95 -7.72 -65.30
CA GLY E 141 16.30 -6.46 -65.66
C GLY E 141 15.35 -6.62 -66.83
N LYS E 142 14.95 -7.87 -67.07
CA LYS E 142 14.08 -8.28 -68.16
C LYS E 142 13.01 -9.22 -67.62
N THR E 143 11.89 -9.33 -68.36
CA THR E 143 10.78 -10.22 -67.97
C THR E 143 11.15 -11.67 -68.29
N VAL E 144 11.01 -12.58 -67.29
CA VAL E 144 11.30 -14.03 -67.37
C VAL E 144 9.98 -14.82 -67.42
N THR E 145 9.79 -15.63 -68.48
CA THR E 145 8.58 -16.46 -68.63
C THR E 145 8.94 -17.94 -68.81
N ASN E 146 9.94 -18.24 -69.64
CA ASN E 146 10.33 -19.60 -69.99
C ASN E 146 11.29 -20.18 -69.00
N ALA E 147 11.04 -21.41 -68.58
CA ALA E 147 11.93 -22.06 -67.64
C ALA E 147 11.94 -23.58 -67.72
N VAL E 148 13.01 -24.18 -67.24
CA VAL E 148 13.14 -25.62 -67.19
C VAL E 148 13.05 -25.91 -65.71
N VAL E 149 12.12 -26.77 -65.31
CA VAL E 149 11.94 -27.11 -63.91
C VAL E 149 12.31 -28.55 -63.64
N THR E 150 13.09 -28.78 -62.60
CA THR E 150 13.56 -30.12 -62.28
C THR E 150 12.70 -30.81 -61.25
N VAL E 151 12.58 -32.15 -61.39
CA VAL E 151 11.84 -33.09 -60.53
C VAL E 151 12.75 -34.31 -60.23
N PRO E 152 12.56 -35.04 -59.10
CA PRO E 152 13.37 -36.24 -58.87
C PRO E 152 12.98 -37.34 -59.86
N ALA E 153 13.93 -38.24 -60.18
CA ALA E 153 13.72 -39.34 -61.13
C ALA E 153 12.60 -40.32 -60.73
N TYR E 154 12.32 -40.46 -59.42
CA TYR E 154 11.27 -41.34 -58.87
C TYR E 154 9.86 -40.71 -58.90
N PHE E 155 9.73 -39.44 -59.34
CA PHE E 155 8.42 -38.80 -59.39
C PHE E 155 7.51 -39.53 -60.36
N ASN E 156 6.25 -39.73 -59.97
CA ASN E 156 5.29 -40.40 -60.82
C ASN E 156 4.57 -39.38 -61.77
N ASP E 157 3.57 -39.83 -62.54
CA ASP E 157 2.79 -39.02 -63.49
C ASP E 157 2.10 -37.81 -62.82
N SER E 158 1.49 -38.06 -61.65
CA SER E 158 0.76 -37.10 -60.83
C SER E 158 1.71 -36.08 -60.21
N GLN E 159 2.87 -36.54 -59.70
CA GLN E 159 3.88 -35.71 -59.07
C GLN E 159 4.54 -34.78 -60.07
N ARG E 160 4.76 -35.28 -61.31
CA ARG E 160 5.33 -34.52 -62.41
C ARG E 160 4.34 -33.49 -62.94
N GLN E 161 3.06 -33.89 -63.06
CA GLN E 161 2.02 -32.98 -63.57
C GLN E 161 1.75 -31.86 -62.59
N ALA E 162 1.70 -32.16 -61.27
CA ALA E 162 1.51 -31.17 -60.19
C ALA E 162 2.65 -30.16 -60.17
N THR E 163 3.89 -30.58 -60.49
CA THR E 163 5.03 -29.66 -60.56
C THR E 163 4.86 -28.74 -61.77
N LYS E 164 4.47 -29.31 -62.93
CA LYS E 164 4.23 -28.53 -64.13
C LYS E 164 3.07 -27.53 -63.86
N ASP E 165 2.04 -27.97 -63.09
CA ASP E 165 0.89 -27.17 -62.69
C ASP E 165 1.31 -25.97 -61.83
N ALA E 166 2.30 -26.18 -60.92
CA ALA E 166 2.88 -25.11 -60.09
C ALA E 166 3.54 -24.03 -60.99
N GLY E 167 4.27 -24.47 -62.01
CA GLY E 167 4.90 -23.58 -62.99
C GLY E 167 3.90 -22.72 -63.70
N THR E 168 2.82 -23.34 -64.23
CA THR E 168 1.69 -22.68 -64.93
C THR E 168 1.02 -21.60 -64.05
N ILE E 169 0.65 -21.97 -62.81
CA ILE E 169 0.03 -21.08 -61.82
C ILE E 169 0.94 -19.84 -61.58
N ALA E 170 2.28 -20.05 -61.56
CA ALA E 170 3.30 -19.02 -61.32
C ALA E 170 3.55 -18.09 -62.52
N GLY E 171 2.82 -18.31 -63.61
CA GLY E 171 2.94 -17.53 -64.84
C GLY E 171 4.15 -17.90 -65.68
N LEU E 172 4.67 -19.12 -65.48
CA LEU E 172 5.81 -19.65 -66.20
C LEU E 172 5.41 -20.54 -67.35
N ASN E 173 6.25 -20.51 -68.37
CA ASN E 173 6.08 -21.35 -69.51
C ASN E 173 7.10 -22.44 -69.25
N VAL E 174 6.63 -23.61 -68.86
CA VAL E 174 7.52 -24.74 -68.57
C VAL E 174 7.95 -25.40 -69.88
N LEU E 175 9.19 -25.06 -70.33
CA LEU E 175 9.80 -25.58 -71.55
C LEU E 175 9.90 -27.10 -71.46
N ARG E 176 10.44 -27.60 -70.35
CA ARG E 176 10.56 -29.02 -70.14
C ARG E 176 10.66 -29.31 -68.66
N ILE E 177 10.31 -30.52 -68.27
CA ILE E 177 10.42 -30.95 -66.90
C ILE E 177 11.48 -32.02 -67.03
N ILE E 178 12.56 -31.90 -66.28
CA ILE E 178 13.61 -32.89 -66.39
C ILE E 178 14.03 -33.44 -65.04
N ASN E 179 14.56 -34.65 -65.08
CA ASN E 179 14.99 -35.35 -63.88
C ASN E 179 16.16 -34.62 -63.28
N GLU E 180 16.20 -34.56 -61.95
CA GLU E 180 17.31 -33.93 -61.25
C GLU E 180 18.63 -34.62 -61.59
N PRO E 181 18.75 -35.99 -61.63
CA PRO E 181 20.04 -36.59 -61.99
C PRO E 181 20.41 -36.36 -63.46
N THR E 182 19.41 -36.19 -64.34
CA THR E 182 19.65 -35.90 -65.75
C THR E 182 20.22 -34.49 -65.83
N ALA E 183 19.64 -33.53 -65.04
CA ALA E 183 20.10 -32.15 -64.97
C ALA E 183 21.56 -32.08 -64.53
N ALA E 184 21.93 -32.83 -63.47
CA ALA E 184 23.31 -32.87 -62.97
C ALA E 184 24.29 -33.42 -64.02
N ALA E 185 23.88 -34.44 -64.80
CA ALA E 185 24.70 -35.03 -65.86
C ALA E 185 24.92 -34.02 -66.99
N ILE E 186 23.85 -33.27 -67.38
CA ILE E 186 23.91 -32.19 -68.38
C ILE E 186 24.92 -31.10 -67.96
N ALA E 187 24.90 -30.69 -66.68
CA ALA E 187 25.80 -29.70 -66.08
C ALA E 187 27.28 -30.02 -66.32
N TYR E 188 27.64 -31.32 -66.23
CA TYR E 188 28.99 -31.85 -66.43
C TYR E 188 29.31 -32.28 -67.87
N GLY E 189 28.34 -32.08 -68.77
CA GLY E 189 28.45 -32.42 -70.19
C GLY E 189 28.77 -33.88 -70.42
N LEU E 190 28.11 -34.77 -69.64
CA LEU E 190 28.32 -36.21 -69.74
C LEU E 190 27.63 -36.82 -70.99
N ASP E 191 26.74 -36.01 -71.57
CA ASP E 191 25.98 -36.33 -72.78
C ASP E 191 26.71 -35.94 -74.06
N LYS E 192 27.78 -35.15 -73.92
CA LYS E 192 28.59 -34.70 -75.04
C LYS E 192 29.91 -35.45 -75.17
N LYS E 193 30.15 -36.38 -74.25
CA LYS E 193 31.39 -37.16 -74.28
C LYS E 193 31.44 -38.16 -75.42
N VAL E 194 32.60 -38.28 -76.05
CA VAL E 194 32.79 -39.21 -77.16
C VAL E 194 32.85 -40.64 -76.65
N GLY E 195 32.24 -41.56 -77.40
CA GLY E 195 32.27 -42.96 -77.00
C GLY E 195 30.97 -43.72 -77.07
N ALA E 196 30.96 -44.87 -76.40
CA ALA E 196 29.80 -45.75 -76.30
C ALA E 196 28.92 -45.31 -75.15
N GLU E 197 27.98 -46.15 -74.76
CA GLU E 197 27.06 -45.82 -73.67
C GLU E 197 27.83 -45.59 -72.37
N ARG E 198 27.37 -44.59 -71.63
CA ARG E 198 27.96 -44.17 -70.37
C ARG E 198 26.99 -44.48 -69.26
N ASN E 199 27.49 -45.13 -68.22
CA ASN E 199 26.73 -45.45 -67.02
C ASN E 199 27.15 -44.42 -65.99
N VAL E 200 26.18 -43.67 -65.50
CA VAL E 200 26.46 -42.61 -64.56
C VAL E 200 25.72 -42.75 -63.25
N LEU E 201 26.46 -42.54 -62.18
CA LEU E 201 25.91 -42.61 -60.84
C LEU E 201 25.83 -41.21 -60.28
N ILE E 202 24.64 -40.85 -59.81
CA ILE E 202 24.41 -39.56 -59.22
C ILE E 202 24.26 -39.75 -57.72
N PHE E 203 25.12 -39.10 -56.97
CA PHE E 203 25.13 -39.20 -55.52
C PHE E 203 24.63 -37.86 -54.97
N ASP E 204 23.30 -37.79 -54.74
CA ASP E 204 22.64 -36.58 -54.27
C ASP E 204 22.32 -36.61 -52.77
N LEU E 205 23.17 -35.93 -51.96
CA LEU E 205 23.01 -35.84 -50.51
C LEU E 205 22.91 -34.38 -50.07
N GLY E 206 21.68 -33.91 -49.97
CA GLY E 206 21.40 -32.53 -49.60
C GLY E 206 19.93 -32.20 -49.71
N GLY E 207 19.50 -31.15 -49.00
CA GLY E 207 18.11 -30.72 -48.96
C GLY E 207 17.20 -31.70 -48.23
N GLY E 208 17.71 -32.31 -47.15
CA GLY E 208 17.00 -33.27 -46.29
C GLY E 208 16.69 -34.65 -46.83
N THR E 209 17.02 -34.91 -48.11
CA THR E 209 16.80 -36.18 -48.81
C THR E 209 18.14 -36.73 -49.32
N PHE E 210 18.17 -38.04 -49.53
CA PHE E 210 19.35 -38.72 -50.07
C PHE E 210 18.85 -39.47 -51.28
N ASP E 211 19.44 -39.17 -52.44
CA ASP E 211 19.03 -39.84 -53.66
C ASP E 211 20.20 -40.40 -54.43
N VAL E 212 20.08 -41.64 -54.85
CA VAL E 212 21.11 -42.28 -55.64
C VAL E 212 20.42 -42.67 -56.92
N SER E 213 20.96 -42.24 -58.04
CA SER E 213 20.37 -42.60 -59.34
C SER E 213 21.44 -43.10 -60.30
N ILE E 214 21.06 -44.06 -61.14
CA ILE E 214 21.98 -44.59 -62.13
C ILE E 214 21.37 -44.30 -63.49
N LEU E 215 22.17 -43.71 -64.37
CA LEU E 215 21.70 -43.34 -65.70
C LEU E 215 22.56 -43.92 -66.80
N THR E 216 21.93 -44.15 -67.94
CA THR E 216 22.63 -44.65 -69.11
C THR E 216 22.45 -43.62 -70.21
N ILE E 217 23.56 -43.13 -70.73
CA ILE E 217 23.55 -42.15 -71.81
C ILE E 217 24.16 -42.75 -73.06
N GLU E 218 23.33 -42.90 -74.11
CA GLU E 218 23.73 -43.40 -75.44
C GLU E 218 23.14 -42.44 -76.47
N ASP E 219 24.00 -41.78 -77.27
CA ASP E 219 23.62 -40.83 -78.33
C ASP E 219 22.69 -39.71 -77.82
N GLY E 220 23.05 -39.12 -76.69
CA GLY E 220 22.30 -38.03 -76.07
C GLY E 220 21.02 -38.42 -75.36
N ILE E 221 20.64 -39.74 -75.38
CA ILE E 221 19.43 -40.26 -74.76
C ILE E 221 19.74 -40.69 -73.32
N PHE E 222 18.91 -40.23 -72.36
CA PHE E 222 19.04 -40.53 -70.93
C PHE E 222 18.02 -41.58 -70.45
N GLU E 223 18.51 -42.72 -69.94
CA GLU E 223 17.65 -43.79 -69.43
C GLU E 223 17.94 -43.97 -67.94
N VAL E 224 16.88 -43.91 -67.11
CA VAL E 224 17.03 -44.12 -65.67
C VAL E 224 17.01 -45.63 -65.47
N LYS E 225 18.14 -46.21 -65.03
CA LYS E 225 18.28 -47.65 -64.83
C LYS E 225 17.85 -48.10 -63.43
N SER E 226 18.02 -47.23 -62.41
CA SER E 226 17.63 -47.49 -61.01
C SER E 226 17.72 -46.22 -60.17
N THR E 227 16.90 -46.17 -59.10
CA THR E 227 16.85 -45.10 -58.09
C THR E 227 16.79 -45.75 -56.70
N ALA E 228 17.60 -45.23 -55.76
CA ALA E 228 17.70 -45.71 -54.39
C ALA E 228 17.99 -44.52 -53.47
N GLY E 229 18.01 -44.76 -52.15
CA GLY E 229 18.30 -43.71 -51.18
C GLY E 229 17.53 -43.77 -49.89
N ASP E 230 17.61 -42.69 -49.13
CA ASP E 230 16.91 -42.51 -47.87
C ASP E 230 16.20 -41.18 -48.02
N THR E 231 14.89 -41.18 -47.84
CA THR E 231 14.09 -39.96 -47.97
C THR E 231 14.39 -38.87 -46.96
N HIS E 232 14.76 -39.27 -45.75
CA HIS E 232 15.03 -38.31 -44.68
C HIS E 232 16.46 -38.21 -44.15
N LEU E 233 17.45 -38.41 -45.01
CA LEU E 233 18.85 -38.33 -44.60
C LEU E 233 19.47 -37.11 -45.21
N GLY E 234 20.12 -36.31 -44.38
CA GLY E 234 20.79 -35.10 -44.80
C GLY E 234 21.72 -34.54 -43.74
N GLY E 235 22.14 -33.31 -43.95
CA GLY E 235 23.05 -32.60 -43.08
C GLY E 235 22.59 -32.41 -41.65
N GLU E 236 21.26 -32.26 -41.44
CA GLU E 236 20.65 -32.08 -40.11
C GLU E 236 20.96 -33.24 -39.18
N ASP E 237 21.00 -34.46 -39.72
CA ASP E 237 21.34 -35.69 -39.01
C ASP E 237 22.78 -35.65 -38.52
N PHE E 238 23.68 -35.01 -39.28
CA PHE E 238 25.09 -34.88 -38.90
C PHE E 238 25.27 -33.83 -37.82
N ASP E 239 24.37 -32.84 -37.80
CA ASP E 239 24.33 -31.74 -36.84
C ASP E 239 23.86 -32.25 -35.49
N ASN E 240 22.82 -33.12 -35.48
CA ASN E 240 22.24 -33.72 -34.27
C ASN E 240 23.31 -34.51 -33.51
N ARG E 241 24.16 -35.27 -34.24
CA ARG E 241 25.26 -36.06 -33.68
C ARG E 241 26.31 -35.18 -32.99
N MET E 242 26.58 -34.02 -33.59
CA MET E 242 27.47 -33.02 -33.01
C MET E 242 26.86 -32.36 -31.77
N VAL E 243 25.58 -32.01 -31.86
CA VAL E 243 24.83 -31.39 -30.78
C VAL E 243 24.81 -32.32 -29.57
N ASN E 244 24.50 -33.59 -29.80
CA ASN E 244 24.47 -34.60 -28.76
C ASN E 244 25.84 -34.74 -28.14
N HIS E 245 26.87 -34.66 -28.98
CA HIS E 245 28.23 -34.77 -28.50
C HIS E 245 28.52 -33.63 -27.53
N PHE E 246 28.11 -32.43 -27.90
CA PHE E 246 28.30 -31.27 -27.05
C PHE E 246 27.48 -31.26 -25.76
N ILE E 247 26.25 -31.73 -25.82
CA ILE E 247 25.41 -31.79 -24.62
C ILE E 247 26.03 -32.74 -23.62
N ALA E 248 26.52 -33.87 -24.12
CA ALA E 248 27.22 -34.90 -23.34
C ALA E 248 28.49 -34.31 -22.69
N GLU E 249 29.25 -33.52 -23.48
CA GLU E 249 30.46 -32.81 -23.06
C GLU E 249 30.16 -31.79 -21.94
N PHE E 250 29.12 -30.92 -22.12
CA PHE E 250 28.70 -29.94 -21.11
C PHE E 250 28.24 -30.63 -19.81
N LYS E 251 27.60 -31.82 -19.92
CA LYS E 251 27.18 -32.63 -18.78
C LYS E 251 28.42 -33.17 -18.05
N ARG E 252 29.42 -33.73 -18.81
CA ARG E 252 30.65 -34.26 -18.23
C ARG E 252 31.43 -33.19 -17.48
N LYS E 253 31.58 -31.99 -18.12
CA LYS E 253 32.34 -30.85 -17.60
C LYS E 253 31.63 -30.06 -16.51
N HIS E 254 30.38 -29.68 -16.71
CA HIS E 254 29.67 -28.88 -15.70
C HIS E 254 28.54 -29.54 -14.91
N LYS E 255 28.30 -30.81 -15.17
CA LYS E 255 27.24 -31.60 -14.51
C LYS E 255 25.86 -30.90 -14.61
N LYS E 256 25.59 -30.27 -15.77
CA LYS E 256 24.35 -29.58 -16.10
C LYS E 256 23.79 -30.03 -17.45
N ASP E 257 22.44 -30.16 -17.51
CA ASP E 257 21.68 -30.58 -18.69
C ASP E 257 21.09 -29.37 -19.41
N ILE E 258 21.62 -29.04 -20.59
CA ILE E 258 21.17 -27.87 -21.36
C ILE E 258 20.02 -28.19 -22.31
N SER E 259 19.76 -29.50 -22.54
CA SER E 259 18.78 -30.02 -23.51
C SER E 259 17.33 -29.57 -23.26
N GLU E 260 16.95 -29.24 -22.02
CA GLU E 260 15.58 -28.77 -21.84
C GLU E 260 15.45 -27.24 -22.07
N ASN E 261 16.58 -26.54 -22.31
CA ASN E 261 16.58 -25.12 -22.61
C ASN E 261 16.68 -24.96 -24.14
N LYS E 262 15.55 -24.67 -24.80
CA LYS E 262 15.43 -24.51 -26.26
C LYS E 262 16.42 -23.50 -26.87
N ARG E 263 16.66 -22.36 -26.17
CA ARG E 263 17.58 -21.31 -26.61
C ARG E 263 19.05 -21.72 -26.54
N ALA E 264 19.43 -22.50 -25.52
CA ALA E 264 20.80 -22.99 -25.32
C ALA E 264 21.10 -24.00 -26.42
N VAL E 265 20.15 -24.92 -26.66
CA VAL E 265 20.23 -25.95 -27.70
C VAL E 265 20.30 -25.30 -29.09
N ARG E 266 19.47 -24.27 -29.35
CA ARG E 266 19.50 -23.56 -30.64
C ARG E 266 20.87 -22.91 -30.87
N ARG E 267 21.42 -22.22 -29.84
CA ARG E 267 22.70 -21.52 -29.93
C ARG E 267 23.78 -22.55 -30.25
N LEU E 268 23.75 -23.70 -29.55
CA LEU E 268 24.69 -24.78 -29.76
C LEU E 268 24.54 -25.37 -31.18
N ARG E 269 23.30 -25.68 -31.62
CA ARG E 269 22.99 -26.23 -32.94
C ARG E 269 23.51 -25.38 -34.08
N THR E 270 23.30 -24.07 -34.01
CA THR E 270 23.71 -23.09 -35.01
C THR E 270 25.23 -23.05 -35.10
N ALA E 271 25.90 -23.16 -33.94
CA ALA E 271 27.35 -23.17 -33.86
C ALA E 271 27.87 -24.47 -34.48
N CYS E 272 27.14 -25.59 -34.31
CA CYS E 272 27.48 -26.91 -34.87
C CYS E 272 27.36 -26.93 -36.39
N GLU E 273 26.25 -26.38 -36.95
CA GLU E 273 26.06 -26.25 -38.42
C GLU E 273 27.23 -25.50 -39.05
N ARG E 274 27.69 -24.40 -38.41
CA ARG E 274 28.81 -23.59 -38.86
C ARG E 274 30.14 -24.37 -38.76
N ALA E 275 30.35 -25.09 -37.64
CA ALA E 275 31.55 -25.89 -37.36
C ALA E 275 31.67 -27.04 -38.35
N LYS E 276 30.55 -27.68 -38.72
CA LYS E 276 30.50 -28.76 -39.71
C LYS E 276 31.03 -28.26 -41.05
N ARG E 277 30.55 -27.09 -41.53
CA ARG E 277 30.97 -26.46 -42.79
C ARG E 277 32.49 -26.19 -42.80
N THR E 278 33.04 -25.66 -41.69
CA THR E 278 34.47 -25.38 -41.45
C THR E 278 35.30 -26.66 -41.55
N LEU E 279 34.78 -27.77 -41.02
CA LEU E 279 35.44 -29.08 -41.03
C LEU E 279 35.51 -29.74 -42.42
N SER E 280 34.82 -29.16 -43.37
CA SER E 280 34.87 -29.59 -44.74
C SER E 280 36.22 -29.14 -45.28
N SER E 281 36.64 -27.95 -44.88
CA SER E 281 37.91 -27.39 -45.33
C SER E 281 39.04 -27.35 -44.29
N SER E 282 38.73 -27.56 -43.02
CA SER E 282 39.74 -27.54 -41.99
C SER E 282 39.69 -28.80 -41.15
N THR E 283 40.78 -29.11 -40.47
CA THR E 283 40.81 -30.34 -39.68
C THR E 283 40.32 -30.12 -38.23
N GLN E 284 40.07 -28.86 -37.86
CA GLN E 284 39.58 -28.49 -36.52
C GLN E 284 38.66 -27.26 -36.61
N ALA E 285 37.59 -27.23 -35.81
CA ALA E 285 36.65 -26.10 -35.73
C ALA E 285 36.53 -25.71 -34.29
N SER E 286 36.70 -24.41 -34.01
CA SER E 286 36.57 -23.87 -32.66
C SER E 286 35.21 -23.20 -32.42
N ILE E 287 34.70 -23.32 -31.20
CA ILE E 287 33.43 -22.71 -30.78
C ILE E 287 33.61 -21.96 -29.45
N GLU E 288 33.16 -20.70 -29.39
CA GLU E 288 33.15 -19.90 -28.16
C GLU E 288 31.73 -19.33 -27.93
N ILE E 289 30.99 -19.90 -26.99
CA ILE E 289 29.61 -19.48 -26.67
C ILE E 289 29.58 -18.95 -25.22
N ASP E 290 29.42 -17.62 -25.07
CA ASP E 290 29.33 -17.02 -23.75
C ASP E 290 27.99 -17.27 -23.12
N SER E 291 28.00 -17.53 -21.78
CA SER E 291 26.81 -17.73 -20.96
C SER E 291 25.79 -18.62 -21.70
N LEU E 292 26.21 -19.83 -22.13
CA LEU E 292 25.35 -20.77 -22.85
C LEU E 292 24.17 -21.27 -21.97
N TYR E 293 24.47 -21.61 -20.71
CA TYR E 293 23.50 -22.14 -19.78
C TYR E 293 23.97 -21.85 -18.38
N GLU E 294 23.07 -21.21 -17.60
CA GLU E 294 23.28 -20.82 -16.20
C GLU E 294 24.59 -20.01 -16.00
N GLY E 295 24.86 -19.11 -16.93
CA GLY E 295 26.04 -18.23 -16.94
C GLY E 295 27.34 -18.83 -17.41
N ILE E 296 27.36 -20.18 -17.58
CA ILE E 296 28.54 -20.94 -17.98
C ILE E 296 28.95 -20.72 -19.43
N ASP E 297 30.19 -20.25 -19.64
CA ASP E 297 30.75 -20.03 -20.98
C ASP E 297 31.18 -21.38 -21.53
N PHE E 298 30.82 -21.66 -22.78
CA PHE E 298 31.17 -22.90 -23.45
C PHE E 298 32.20 -22.67 -24.59
N TYR E 299 33.48 -22.82 -24.23
CA TYR E 299 34.60 -22.65 -25.15
C TYR E 299 35.12 -24.05 -25.42
N THR E 300 34.89 -24.51 -26.65
CA THR E 300 35.22 -25.86 -27.09
C THR E 300 35.79 -25.89 -28.51
N SER E 301 36.09 -27.11 -28.99
CA SER E 301 36.60 -27.40 -30.34
C SER E 301 36.28 -28.85 -30.72
N ILE E 302 36.19 -29.09 -32.03
CA ILE E 302 35.91 -30.42 -32.60
C ILE E 302 36.85 -30.66 -33.80
N THR E 303 37.49 -31.84 -33.85
CA THR E 303 38.37 -32.21 -34.97
C THR E 303 37.53 -32.86 -36.05
N ARG E 304 38.05 -32.88 -37.30
CA ARG E 304 37.37 -33.52 -38.43
C ARG E 304 37.24 -35.02 -38.14
N ALA E 305 38.27 -35.60 -37.49
CA ALA E 305 38.32 -37.00 -37.08
C ALA E 305 37.15 -37.34 -36.14
N ARG E 306 36.86 -36.45 -35.17
CA ARG E 306 35.76 -36.67 -34.22
C ARG E 306 34.40 -36.56 -34.88
N PHE E 307 34.22 -35.56 -35.76
CA PHE E 307 32.98 -35.37 -36.50
C PHE E 307 32.65 -36.62 -37.34
N GLU E 308 33.70 -37.18 -37.98
CA GLU E 308 33.66 -38.41 -38.80
C GLU E 308 33.32 -39.63 -37.94
N GLU E 309 33.93 -39.75 -36.71
CA GLU E 309 33.69 -40.82 -35.73
C GLU E 309 32.22 -40.82 -35.28
N LEU E 310 31.66 -39.61 -34.88
CA LEU E 310 30.28 -39.41 -34.42
C LEU E 310 29.24 -39.77 -35.50
N ASN E 311 29.64 -39.65 -36.77
CA ASN E 311 28.78 -39.84 -37.92
C ASN E 311 29.16 -41.06 -38.79
N ALA E 312 30.12 -41.88 -38.32
CA ALA E 312 30.64 -43.06 -39.01
C ALA E 312 29.58 -43.96 -39.62
N ASP E 313 28.49 -44.28 -38.87
CA ASP E 313 27.40 -45.14 -39.36
C ASP E 313 26.61 -44.49 -40.47
N LEU E 314 26.27 -43.22 -40.30
CA LEU E 314 25.54 -42.50 -41.31
C LEU E 314 26.34 -42.34 -42.59
N PHE E 315 27.62 -42.02 -42.47
CA PHE E 315 28.48 -41.86 -43.65
C PHE E 315 28.66 -43.17 -44.42
N ARG E 316 28.92 -44.25 -43.69
CA ARG E 316 29.09 -45.56 -44.29
C ARG E 316 27.82 -46.06 -44.93
N GLY E 317 26.70 -45.82 -44.25
CA GLY E 317 25.39 -46.21 -44.72
C GLY E 317 24.96 -45.61 -46.03
N THR E 318 25.70 -44.58 -46.53
CA THR E 318 25.42 -43.93 -47.82
C THR E 318 25.77 -44.87 -48.99
N LEU E 319 26.65 -45.87 -48.76
CA LEU E 319 27.09 -46.84 -49.77
C LEU E 319 26.07 -47.97 -49.96
N ASP E 320 25.22 -48.21 -48.96
CA ASP E 320 24.23 -49.26 -49.08
C ASP E 320 23.28 -48.90 -50.20
N PRO E 321 22.90 -47.63 -50.27
CA PRO E 321 21.99 -47.15 -51.31
C PRO E 321 22.60 -47.32 -52.71
N VAL E 322 23.90 -47.11 -52.83
CA VAL E 322 24.61 -47.27 -54.09
C VAL E 322 24.64 -48.74 -54.53
N GLU E 323 24.93 -49.63 -53.60
CA GLU E 323 24.97 -51.05 -53.87
C GLU E 323 23.61 -51.55 -54.37
N LYS E 324 22.51 -51.08 -53.72
CA LYS E 324 21.13 -51.43 -54.06
C LYS E 324 20.80 -50.93 -55.48
N ALA E 325 21.24 -49.69 -55.81
CA ALA E 325 21.06 -49.09 -57.14
C ALA E 325 21.84 -49.89 -58.22
N LEU E 326 23.09 -50.32 -57.91
CA LEU E 326 23.91 -51.13 -58.83
C LEU E 326 23.27 -52.49 -59.10
N ARG E 327 22.67 -53.13 -58.06
CA ARG E 327 21.97 -54.42 -58.17
C ARG E 327 20.77 -54.27 -59.11
N ASP E 328 19.88 -53.31 -58.84
CA ASP E 328 18.68 -53.01 -59.62
C ASP E 328 18.95 -52.61 -61.07
N ALA E 329 20.08 -51.93 -61.33
CA ALA E 329 20.48 -51.50 -62.67
C ALA E 329 21.23 -52.61 -63.43
N LYS E 330 21.42 -53.78 -62.75
CA LYS E 330 22.12 -54.98 -63.26
C LYS E 330 23.58 -54.65 -63.66
N LEU E 331 24.21 -53.70 -62.92
CA LEU E 331 25.58 -53.24 -63.15
C LEU E 331 26.55 -53.52 -62.01
N ASP E 332 27.81 -53.76 -62.36
CA ASP E 332 28.91 -53.93 -61.42
C ASP E 332 29.51 -52.53 -61.26
N LYS E 333 30.10 -52.23 -60.08
CA LYS E 333 30.69 -50.93 -59.79
C LYS E 333 31.78 -50.50 -60.81
N SER E 334 32.43 -51.48 -61.48
CA SER E 334 33.45 -51.27 -62.51
C SER E 334 32.85 -50.75 -63.83
N GLN E 335 31.52 -50.90 -64.01
CA GLN E 335 30.75 -50.49 -65.19
C GLN E 335 30.29 -49.04 -65.14
N ILE E 336 30.59 -48.34 -64.05
CA ILE E 336 30.21 -46.94 -63.93
C ILE E 336 31.34 -46.02 -64.36
N HIS E 337 31.17 -45.35 -65.49
CA HIS E 337 32.14 -44.41 -66.02
C HIS E 337 32.29 -43.11 -65.22
N ASP E 338 31.16 -42.55 -64.80
CA ASP E 338 31.14 -41.29 -64.06
C ASP E 338 30.30 -41.24 -62.80
N ILE E 339 30.83 -40.56 -61.79
CA ILE E 339 30.18 -40.36 -60.48
C ILE E 339 30.01 -38.86 -60.27
N VAL E 340 28.76 -38.41 -60.08
CA VAL E 340 28.42 -36.99 -59.91
C VAL E 340 27.96 -36.68 -58.48
N LEU E 341 28.62 -35.72 -57.83
CA LEU E 341 28.26 -35.26 -56.48
C LEU E 341 27.25 -34.08 -56.56
N VAL E 342 26.10 -34.22 -55.87
CA VAL E 342 25.03 -33.21 -55.81
C VAL E 342 24.59 -33.06 -54.34
N GLY E 343 24.24 -31.85 -53.92
CA GLY E 343 23.82 -31.57 -52.55
C GLY E 343 24.98 -31.10 -51.71
N GLY E 344 24.73 -30.16 -50.81
CA GLY E 344 25.75 -29.58 -49.95
C GLY E 344 26.52 -30.56 -49.09
N SER E 345 25.89 -31.66 -48.66
CA SER E 345 26.53 -32.63 -47.78
C SER E 345 27.64 -33.47 -48.47
N THR E 346 27.70 -33.45 -49.82
CA THR E 346 28.74 -34.16 -50.59
C THR E 346 30.10 -33.44 -50.50
N ARG E 347 30.10 -32.23 -49.89
CA ARG E 347 31.29 -31.43 -49.63
C ARG E 347 32.08 -32.07 -48.50
N ILE E 348 31.43 -32.95 -47.67
CA ILE E 348 32.04 -33.63 -46.53
C ILE E 348 33.17 -34.54 -47.05
N PRO E 349 34.45 -34.23 -46.66
CA PRO E 349 35.59 -35.00 -47.20
C PRO E 349 35.53 -36.51 -47.01
N LYS E 350 34.97 -37.01 -45.89
CA LYS E 350 34.87 -38.45 -45.61
C LYS E 350 33.91 -39.15 -46.57
N ILE E 351 32.81 -38.50 -46.91
CA ILE E 351 31.88 -39.09 -47.85
C ILE E 351 32.63 -39.23 -49.16
N GLN E 352 33.43 -38.23 -49.51
CA GLN E 352 34.22 -38.29 -50.74
C GLN E 352 35.23 -39.44 -50.70
N LYS E 353 35.92 -39.61 -49.58
CA LYS E 353 36.91 -40.67 -49.43
C LYS E 353 36.26 -42.05 -49.50
N LEU E 354 35.10 -42.17 -48.86
CA LEU E 354 34.31 -43.43 -48.84
C LEU E 354 33.84 -43.84 -50.22
N LEU E 355 33.20 -42.89 -50.95
CA LEU E 355 32.66 -43.11 -52.28
C LEU E 355 33.74 -43.38 -53.33
N GLN E 356 34.86 -42.63 -53.30
CA GLN E 356 35.96 -42.80 -54.25
C GLN E 356 36.67 -44.15 -54.03
N ASP E 357 36.86 -44.55 -52.74
CA ASP E 357 37.47 -45.84 -52.35
C ASP E 357 36.62 -47.00 -52.84
N PHE E 358 35.27 -46.84 -52.77
CA PHE E 358 34.30 -47.81 -53.27
C PHE E 358 34.49 -48.03 -54.77
N PHE E 359 34.69 -46.93 -55.54
CA PHE E 359 34.91 -47.00 -56.98
C PHE E 359 36.40 -47.12 -57.35
N ASN E 360 37.19 -47.68 -56.42
CA ASN E 360 38.62 -48.00 -56.54
C ASN E 360 39.46 -46.82 -57.05
N GLY E 361 39.35 -45.68 -56.36
CA GLY E 361 40.09 -44.47 -56.66
C GLY E 361 39.64 -43.63 -57.85
N LYS E 362 38.45 -43.93 -58.43
CA LYS E 362 37.93 -43.18 -59.58
C LYS E 362 37.61 -41.75 -59.14
N GLU E 363 38.07 -40.74 -59.92
CA GLU E 363 37.84 -39.32 -59.63
C GLU E 363 36.34 -39.01 -59.73
N LEU E 364 35.87 -38.05 -58.90
CA LEU E 364 34.47 -37.64 -58.86
C LEU E 364 34.27 -36.28 -59.52
N ASN E 365 33.08 -36.07 -60.12
CA ASN E 365 32.68 -34.81 -60.74
C ASN E 365 32.10 -33.95 -59.60
N LYS E 366 32.93 -33.06 -59.05
CA LYS E 366 32.58 -32.21 -57.91
C LYS E 366 32.87 -30.70 -58.07
N SER E 367 33.44 -30.26 -59.22
CA SER E 367 33.84 -28.86 -59.49
C SER E 367 32.69 -27.84 -59.46
N ILE E 368 31.51 -28.24 -59.90
CA ILE E 368 30.36 -27.37 -59.88
C ILE E 368 29.82 -27.44 -58.47
N ASN E 369 29.19 -26.37 -57.98
CA ASN E 369 28.67 -26.41 -56.63
C ASN E 369 27.64 -27.50 -56.54
N PRO E 370 27.70 -28.32 -55.51
CA PRO E 370 26.77 -29.42 -55.32
C PRO E 370 25.34 -28.91 -55.23
N ASP E 371 25.18 -27.80 -54.52
CA ASP E 371 23.88 -27.15 -54.34
C ASP E 371 23.35 -26.53 -55.63
N GLU E 372 24.26 -26.00 -56.44
CA GLU E 372 23.90 -25.35 -57.70
C GLU E 372 23.96 -26.23 -58.97
N ALA E 373 24.40 -27.48 -58.85
CA ALA E 373 24.54 -28.36 -60.01
C ALA E 373 23.28 -28.70 -60.80
N VAL E 374 22.19 -28.97 -60.11
CA VAL E 374 20.91 -29.31 -60.74
C VAL E 374 20.35 -28.08 -61.50
N ALA E 375 20.41 -26.88 -60.88
CA ALA E 375 19.98 -25.61 -61.50
C ALA E 375 20.88 -25.24 -62.67
N TYR E 376 22.18 -25.62 -62.61
CA TYR E 376 23.18 -25.40 -63.65
C TYR E 376 22.77 -26.16 -64.92
N GLY E 377 22.47 -27.46 -64.77
CA GLY E 377 22.04 -28.33 -65.85
C GLY E 377 20.73 -27.90 -66.48
N ALA E 378 19.75 -27.54 -65.62
CA ALA E 378 18.44 -27.03 -66.06
C ALA E 378 18.61 -25.73 -66.85
N ALA E 379 19.54 -24.86 -66.42
CA ALA E 379 19.84 -23.60 -67.08
C ALA E 379 20.42 -23.84 -68.48
N VAL E 380 21.32 -24.86 -68.62
CA VAL E 380 21.94 -25.29 -69.89
C VAL E 380 20.82 -25.81 -70.82
N GLN E 381 19.92 -26.65 -70.28
CA GLN E 381 18.78 -27.21 -70.98
C GLN E 381 17.85 -26.10 -71.47
N ALA E 382 17.58 -25.10 -70.60
CA ALA E 382 16.73 -23.95 -70.91
C ALA E 382 17.29 -23.19 -72.10
N ALA E 383 18.63 -23.01 -72.15
CA ALA E 383 19.32 -22.33 -73.26
C ALA E 383 19.20 -23.15 -74.53
N ILE E 384 19.32 -24.49 -74.43
CA ILE E 384 19.19 -25.42 -75.56
C ILE E 384 17.78 -25.37 -76.18
N LEU E 385 16.74 -25.34 -75.32
CA LEU E 385 15.33 -25.33 -75.71
C LEU E 385 14.75 -23.95 -76.07
N SER E 386 15.51 -22.86 -75.87
CA SER E 386 15.02 -21.51 -76.20
C SER E 386 15.53 -21.02 -77.55
N GLY F 4 48.06 -2.89 -22.66
CA GLY F 4 49.43 -2.46 -22.95
C GLY F 4 49.93 -2.84 -24.32
N SER F 5 49.45 -3.97 -24.85
CA SER F 5 49.81 -4.55 -26.15
C SER F 5 48.59 -4.61 -27.08
N ASN F 6 47.81 -3.52 -27.09
CA ASN F 6 46.61 -3.29 -27.92
C ASN F 6 46.96 -3.40 -29.40
N SER F 7 46.27 -4.25 -30.15
CA SER F 7 46.60 -4.51 -31.55
C SER F 7 45.62 -3.93 -32.56
N PRO F 8 46.08 -3.62 -33.81
CA PRO F 8 45.12 -3.14 -34.82
C PRO F 8 44.06 -4.19 -35.16
N GLN F 9 44.44 -5.49 -35.11
CA GLN F 9 43.56 -6.64 -35.40
C GLN F 9 42.32 -6.64 -34.50
N GLU F 10 42.50 -6.25 -33.23
CA GLU F 10 41.44 -6.17 -32.23
C GLU F 10 40.47 -5.05 -32.52
N GLU F 11 40.93 -3.98 -33.19
CA GLU F 11 40.10 -2.85 -33.60
C GLU F 11 38.98 -3.32 -34.51
N VAL F 12 39.26 -4.32 -35.37
CA VAL F 12 38.34 -4.96 -36.30
C VAL F 12 37.24 -5.65 -35.50
N GLU F 13 37.63 -6.40 -34.45
CA GLU F 13 36.70 -7.14 -33.61
C GLU F 13 35.84 -6.26 -32.76
N LEU F 14 36.41 -5.15 -32.25
CA LEU F 14 35.70 -4.19 -31.41
C LEU F 14 34.69 -3.42 -32.24
N LYS F 15 35.00 -3.20 -33.55
CA LYS F 15 34.09 -2.54 -34.47
C LYS F 15 32.88 -3.44 -34.74
N LYS F 16 33.11 -4.77 -34.92
CA LYS F 16 32.07 -5.79 -35.11
C LYS F 16 31.13 -5.78 -33.89
N LEU F 17 31.71 -5.77 -32.65
CA LEU F 17 31.00 -5.74 -31.36
C LEU F 17 30.19 -4.46 -31.16
N LYS F 18 30.76 -3.29 -31.54
CA LYS F 18 30.11 -1.97 -31.46
C LYS F 18 28.86 -1.94 -32.37
N HIS F 19 28.91 -2.57 -33.53
CA HIS F 19 27.76 -2.69 -34.42
C HIS F 19 26.65 -3.54 -33.81
N LEU F 20 27.03 -4.65 -33.18
CA LEU F 20 26.08 -5.54 -32.50
C LEU F 20 25.46 -4.83 -31.28
N GLU F 21 26.25 -4.00 -30.57
CA GLU F 21 25.78 -3.18 -29.44
C GLU F 21 24.70 -2.18 -29.90
N LYS F 22 24.88 -1.55 -31.08
CA LYS F 22 23.92 -0.61 -31.67
C LYS F 22 22.65 -1.35 -32.08
N SER F 23 22.80 -2.57 -32.65
CA SER F 23 21.69 -3.43 -33.04
C SER F 23 20.85 -3.85 -31.82
N VAL F 24 21.51 -4.19 -30.70
CA VAL F 24 20.89 -4.59 -29.43
C VAL F 24 20.12 -3.40 -28.89
N GLU F 25 20.68 -2.17 -29.01
CA GLU F 25 20.01 -0.92 -28.60
C GLU F 25 18.71 -0.72 -29.37
N LYS F 26 18.71 -0.96 -30.71
CA LYS F 26 17.51 -0.85 -31.55
C LYS F 26 16.38 -1.82 -31.11
N ILE F 27 16.73 -3.08 -30.79
CA ILE F 27 15.77 -4.10 -30.33
C ILE F 27 15.27 -3.76 -28.92
N ALA F 28 16.17 -3.26 -28.04
CA ALA F 28 15.85 -2.86 -26.66
C ALA F 28 14.79 -1.74 -26.63
N ASP F 29 14.81 -0.85 -27.65
CA ASP F 29 13.86 0.25 -27.84
C ASP F 29 12.47 -0.33 -28.18
N GLN F 30 12.44 -1.40 -28.99
CA GLN F 30 11.22 -2.10 -29.36
C GLN F 30 10.62 -2.74 -28.09
N LEU F 31 11.50 -3.37 -27.27
CA LEU F 31 11.14 -4.00 -26.01
C LEU F 31 10.60 -2.97 -25.02
N GLU F 32 11.18 -1.78 -24.96
CA GLU F 32 10.65 -0.75 -24.06
C GLU F 32 9.25 -0.30 -24.49
N GLU F 33 9.05 -0.11 -25.80
CA GLU F 33 7.74 0.28 -26.34
C GLU F 33 6.71 -0.80 -26.03
N LEU F 34 7.12 -2.08 -26.14
CA LEU F 34 6.28 -3.21 -25.79
C LEU F 34 5.97 -3.24 -24.29
N ASN F 35 7.00 -2.97 -23.44
CA ASN F 35 6.86 -2.95 -21.97
C ASN F 35 5.81 -1.93 -21.52
N LYS F 36 5.79 -0.76 -22.20
CA LYS F 36 4.85 0.31 -21.93
C LYS F 36 3.42 -0.10 -22.33
N GLU F 37 3.26 -0.70 -23.51
CA GLU F 37 1.94 -1.12 -24.00
C GLU F 37 1.33 -2.27 -23.16
N LEU F 38 2.20 -3.18 -22.66
CA LEU F 38 1.81 -4.28 -21.78
C LEU F 38 1.37 -3.73 -20.42
N THR F 39 2.08 -2.69 -19.90
CA THR F 39 1.75 -1.99 -18.65
C THR F 39 0.37 -1.31 -18.77
N GLY F 40 0.14 -0.61 -19.87
CA GLY F 40 -1.13 0.07 -20.07
C GLY F 40 -2.31 -0.88 -20.09
N ILE F 41 -2.15 -2.02 -20.76
CA ILE F 41 -3.20 -3.03 -20.83
C ILE F 41 -3.49 -3.56 -19.43
N GLN F 42 -2.43 -3.68 -18.63
CA GLN F 42 -2.55 -4.19 -17.27
C GLN F 42 -3.42 -3.29 -16.38
N GLN F 43 -3.49 -2.01 -16.72
CA GLN F 43 -4.32 -1.02 -15.99
C GLN F 43 -5.82 -1.41 -16.02
N GLY F 44 -6.32 -1.77 -17.20
CA GLY F 44 -7.68 -2.27 -17.39
C GLY F 44 -8.81 -1.35 -17.85
N PHE F 45 -8.48 -0.33 -18.65
CA PHE F 45 -9.50 0.58 -19.18
C PHE F 45 -10.10 0.05 -20.50
N LEU F 46 -9.83 -1.23 -20.76
CA LEU F 46 -10.26 -2.01 -21.92
C LEU F 46 -11.31 -3.03 -21.41
N PRO F 47 -12.37 -3.35 -22.22
CA PRO F 47 -13.36 -4.35 -21.76
C PRO F 47 -12.71 -5.68 -21.34
N LYS F 48 -13.26 -6.33 -20.30
CA LYS F 48 -12.75 -7.61 -19.79
C LYS F 48 -12.61 -8.68 -20.92
N ASP F 49 -13.59 -8.71 -21.85
CA ASP F 49 -13.65 -9.59 -23.04
C ASP F 49 -12.54 -9.27 -24.06
N LEU F 50 -12.08 -8.01 -24.08
CA LEU F 50 -11.08 -7.55 -25.06
C LEU F 50 -9.63 -7.50 -24.50
N GLN F 51 -9.44 -7.61 -23.15
CA GLN F 51 -8.12 -7.57 -22.52
C GLN F 51 -7.26 -8.73 -23.00
N ALA F 52 -7.83 -9.96 -22.97
CA ALA F 52 -7.20 -11.21 -23.40
C ALA F 52 -6.79 -11.19 -24.88
N GLU F 53 -7.65 -10.65 -25.78
CA GLU F 53 -7.42 -10.52 -27.24
C GLU F 53 -6.29 -9.50 -27.60
N ALA F 54 -6.23 -8.34 -26.86
CA ALA F 54 -5.23 -7.26 -26.97
C ALA F 54 -3.84 -7.73 -26.47
N LEU F 55 -3.81 -8.43 -25.32
CA LEU F 55 -2.59 -8.98 -24.76
C LEU F 55 -2.03 -10.00 -25.73
N CYS F 56 -2.92 -10.79 -26.38
CA CYS F 56 -2.50 -11.79 -27.36
C CYS F 56 -2.15 -11.21 -28.73
N LYS F 57 -2.41 -9.91 -28.95
CA LYS F 57 -2.05 -9.19 -30.16
C LYS F 57 -0.56 -8.78 -30.09
N LEU F 58 -0.04 -8.56 -28.84
CA LEU F 58 1.37 -8.21 -28.54
C LEU F 58 2.31 -9.42 -28.75
N ASP F 59 1.72 -10.64 -28.84
CA ASP F 59 2.40 -11.91 -29.04
C ASP F 59 3.38 -11.87 -30.21
N ARG F 60 2.91 -11.49 -31.42
CA ARG F 60 3.73 -11.41 -32.64
C ARG F 60 4.96 -10.52 -32.42
N ARG F 61 4.77 -9.37 -31.75
CA ARG F 61 5.82 -8.40 -31.44
C ARG F 61 6.85 -8.88 -30.43
N VAL F 62 6.43 -9.53 -29.32
CA VAL F 62 7.37 -10.04 -28.32
C VAL F 62 8.20 -11.16 -28.95
N LYS F 63 7.56 -12.04 -29.75
CA LYS F 63 8.17 -13.15 -30.45
C LYS F 63 9.21 -12.67 -31.46
N ALA F 64 8.91 -11.57 -32.19
CA ALA F 64 9.80 -10.91 -33.13
C ALA F 64 10.98 -10.29 -32.39
N THR F 65 10.76 -9.73 -31.19
CA THR F 65 11.80 -9.14 -30.33
C THR F 65 12.73 -10.24 -29.82
N ILE F 66 12.15 -11.38 -29.37
CA ILE F 66 12.90 -12.56 -28.88
C ILE F 66 13.77 -13.11 -30.01
N GLU F 67 13.19 -13.25 -31.21
CA GLU F 67 13.88 -13.76 -32.39
C GLU F 67 15.04 -12.89 -32.81
N GLN F 68 14.84 -11.58 -32.78
CA GLN F 68 15.89 -10.65 -33.15
C GLN F 68 17.05 -10.80 -32.20
N PHE F 69 16.74 -10.93 -30.92
CA PHE F 69 17.76 -11.09 -29.89
C PHE F 69 18.52 -12.39 -30.11
N MET F 70 17.79 -13.44 -30.49
CA MET F 70 18.40 -14.74 -30.74
C MET F 70 19.37 -14.69 -31.91
N LYS F 71 19.00 -13.95 -32.94
CA LYS F 71 19.85 -13.77 -34.12
C LYS F 71 21.12 -12.97 -33.78
N ILE F 72 21.01 -12.00 -32.85
CA ILE F 72 22.16 -11.24 -32.33
C ILE F 72 23.11 -12.20 -31.63
N LEU F 73 22.56 -13.06 -30.74
CA LEU F 73 23.31 -14.07 -30.01
C LEU F 73 24.05 -15.00 -30.95
N GLU F 74 23.36 -15.48 -32.02
CA GLU F 74 23.95 -16.38 -33.03
C GLU F 74 25.10 -15.71 -33.77
N GLU F 75 25.01 -14.39 -33.98
CA GLU F 75 26.09 -13.63 -34.62
C GLU F 75 27.25 -13.44 -33.70
N ILE F 76 27.00 -13.23 -32.40
CA ILE F 76 28.04 -13.07 -31.40
C ILE F 76 28.80 -14.41 -31.27
N ASP F 77 28.06 -15.54 -31.32
CA ASP F 77 28.58 -16.89 -31.21
C ASP F 77 29.53 -17.30 -32.34
N THR F 78 29.59 -16.51 -33.46
CA THR F 78 30.49 -16.78 -34.61
C THR F 78 31.88 -16.17 -34.39
N LEU F 79 32.03 -15.36 -33.33
CA LEU F 79 33.30 -14.72 -32.99
C LEU F 79 34.20 -15.66 -32.23
N ILE F 80 35.47 -15.59 -32.58
CA ILE F 80 36.55 -16.29 -31.88
C ILE F 80 37.51 -15.16 -31.55
N LEU F 81 37.62 -14.90 -30.27
CA LEU F 81 38.46 -13.81 -29.80
C LEU F 81 39.60 -14.39 -29.00
N PRO F 82 40.86 -14.31 -29.51
CA PRO F 82 42.00 -14.84 -28.76
C PRO F 82 42.06 -14.33 -27.32
N GLU F 83 42.74 -15.09 -26.45
CA GLU F 83 42.89 -14.76 -25.02
C GLU F 83 43.46 -13.33 -24.79
N ASN F 84 44.38 -12.87 -25.70
CA ASN F 84 45.04 -11.56 -25.68
C ASN F 84 44.10 -10.38 -25.99
N PHE F 85 42.90 -10.66 -26.55
CA PHE F 85 41.92 -9.61 -26.85
C PHE F 85 41.04 -9.46 -25.63
N LYS F 86 41.63 -8.99 -24.51
CA LYS F 86 40.92 -8.85 -23.23
C LYS F 86 39.68 -7.93 -23.31
N ASP F 87 39.82 -6.75 -23.94
CA ASP F 87 38.78 -5.73 -24.09
C ASP F 87 37.64 -6.21 -24.98
N SER F 88 37.97 -7.03 -26.00
CA SER F 88 37.00 -7.62 -26.91
C SER F 88 36.15 -8.66 -26.17
N ARG F 89 36.82 -9.56 -25.40
CA ARG F 89 36.23 -10.63 -24.62
C ARG F 89 35.26 -10.05 -23.60
N LEU F 90 35.62 -8.94 -22.95
CA LEU F 90 34.82 -8.22 -21.97
C LEU F 90 33.57 -7.58 -22.57
N LYS F 91 33.73 -6.99 -23.76
CA LYS F 91 32.63 -6.38 -24.49
C LYS F 91 31.61 -7.46 -24.93
N ARG F 92 32.10 -8.59 -25.45
CA ARG F 92 31.26 -9.72 -25.86
C ARG F 92 30.46 -10.23 -24.65
N LYS F 93 31.14 -10.56 -23.51
CA LYS F 93 30.56 -11.06 -22.27
C LYS F 93 29.51 -10.11 -21.72
N GLY F 94 29.83 -8.82 -21.71
CA GLY F 94 28.88 -7.81 -21.27
C GLY F 94 27.66 -7.74 -22.15
N LEU F 95 27.86 -7.85 -23.47
CA LEU F 95 26.79 -7.81 -24.47
C LEU F 95 25.89 -9.01 -24.37
N VAL F 96 26.47 -10.22 -24.25
CA VAL F 96 25.72 -11.47 -24.07
C VAL F 96 24.81 -11.37 -22.83
N LYS F 97 25.38 -10.98 -21.67
CA LYS F 97 24.65 -10.77 -20.41
C LYS F 97 23.52 -9.73 -20.60
N LYS F 98 23.79 -8.64 -21.32
CA LYS F 98 22.81 -7.58 -21.62
C LYS F 98 21.62 -8.17 -22.39
N VAL F 99 21.90 -8.85 -23.51
CA VAL F 99 20.90 -9.55 -24.34
C VAL F 99 20.07 -10.56 -23.51
N GLN F 100 20.76 -11.35 -22.66
CA GLN F 100 20.11 -12.36 -21.83
C GLN F 100 19.13 -11.79 -20.82
N ALA F 101 19.45 -10.63 -20.24
CA ALA F 101 18.61 -9.91 -19.30
C ALA F 101 17.38 -9.37 -20.04
N PHE F 102 17.57 -8.89 -21.29
CA PHE F 102 16.46 -8.43 -22.14
C PHE F 102 15.58 -9.64 -22.51
N LEU F 103 16.21 -10.78 -22.83
CA LEU F 103 15.49 -12.02 -23.12
C LEU F 103 14.61 -12.48 -21.93
N ALA F 104 15.12 -12.34 -20.70
CA ALA F 104 14.40 -12.67 -19.47
C ALA F 104 13.13 -11.75 -19.31
N GLU F 105 13.25 -10.46 -19.72
CA GLU F 105 12.17 -9.47 -19.72
C GLU F 105 11.12 -9.86 -20.74
N CYS F 106 11.57 -10.37 -21.91
CA CYS F 106 10.69 -10.85 -22.99
C CYS F 106 9.86 -12.04 -22.50
N ASP F 107 10.48 -12.98 -21.76
CA ASP F 107 9.81 -14.16 -21.17
C ASP F 107 8.71 -13.75 -20.19
N THR F 108 8.96 -12.66 -19.44
CA THR F 108 8.01 -12.04 -18.49
C THR F 108 6.78 -11.57 -19.28
N VAL F 109 7.00 -10.93 -20.44
CA VAL F 109 5.95 -10.44 -21.34
C VAL F 109 5.11 -11.66 -21.85
N GLU F 110 5.76 -12.68 -22.39
CA GLU F 110 5.12 -13.92 -22.89
C GLU F 110 4.28 -14.63 -21.85
N GLN F 111 4.77 -14.74 -20.59
CA GLN F 111 4.08 -15.39 -19.44
C GLN F 111 2.80 -14.61 -19.04
N ASN F 112 2.71 -13.30 -19.35
CA ASN F 112 1.58 -12.43 -19.01
C ASN F 112 0.67 -12.09 -20.20
N ILE F 113 0.80 -12.84 -21.29
CA ILE F 113 -0.05 -12.67 -22.47
C ILE F 113 -0.45 -14.04 -23.02
N CYS F 114 -1.61 -14.09 -23.66
CA CYS F 114 -2.17 -15.33 -24.22
C CYS F 114 -2.35 -16.46 -23.19
N GLN F 115 -2.92 -16.15 -22.02
CA GLN F 115 -3.07 -17.16 -20.98
C GLN F 115 -4.54 -17.60 -20.79
N GLU F 116 -4.77 -18.75 -20.35
O1 JG8 G . -34.71 37.67 29.97
C9 JG8 G . -35.48 38.57 29.62
N1 JG8 G . -36.78 38.29 29.33
C8 JG8 G . -37.67 39.21 28.92
N JG8 G . -37.41 40.46 28.74
C1 JG8 G . -36.12 40.76 29.01
C JG8 G . -35.12 39.93 29.43
O JG8 G . -33.91 40.56 29.60
C7 JG8 G . -34.14 41.87 29.24
C2 JG8 G . -35.47 42.05 28.89
C6 JG8 G . -33.21 42.90 29.22
C5 JG8 G . -33.64 44.15 28.83
C4 JG8 G . -34.97 44.36 28.48
C3 JG8 G . -35.88 43.32 28.51
C1 GOL H . -27.82 31.70 6.51
O1 GOL H . -27.54 32.49 5.35
C2 GOL H . -29.20 31.10 6.45
O2 GOL H . -30.18 32.12 6.19
C3 GOL H . -29.31 29.90 5.54
O3 GOL H . -29.95 30.18 4.29
C1 GOL I . -50.62 43.27 29.71
O1 GOL I . -49.44 42.47 29.90
C2 GOL I . -50.46 44.32 28.63
O2 GOL I . -49.28 45.11 28.86
C3 GOL I . -50.51 43.79 27.21
O3 GOL I . -50.39 44.85 26.24
C1 GOL J . -20.09 16.07 46.19
O1 GOL J . -19.03 16.83 46.73
C2 GOL J . -19.86 15.72 44.74
O2 GOL J . -20.84 14.75 44.32
C3 GOL J . -19.87 16.90 43.79
O3 GOL J . -20.05 16.49 42.44
C TRS K . -30.18 33.21 39.52
C1 TRS K . -29.03 32.22 39.33
C2 TRS K . -31.16 33.10 38.34
C3 TRS K . -29.63 34.64 39.64
N TRS K . -30.90 32.87 40.80
O1 TRS K . -28.19 32.16 40.47
O2 TRS K . -32.21 34.07 38.41
O3 TRS K . -30.49 35.49 40.37
S DMS L . -30.51 22.43 40.06
O DMS L . -30.00 21.33 39.21
C1 DMS L . -32.24 22.37 39.73
C2 DMS L . -30.08 23.97 39.28
C1 GOL M . -32.10 56.96 -0.96
O1 GOL M . -31.87 56.30 0.27
C2 GOL M . -33.44 57.67 -0.95
O2 GOL M . -33.58 58.40 0.26
C3 GOL M . -33.50 58.61 -2.13
O3 GOL M . -34.50 59.60 -1.96
O1 JG8 N . 2.04 -3.88 16.77
C9 JG8 N . 1.22 -3.11 16.26
N1 JG8 N . 0.01 -3.57 15.84
C8 JG8 N . -0.95 -2.79 15.30
N JG8 N . -0.84 -1.52 15.12
C1 JG8 N . 0.37 -1.04 15.52
C JG8 N . 1.42 -1.72 16.07
O JG8 N . 2.51 -0.93 16.32
C7 JG8 N . 2.15 0.33 15.89
C2 JG8 N . 0.86 0.32 15.40
C6 JG8 N . 2.94 1.47 15.92
C5 JG8 N . 2.39 2.63 15.44
C4 JG8 N . 1.10 2.66 14.93
C3 JG8 N . 0.33 1.51 14.91
C1 GOL O . 11.70 -10.69 -5.75
O1 GOL O . 12.21 -9.76 -6.70
C2 GOL O . 10.31 -11.16 -6.14
O2 GOL O . 9.41 -10.03 -6.23
C3 GOL O . 10.36 -11.92 -7.44
O3 GOL O . 9.08 -12.04 -8.06
C1 GOL P . -5.18 1.13 46.30
O1 GOL P . -5.51 0.06 47.15
C2 GOL P . -6.36 1.55 45.44
O2 GOL P . -5.89 2.41 44.40
C3 GOL P . -7.41 2.26 46.25
O3 GOL P . -8.44 2.79 45.42
C TRS Q . 4.93 -8.21 26.90
C1 TRS Q . 5.40 -6.77 27.08
C2 TRS Q . 6.11 -9.19 26.95
C3 TRS Q . 4.14 -8.38 25.58
N TRS Q . 4.01 -8.54 28.04
O1 TRS Q . 4.34 -5.90 27.38
O2 TRS Q . 6.68 -9.27 28.26
O3 TRS Q . 3.01 -7.52 25.51
S DMS R . 4.71 -18.27 27.75
O DMS R . 5.35 -19.59 27.58
C1 DMS R . 3.37 -18.29 26.58
C2 DMS R . 5.72 -17.07 26.92
CL CL S . 15.96 7.55 24.57
C1 GOL T . 7.12 14.70 -14.59
O1 GOL T . 7.55 13.40 -14.26
C2 GOL T . 7.13 14.95 -16.08
O2 GOL T . 6.54 16.23 -16.36
C3 GOL T . 8.54 14.92 -16.64
O3 GOL T . 8.59 15.35 -18.02
O1 JG8 U . 25.79 -28.37 -46.69
C9 JG8 U . 26.94 -28.54 -46.31
N1 JG8 U . 27.28 -29.66 -45.59
C8 JG8 U . 28.51 -29.92 -45.12
N JG8 U . 29.54 -29.14 -45.27
C1 JG8 U . 29.23 -28.03 -45.99
C JG8 U . 28.03 -27.65 -46.51
O JG8 U . 28.07 -26.44 -47.18
C7 JG8 U . 29.38 -26.02 -47.06
C2 JG8 U . 30.13 -26.94 -46.34
C6 JG8 U . 29.91 -24.85 -47.55
C5 JG8 U . 31.25 -24.59 -47.32
C4 JG8 U . 32.03 -25.50 -46.62
C3 JG8 U . 31.47 -26.67 -46.12
C1 GOL V . 21.30 -18.27 -23.51
O1 GOL V . 22.08 -19.37 -23.93
C2 GOL V . 19.82 -18.58 -23.53
O2 GOL V . 19.07 -17.44 -23.08
C3 GOL V . 19.44 -19.80 -22.71
O3 GOL V . 19.79 -19.66 -21.34
C TRS W . 18.77 -30.58 -54.91
C1 TRS W . 17.35 -30.71 -55.49
C2 TRS W . 19.10 -31.76 -54.00
C3 TRS W . 18.94 -29.24 -54.16
N TRS W . 19.73 -30.59 -56.07
O1 TRS W . 16.34 -30.44 -54.52
O2 TRS W . 20.48 -31.80 -53.66
O3 TRS W . 20.31 -28.92 -53.93
S DMS X . 9.97 -36.65 -51.82
O DMS X . 9.35 -37.06 -50.55
C1 DMS X . 10.58 -35.00 -51.55
C2 DMS X . 8.58 -36.23 -52.80
C1 GOL Y . 45.44 -4.92 -23.42
O1 GOL Y . 46.81 -5.32 -23.30
C2 GOL Y . 44.63 -5.90 -24.24
O2 GOL Y . 45.33 -6.25 -25.44
C3 GOL Y . 43.35 -5.21 -24.61
O3 GOL Y . 42.54 -6.06 -25.39
#